data_3IEL
#
_entry.id   3IEL
#
_cell.length_a   145.238
_cell.length_b   146.677
_cell.length_c   120.349
_cell.angle_alpha   90.000
_cell.angle_beta   110.110
_cell.angle_gamma   90.000
#
_symmetry.space_group_name_H-M   'C 1 2 1'
#
loop_
_entity.id
_entity.type
_entity.pdbx_description
1 polymer 'Ribonuclease TTHA0252'
2 non-polymer 'SULFATE ION'
3 non-polymer 'CITRATE ANION'
4 non-polymer "URIDINE-5'-MONOPHOSPHATE"
5 non-polymer 'ZINC ION'
6 water water
#
_entity_poly.entity_id   1
_entity_poly.type   'polypeptide(L)'
_entity_poly.pdbx_seq_one_letter_code
;MRIVPFGAAREVTGSAHLLLAGGRRVLLDCGMFQGKEEARNHAPFGFDPKEVDAVLLTHAHLDHVGRLPKLFREGYRGPV
YATRATVLLMEIVLEDALKVMDEPFFGPEDVEEALGHLRPLEYGEWLRLGALSLAFGQAGHLPGSAFVVAQGEGRTLVYS
GDLGNREKDVLPDPSLPPLADLVLAEGTYGDRPHRPYRETVREFLEILEKTLSQGGKVLIPTFAVERAQEILYVLYTHGH
RLPRAPIYLDSPMAGRVLSLYPRLVRYFSEEVQAHFLQGKNPFRPAGLEVVEHTEASKALNRAPGPMVVLAGSGMLAGGR
ILHHLKHGLSDPRNALVFVGYQPQGGLGAEIIARPPAVRILGEEVPLRASVHTLGGFSGHAGQDELLDWLQGEPRVVLVH
GEEEKLLALGKLLALRGQEVSLARFGEGVPV
;
_entity_poly.pdbx_strand_id   A,B,C,D
#
# COMPACT_ATOMS: atom_id res chain seq x y z
N MET A 1 6.94 -24.18 38.92
CA MET A 1 6.61 -22.88 38.27
C MET A 1 6.51 -21.77 39.30
N ARG A 2 7.16 -20.66 39.02
CA ARG A 2 7.13 -19.49 39.90
C ARG A 2 6.94 -18.22 39.06
N ILE A 3 6.47 -17.15 39.69
CA ILE A 3 6.23 -15.89 39.00
C ILE A 3 6.88 -14.79 39.83
N VAL A 4 7.72 -14.00 39.18
CA VAL A 4 8.43 -12.93 39.88
C VAL A 4 7.99 -11.53 39.49
N PRO A 5 7.41 -10.79 40.45
CA PRO A 5 6.94 -9.43 40.20
C PRO A 5 8.10 -8.46 40.01
N PHE A 6 8.15 -7.78 38.86
CA PHE A 6 9.21 -6.81 38.62
C PHE A 6 8.66 -5.43 38.25
N GLY A 7 7.50 -5.12 38.82
CA GLY A 7 6.83 -3.85 38.61
C GLY A 7 5.40 -3.96 39.15
N ALA A 8 4.73 -2.84 39.34
CA ALA A 8 3.36 -2.81 39.85
C ALA A 8 3.14 -3.51 41.21
N ALA A 9 4.15 -3.51 42.07
CA ALA A 9 4.00 -4.09 43.41
C ALA A 9 3.59 -2.92 44.31
N ARG A 10 2.36 -2.96 44.81
CA ARG A 10 1.81 -1.87 45.63
C ARG A 10 1.84 -0.54 44.89
N GLU A 11 1.81 -0.57 43.56
CA GLU A 11 1.79 0.64 42.73
C GLU A 11 1.17 0.28 41.39
N VAL A 12 0.72 1.28 40.64
CA VAL A 12 0.05 0.98 39.35
C VAL A 12 0.85 0.99 38.06
N THR A 13 2.11 1.41 38.07
CA THR A 13 2.89 1.41 36.83
C THR A 13 4.12 0.48 36.86
N GLY A 14 4.76 0.32 35.70
CA GLY A 14 5.95 -0.51 35.60
C GLY A 14 5.71 -2.00 35.43
N SER A 15 4.46 -2.41 35.20
CA SER A 15 4.11 -3.81 35.05
C SER A 15 5.11 -4.63 34.24
N ALA A 16 5.64 -5.66 34.87
CA ALA A 16 6.59 -6.57 34.26
C ALA A 16 6.69 -7.72 35.27
N HIS A 17 6.48 -8.95 34.82
CA HIS A 17 6.50 -10.11 35.69
C HIS A 17 7.22 -11.26 35.00
N LEU A 18 8.27 -11.75 35.63
CA LEU A 18 9.06 -12.84 35.07
C LEU A 18 8.52 -14.20 35.44
N LEU A 19 8.13 -14.96 34.43
CA LEU A 19 7.61 -16.29 34.64
C LEU A 19 8.74 -17.29 34.51
N LEU A 20 8.94 -18.08 35.56
CA LEU A 20 9.99 -19.10 35.59
C LEU A 20 9.37 -20.49 35.66
N ALA A 21 9.66 -21.30 34.67
CA ALA A 21 9.12 -22.66 34.62
C ALA A 21 9.74 -23.44 33.48
N GLY A 22 10.13 -24.67 33.76
CA GLY A 22 10.74 -25.51 32.73
C GLY A 22 12.04 -24.93 32.19
N GLY A 23 12.87 -24.42 33.08
CA GLY A 23 14.13 -23.83 32.65
C GLY A 23 13.96 -22.71 31.65
N ARG A 24 12.71 -22.25 31.47
CA ARG A 24 12.41 -21.18 30.55
C ARG A 24 12.08 -19.91 31.32
N ARG A 25 12.29 -18.76 30.70
CA ARG A 25 11.99 -17.49 31.33
C ARG A 25 11.15 -16.64 30.39
N VAL A 26 9.90 -16.40 30.77
CA VAL A 26 9.01 -15.60 29.95
C VAL A 26 8.58 -14.35 30.70
N LEU A 27 8.92 -13.19 30.14
CA LEU A 27 8.55 -11.92 30.74
C LEU A 27 7.12 -11.60 30.33
N LEU A 28 6.28 -11.36 31.33
CA LEU A 28 4.87 -11.01 31.10
C LEU A 28 4.80 -9.51 31.29
N ASP A 29 4.68 -8.78 30.17
CA ASP A 29 4.65 -7.32 30.13
C ASP A 29 6.01 -6.69 30.41
N CYS A 30 6.15 -5.43 30.05
CA CYS A 30 7.40 -4.72 30.26
C CYS A 30 7.09 -3.23 30.21
N GLY A 31 6.33 -2.78 31.20
CA GLY A 31 5.93 -1.38 31.24
C GLY A 31 6.87 -0.42 31.93
N MET A 32 6.75 0.85 31.58
CA MET A 32 7.59 1.83 32.21
C MET A 32 6.88 2.32 33.46
N PHE A 33 7.65 2.98 34.33
CA PHE A 33 7.12 3.54 35.54
C PHE A 33 6.74 4.93 35.09
N GLN A 34 5.78 5.56 35.75
CA GLN A 34 5.38 6.90 35.32
C GLN A 34 5.12 7.79 36.53
N GLY A 35 4.89 9.06 36.24
CA GLY A 35 4.62 10.01 37.30
C GLY A 35 5.84 10.22 38.19
N LYS A 36 5.61 10.08 39.49
CA LYS A 36 6.68 10.25 40.48
C LYS A 36 7.74 9.15 40.44
N GLU A 37 7.44 8.06 39.74
CA GLU A 37 8.36 6.93 39.65
C GLU A 37 9.20 6.88 38.36
N GLU A 38 8.99 7.87 37.49
CA GLU A 38 9.67 7.97 36.21
C GLU A 38 11.18 7.62 36.21
N ALA A 39 11.92 8.22 37.14
CA ALA A 39 13.37 7.99 37.26
C ALA A 39 13.74 6.51 37.23
N ARG A 40 12.91 5.68 37.85
CA ARG A 40 13.15 4.25 37.92
C ARG A 40 13.30 3.54 36.58
N ASN A 41 12.90 4.18 35.50
CA ASN A 41 13.05 3.57 34.18
C ASN A 41 14.55 3.57 33.86
N HIS A 42 15.30 4.43 34.56
CA HIS A 42 16.76 4.52 34.38
C HIS A 42 17.49 3.52 35.27
N ALA A 43 16.76 2.79 36.10
CA ALA A 43 17.39 1.82 36.98
C ALA A 43 17.32 0.43 36.35
N PRO A 44 18.05 -0.54 36.92
CA PRO A 44 18.03 -1.90 36.37
C PRO A 44 16.71 -2.63 36.56
N PHE A 45 16.47 -3.61 35.70
CA PHE A 45 15.26 -4.43 35.72
C PHE A 45 15.14 -5.28 36.96
N GLY A 46 16.27 -5.84 37.39
CA GLY A 46 16.27 -6.70 38.55
C GLY A 46 16.56 -8.11 38.08
N PHE A 47 16.55 -8.30 36.77
CA PHE A 47 16.83 -9.58 36.15
C PHE A 47 17.71 -9.33 34.93
N ASP A 48 18.24 -10.40 34.35
CA ASP A 48 19.11 -10.30 33.18
C ASP A 48 18.31 -10.44 31.90
N PRO A 49 18.16 -9.33 31.17
CA PRO A 49 17.40 -9.32 29.92
C PRO A 49 17.86 -10.39 28.94
N LYS A 50 19.16 -10.64 28.89
CA LYS A 50 19.72 -11.61 27.97
C LYS A 50 19.31 -13.03 28.24
N GLU A 51 18.80 -13.30 29.42
CA GLU A 51 18.39 -14.65 29.75
C GLU A 51 16.89 -14.88 29.57
N VAL A 52 16.18 -13.87 29.06
CA VAL A 52 14.76 -13.98 28.85
C VAL A 52 14.51 -14.77 27.56
N ASP A 53 13.67 -15.80 27.64
CA ASP A 53 13.35 -16.61 26.48
C ASP A 53 12.30 -16.01 25.56
N ALA A 54 11.32 -15.30 26.15
CA ALA A 54 10.26 -14.68 25.36
C ALA A 54 9.51 -13.62 26.16
N VAL A 55 8.74 -12.81 25.44
CA VAL A 55 7.97 -11.76 26.07
C VAL A 55 6.54 -11.74 25.53
N LEU A 56 5.58 -11.57 26.44
CA LEU A 56 4.18 -11.47 26.06
C LEU A 56 3.71 -10.11 26.58
N LEU A 57 3.05 -9.34 25.71
CA LEU A 57 2.53 -8.03 26.06
C LEU A 57 0.99 -8.14 26.11
N THR A 58 0.39 -7.73 27.23
CA THR A 58 -1.07 -7.82 27.38
C THR A 58 -1.83 -6.71 26.65
N HIS A 59 -1.21 -5.54 26.54
CA HIS A 59 -1.82 -4.45 25.81
C HIS A 59 -0.79 -3.36 25.54
N ALA A 60 -1.13 -2.49 24.60
CA ALA A 60 -0.24 -1.44 24.13
C ALA A 60 0.09 -0.26 25.03
N HIS A 61 -0.65 -0.06 26.11
CA HIS A 61 -0.35 1.09 26.99
C HIS A 61 1.10 1.16 27.41
N LEU A 62 1.57 2.38 27.56
CA LEU A 62 2.93 2.68 27.94
C LEU A 62 3.37 2.05 29.27
N ASP A 63 2.47 1.96 30.24
CA ASP A 63 2.86 1.38 31.52
C ASP A 63 2.93 -0.15 31.46
N HIS A 64 2.78 -0.70 30.24
CA HIS A 64 2.88 -2.13 30.01
C HIS A 64 3.92 -2.46 28.93
N VAL A 65 4.31 -1.49 28.10
CA VAL A 65 5.29 -1.74 27.05
C VAL A 65 6.43 -0.72 26.99
N GLY A 66 6.33 0.32 27.81
CA GLY A 66 7.33 1.38 27.82
C GLY A 66 8.79 1.04 28.04
N ARG A 67 9.08 -0.08 28.70
CA ARG A 67 10.48 -0.43 28.93
C ARG A 67 10.93 -1.50 27.95
N LEU A 68 10.03 -1.93 27.06
CA LEU A 68 10.42 -2.94 26.10
C LEU A 68 11.71 -2.57 25.36
N PRO A 69 11.82 -1.32 24.89
CA PRO A 69 13.06 -0.95 24.18
C PRO A 69 14.30 -0.92 25.07
N LYS A 70 14.09 -0.77 26.37
CA LYS A 70 15.20 -0.77 27.30
C LYS A 70 15.67 -2.21 27.38
N LEU A 71 14.73 -3.13 27.25
CA LEU A 71 15.04 -4.55 27.29
C LEU A 71 15.98 -4.90 26.13
N PHE A 72 15.65 -4.44 24.92
CA PHE A 72 16.49 -4.71 23.75
C PHE A 72 17.80 -3.93 23.83
N ARG A 73 17.74 -2.69 24.32
CA ARG A 73 18.92 -1.86 24.48
C ARG A 73 19.93 -2.63 25.33
N GLU A 74 19.44 -3.43 26.25
CA GLU A 74 20.31 -4.18 27.15
C GLU A 74 20.61 -5.61 26.73
N GLY A 75 20.45 -5.94 25.45
CA GLY A 75 20.81 -7.27 25.03
C GLY A 75 19.77 -8.22 24.49
N TYR A 76 18.59 -8.25 25.11
CA TYR A 76 17.54 -9.16 24.66
C TYR A 76 17.31 -9.11 23.16
N ARG A 77 17.11 -10.28 22.56
CA ARG A 77 16.86 -10.41 21.13
C ARG A 77 15.84 -11.52 20.85
N GLY A 78 15.07 -11.87 21.88
CA GLY A 78 14.07 -12.91 21.70
C GLY A 78 12.77 -12.36 21.15
N PRO A 79 11.80 -13.22 20.82
CA PRO A 79 10.50 -12.77 20.28
C PRO A 79 9.66 -12.01 21.31
N VAL A 80 8.70 -11.24 20.82
CA VAL A 80 7.79 -10.47 21.65
C VAL A 80 6.39 -10.73 21.10
N TYR A 81 5.58 -11.47 21.85
CA TYR A 81 4.24 -11.79 21.39
C TYR A 81 3.14 -10.87 21.89
N ALA A 82 2.21 -10.59 20.99
CA ALA A 82 1.08 -9.71 21.28
C ALA A 82 0.07 -9.79 20.15
N THR A 83 -1.16 -9.38 20.42
CA THR A 83 -2.20 -9.40 19.39
C THR A 83 -1.87 -8.35 18.35
N ARG A 84 -2.38 -8.56 17.14
CA ARG A 84 -2.15 -7.64 16.02
C ARG A 84 -2.46 -6.22 16.47
N ALA A 85 -3.60 -6.04 17.12
CA ALA A 85 -3.99 -4.72 17.61
C ALA A 85 -2.92 -4.07 18.47
N THR A 86 -2.38 -4.83 19.41
CA THR A 86 -1.36 -4.31 20.29
C THR A 86 -0.09 -3.98 19.51
N VAL A 87 0.26 -4.84 18.56
CA VAL A 87 1.44 -4.61 17.75
C VAL A 87 1.30 -3.27 17.03
N LEU A 88 0.14 -3.03 16.45
CA LEU A 88 -0.13 -1.80 15.70
C LEU A 88 -0.16 -0.55 16.60
N LEU A 89 -0.92 -0.63 17.69
CA LEU A 89 -1.01 0.49 18.63
C LEU A 89 0.35 0.80 19.24
N MET A 90 1.13 -0.26 19.49
CA MET A 90 2.47 -0.11 20.08
C MET A 90 3.38 0.82 19.31
N GLU A 91 3.32 0.71 17.99
CA GLU A 91 4.15 1.55 17.15
C GLU A 91 3.83 3.01 17.42
N ILE A 92 2.55 3.32 17.48
CA ILE A 92 2.12 4.70 17.74
C ILE A 92 2.57 5.13 19.14
N VAL A 93 2.38 4.26 20.12
CA VAL A 93 2.74 4.57 21.50
C VAL A 93 4.24 4.75 21.72
N LEU A 94 5.03 3.80 21.24
CA LEU A 94 6.48 3.87 21.40
C LEU A 94 7.09 5.03 20.60
N GLU A 95 6.69 5.21 19.34
CA GLU A 95 7.23 6.30 18.53
C GLU A 95 7.02 7.64 19.23
N ASP A 96 5.83 7.82 19.78
CA ASP A 96 5.48 9.03 20.50
C ASP A 96 6.28 9.18 21.80
N ALA A 97 6.36 8.09 22.57
CA ALA A 97 7.09 8.11 23.83
C ALA A 97 8.54 8.50 23.62
N LEU A 98 9.10 8.08 22.48
CA LEU A 98 10.47 8.39 22.16
C LEU A 98 10.61 9.91 21.99
N LYS A 99 9.83 10.45 21.07
CA LYS A 99 9.84 11.88 20.79
C LYS A 99 9.48 12.72 22.03
N VAL A 100 8.32 12.43 22.61
CA VAL A 100 7.84 13.19 23.78
C VAL A 100 8.31 12.62 25.10
N MET A 101 9.57 12.84 25.46
CA MET A 101 10.09 12.33 26.72
C MET A 101 11.34 13.09 27.20
N ASP A 102 11.19 13.81 28.30
CA ASP A 102 12.28 14.60 28.88
C ASP A 102 13.57 13.78 28.94
N GLU A 103 13.72 12.97 29.98
CA GLU A 103 14.91 12.14 30.13
C GLU A 103 14.64 10.76 29.53
N PRO A 104 15.24 10.49 28.37
CA PRO A 104 15.07 9.21 27.67
C PRO A 104 15.98 8.12 28.22
N PHE A 105 15.44 6.91 28.36
CA PHE A 105 16.23 5.80 28.85
C PHE A 105 16.42 4.81 27.73
N PHE A 106 16.12 5.25 26.52
CA PHE A 106 16.31 4.43 25.32
C PHE A 106 16.36 5.30 24.09
N GLY A 107 17.02 4.80 23.05
CA GLY A 107 17.16 5.55 21.81
C GLY A 107 16.27 5.00 20.70
N PRO A 108 16.24 5.68 19.55
CA PRO A 108 15.42 5.26 18.42
C PRO A 108 15.84 3.91 17.86
N GLU A 109 17.10 3.53 18.05
CA GLU A 109 17.54 2.24 17.54
C GLU A 109 16.93 1.12 18.39
N ASP A 110 16.66 1.41 19.65
CA ASP A 110 16.08 0.41 20.54
C ASP A 110 14.60 0.17 20.19
N VAL A 111 13.90 1.24 19.83
CA VAL A 111 12.50 1.12 19.46
C VAL A 111 12.39 0.29 18.19
N GLU A 112 13.30 0.53 17.25
CA GLU A 112 13.28 -0.22 16.00
C GLU A 112 13.56 -1.69 16.28
N GLU A 113 14.53 -1.93 17.16
CA GLU A 113 14.88 -3.29 17.52
C GLU A 113 13.67 -3.99 18.19
N ALA A 114 12.92 -3.23 18.99
CA ALA A 114 11.76 -3.78 19.69
C ALA A 114 10.65 -4.14 18.71
N LEU A 115 10.25 -3.18 17.88
CA LEU A 115 9.19 -3.39 16.91
C LEU A 115 9.48 -4.54 15.98
N GLY A 116 10.75 -4.70 15.61
CA GLY A 116 11.14 -5.76 14.69
C GLY A 116 11.01 -7.19 15.21
N HIS A 117 10.94 -7.36 16.52
CA HIS A 117 10.80 -8.70 17.09
C HIS A 117 9.39 -9.04 17.53
N LEU A 118 8.43 -8.19 17.14
CA LEU A 118 7.04 -8.41 17.51
C LEU A 118 6.43 -9.46 16.62
N ARG A 119 5.74 -10.42 17.22
CA ARG A 119 5.09 -11.48 16.47
C ARG A 119 3.64 -11.62 16.96
N PRO A 120 2.69 -11.64 16.02
CA PRO A 120 1.27 -11.76 16.37
C PRO A 120 0.86 -13.08 16.99
N LEU A 121 0.00 -12.97 17.99
CA LEU A 121 -0.56 -14.10 18.71
C LEU A 121 -1.94 -13.64 19.12
N GLU A 122 -2.97 -14.24 18.54
CA GLU A 122 -4.34 -13.85 18.83
C GLU A 122 -4.92 -14.70 19.96
N TYR A 123 -6.07 -14.29 20.48
CA TYR A 123 -6.73 -15.00 21.56
C TYR A 123 -7.01 -16.43 21.12
N GLY A 124 -6.78 -17.38 22.03
CA GLY A 124 -7.04 -18.76 21.68
C GLY A 124 -5.90 -19.44 20.96
N GLU A 125 -4.85 -18.70 20.63
CA GLU A 125 -3.70 -19.30 19.95
C GLU A 125 -2.64 -19.67 20.98
N TRP A 126 -2.22 -20.93 20.97
CA TRP A 126 -1.24 -21.45 21.92
C TRP A 126 0.20 -21.41 21.46
N LEU A 127 1.03 -20.81 22.29
CA LEU A 127 2.46 -20.70 22.05
C LEU A 127 3.13 -21.78 22.89
N ARG A 128 4.06 -22.53 22.28
CA ARG A 128 4.79 -23.59 22.97
C ARG A 128 6.24 -23.22 23.21
N LEU A 129 6.68 -23.38 24.46
CA LEU A 129 8.05 -23.09 24.83
C LEU A 129 8.47 -24.18 25.80
N GLY A 130 9.23 -25.15 25.30
CA GLY A 130 9.63 -26.24 26.15
C GLY A 130 8.36 -26.98 26.54
N ALA A 131 8.18 -27.21 27.83
CA ALA A 131 6.98 -27.91 28.32
C ALA A 131 5.92 -26.92 28.76
N LEU A 132 6.09 -25.66 28.37
CA LEU A 132 5.17 -24.60 28.76
C LEU A 132 4.20 -24.26 27.63
N SER A 133 2.94 -24.03 27.99
CA SER A 133 1.90 -23.65 27.04
C SER A 133 1.32 -22.30 27.46
N LEU A 134 1.27 -21.35 26.52
CA LEU A 134 0.76 -20.02 26.82
C LEU A 134 -0.32 -19.57 25.85
N ALA A 135 -1.31 -18.84 26.36
CA ALA A 135 -2.39 -18.35 25.52
C ALA A 135 -2.95 -17.05 26.07
N PHE A 136 -3.51 -16.24 25.18
CA PHE A 136 -4.12 -14.97 25.58
C PHE A 136 -5.61 -15.20 25.78
N GLY A 137 -6.18 -14.43 26.71
CA GLY A 137 -7.59 -14.47 27.00
C GLY A 137 -8.09 -13.04 26.81
N GLN A 138 -9.39 -12.88 26.59
CA GLN A 138 -9.99 -11.55 26.36
C GLN A 138 -10.02 -10.70 27.63
N ALA A 139 -9.34 -9.56 27.63
CA ALA A 139 -9.33 -8.69 28.82
C ALA A 139 -10.33 -7.54 28.74
N GLY A 140 -10.72 -7.17 27.53
CA GLY A 140 -11.70 -6.11 27.32
C GLY A 140 -11.30 -4.77 27.91
N HIS A 141 -10.00 -4.46 27.89
CA HIS A 141 -9.52 -3.22 28.46
C HIS A 141 -8.99 -2.26 27.39
N LEU A 142 -8.58 -2.83 26.27
CA LEU A 142 -8.09 -2.06 25.12
C LEU A 142 -8.19 -2.94 23.90
N PRO A 143 -8.28 -2.33 22.71
CA PRO A 143 -8.36 -3.15 21.50
C PRO A 143 -7.16 -4.08 21.54
N GLY A 144 -7.40 -5.40 21.50
CA GLY A 144 -6.30 -6.34 21.55
C GLY A 144 -5.72 -6.68 22.91
N SER A 145 -6.33 -6.18 23.99
CA SER A 145 -5.81 -6.45 25.34
C SER A 145 -6.10 -7.89 25.80
N ALA A 146 -5.22 -8.44 26.63
CA ALA A 146 -5.46 -9.79 27.11
C ALA A 146 -4.91 -10.09 28.48
N PHE A 147 -5.30 -11.26 29.00
CA PHE A 147 -4.73 -11.73 30.25
C PHE A 147 -3.99 -12.97 29.75
N VAL A 148 -3.04 -13.47 30.52
CA VAL A 148 -2.28 -14.64 30.09
C VAL A 148 -2.60 -15.91 30.85
N VAL A 149 -2.67 -17.01 30.13
CA VAL A 149 -2.90 -18.31 30.71
C VAL A 149 -1.62 -19.12 30.49
N ALA A 150 -0.97 -19.51 31.58
CA ALA A 150 0.27 -20.28 31.51
C ALA A 150 0.10 -21.64 32.16
N GLN A 151 0.30 -22.69 31.39
CA GLN A 151 0.15 -24.05 31.89
C GLN A 151 1.35 -24.92 31.56
N GLY A 152 1.94 -25.50 32.60
CA GLY A 152 3.10 -26.37 32.43
C GLY A 152 3.48 -27.01 33.76
N GLU A 153 4.19 -28.12 33.71
CA GLU A 153 4.60 -28.82 34.94
C GLU A 153 3.37 -29.20 35.74
N GLY A 154 2.25 -29.42 35.06
CA GLY A 154 1.01 -29.79 35.75
C GLY A 154 0.38 -28.69 36.59
N ARG A 155 0.70 -27.43 36.29
CA ARG A 155 0.12 -26.33 37.05
C ARG A 155 -0.33 -25.20 36.12
N THR A 156 -1.28 -24.39 36.60
CA THR A 156 -1.82 -23.29 35.80
C THR A 156 -1.74 -21.93 36.49
N LEU A 157 -1.27 -20.93 35.76
CA LEU A 157 -1.16 -19.59 36.27
C LEU A 157 -1.91 -18.67 35.31
N VAL A 158 -2.50 -17.63 35.85
CA VAL A 158 -3.22 -16.66 35.03
C VAL A 158 -2.77 -15.30 35.46
N TYR A 159 -2.28 -14.52 34.50
CA TYR A 159 -1.85 -13.16 34.78
C TYR A 159 -2.96 -12.30 34.17
N SER A 160 -3.67 -11.56 35.01
CA SER A 160 -4.80 -10.76 34.55
C SER A 160 -4.49 -9.61 33.60
N GLY A 161 -3.28 -9.05 33.70
CA GLY A 161 -2.97 -7.90 32.86
C GLY A 161 -3.99 -6.88 33.38
N ASP A 162 -4.49 -5.98 32.54
CA ASP A 162 -5.51 -5.04 33.01
C ASP A 162 -6.89 -5.51 32.57
N LEU A 163 -7.81 -5.63 33.51
CA LEU A 163 -9.18 -6.07 33.20
C LEU A 163 -10.06 -4.86 32.87
N GLY A 164 -10.89 -4.98 31.84
CA GLY A 164 -11.75 -3.86 31.49
C GLY A 164 -13.00 -3.72 32.34
N ASN A 165 -13.73 -2.63 32.12
CA ASN A 165 -14.99 -2.32 32.82
C ASN A 165 -16.10 -2.78 31.89
N ARG A 166 -16.59 -4.00 32.12
CA ARG A 166 -17.63 -4.62 31.29
C ARG A 166 -18.94 -3.86 31.07
N GLU A 167 -19.25 -2.85 31.89
CA GLU A 167 -20.50 -2.12 31.71
C GLU A 167 -20.45 -1.23 30.46
N LYS A 168 -19.24 -0.86 30.03
CA LYS A 168 -19.04 -0.02 28.86
C LYS A 168 -19.37 -0.74 27.54
N ASP A 169 -19.53 0.03 26.46
CA ASP A 169 -19.96 -0.52 25.18
C ASP A 169 -18.97 -0.80 24.05
N VAL A 170 -17.85 -0.07 24.01
CA VAL A 170 -16.87 -0.22 22.94
C VAL A 170 -16.10 -1.53 22.84
N LEU A 171 -15.68 -2.09 23.97
CA LEU A 171 -14.89 -3.32 24.00
C LEU A 171 -15.70 -4.53 24.44
N PRO A 172 -15.34 -5.72 23.93
CA PRO A 172 -16.08 -6.93 24.33
C PRO A 172 -15.89 -7.21 25.82
N ASP A 173 -16.81 -7.97 26.40
CA ASP A 173 -16.73 -8.29 27.81
C ASP A 173 -15.49 -9.11 28.13
N PRO A 174 -14.83 -8.84 29.25
CA PRO A 174 -13.65 -9.64 29.58
C PRO A 174 -14.10 -11.07 29.68
N SER A 175 -13.25 -12.02 29.30
CA SER A 175 -13.62 -13.42 29.44
C SER A 175 -13.29 -13.83 30.87
N LEU A 176 -14.02 -14.79 31.41
CA LEU A 176 -13.72 -15.29 32.74
C LEU A 176 -12.39 -16.03 32.59
N PRO A 177 -11.63 -16.19 33.68
CA PRO A 177 -10.36 -16.90 33.59
C PRO A 177 -10.57 -18.37 33.88
N PRO A 178 -9.66 -19.23 33.41
CA PRO A 178 -9.83 -20.65 33.72
C PRO A 178 -9.50 -20.84 35.20
N LEU A 179 -9.92 -21.94 35.79
CA LEU A 179 -9.59 -22.20 37.19
C LEU A 179 -8.06 -22.34 37.24
N ALA A 180 -7.40 -21.69 38.19
CA ALA A 180 -5.93 -21.75 38.25
C ALA A 180 -5.30 -21.92 39.64
N ASP A 181 -4.13 -22.56 39.67
CA ASP A 181 -3.41 -22.75 40.93
C ASP A 181 -3.01 -21.41 41.47
N LEU A 182 -2.85 -20.44 40.59
CA LEU A 182 -2.48 -19.10 41.03
C LEU A 182 -2.93 -18.07 40.01
N VAL A 183 -3.40 -16.95 40.52
CA VAL A 183 -3.85 -15.85 39.69
C VAL A 183 -3.11 -14.59 40.11
N LEU A 184 -2.35 -14.00 39.20
CA LEU A 184 -1.66 -12.75 39.48
C LEU A 184 -2.66 -11.74 38.93
N ALA A 185 -3.25 -10.93 39.80
CA ALA A 185 -4.28 -10.01 39.34
C ALA A 185 -4.17 -8.59 39.84
N GLU A 186 -4.64 -7.67 38.99
CA GLU A 186 -4.65 -6.24 39.33
C GLU A 186 -5.78 -5.95 40.31
N GLY A 187 -5.68 -4.81 40.99
CA GLY A 187 -6.70 -4.42 41.93
C GLY A 187 -6.74 -2.90 41.95
N THR A 188 -6.64 -2.27 40.79
CA THR A 188 -6.65 -0.82 40.71
C THR A 188 -7.79 -0.22 41.56
N TYR A 189 -9.00 -0.74 41.37
CA TYR A 189 -10.17 -0.29 42.12
C TYR A 189 -10.58 -1.37 43.13
N GLY A 190 -9.58 -1.92 43.83
CA GLY A 190 -9.85 -2.95 44.81
C GLY A 190 -10.77 -2.49 45.92
N ASP A 191 -10.81 -1.19 46.17
CA ASP A 191 -11.64 -0.60 47.22
C ASP A 191 -13.08 -0.20 46.85
N ARG A 192 -13.38 -0.06 45.56
CA ARG A 192 -14.74 0.34 45.19
C ARG A 192 -15.23 0.07 43.77
N PRO A 193 -16.55 -0.01 43.60
CA PRO A 193 -17.15 -0.25 42.29
C PRO A 193 -17.30 1.15 41.66
N HIS A 194 -17.56 1.19 40.35
CA HIS A 194 -17.74 2.48 39.68
C HIS A 194 -19.23 2.81 39.60
N ARG A 195 -19.52 4.07 39.32
CA ARG A 195 -20.87 4.53 39.11
C ARG A 195 -21.32 3.74 37.87
N PRO A 196 -22.57 3.26 37.82
CA PRO A 196 -23.02 2.50 36.65
C PRO A 196 -22.76 3.28 35.35
N TYR A 197 -22.46 2.56 34.27
CA TYR A 197 -22.17 3.17 32.98
C TYR A 197 -23.31 3.95 32.34
N ARG A 198 -24.47 3.31 32.20
CA ARG A 198 -25.60 3.95 31.56
C ARG A 198 -26.02 5.26 32.20
N GLU A 199 -26.11 5.32 33.52
CA GLU A 199 -26.49 6.57 34.15
C GLU A 199 -25.37 7.58 34.00
N THR A 200 -24.14 7.09 33.79
CA THR A 200 -23.00 7.97 33.57
C THR A 200 -23.15 8.64 32.18
N VAL A 201 -23.63 7.88 31.20
CA VAL A 201 -23.81 8.46 29.87
C VAL A 201 -24.91 9.52 29.89
N ARG A 202 -26.05 9.18 30.50
CA ARG A 202 -27.17 10.10 30.61
C ARG A 202 -26.72 11.42 31.22
N GLU A 203 -25.96 11.33 32.30
CA GLU A 203 -25.45 12.53 32.94
C GLU A 203 -24.50 13.27 32.01
N PHE A 204 -23.67 12.51 31.27
CA PHE A 204 -22.72 13.10 30.33
C PHE A 204 -23.47 13.92 29.29
N LEU A 205 -24.56 13.35 28.78
CA LEU A 205 -25.35 14.02 27.76
C LEU A 205 -26.09 15.27 28.27
N GLU A 206 -26.58 15.21 29.51
CA GLU A 206 -27.30 16.36 30.08
C GLU A 206 -26.36 17.54 30.20
N ILE A 207 -25.12 17.24 30.59
CA ILE A 207 -24.10 18.26 30.74
C ILE A 207 -23.80 18.88 29.37
N LEU A 208 -23.76 18.06 28.33
CA LEU A 208 -23.46 18.58 27.00
C LEU A 208 -24.58 19.48 26.46
N GLU A 209 -25.83 19.01 26.52
CA GLU A 209 -26.95 19.81 26.04
C GLU A 209 -26.98 21.16 26.77
N LYS A 210 -26.94 21.10 28.09
CA LYS A 210 -26.96 22.29 28.93
C LYS A 210 -25.85 23.26 28.52
N THR A 211 -24.61 22.79 28.47
CA THR A 211 -23.49 23.65 28.13
C THR A 211 -23.50 24.16 26.68
N LEU A 212 -23.79 23.26 25.74
CA LEU A 212 -23.81 23.64 24.33
C LEU A 212 -25.00 24.52 23.95
N SER A 213 -26.17 24.26 24.54
CA SER A 213 -27.36 25.06 24.26
C SER A 213 -27.17 26.52 24.62
N GLN A 214 -26.31 26.77 25.59
CA GLN A 214 -26.07 28.14 26.04
C GLN A 214 -24.85 28.78 25.39
N GLY A 215 -24.21 28.05 24.47
CA GLY A 215 -23.05 28.59 23.79
C GLY A 215 -21.73 28.42 24.51
N GLY A 216 -21.67 27.53 25.50
CA GLY A 216 -20.44 27.33 26.25
C GLY A 216 -19.57 26.20 25.72
N LYS A 217 -18.38 26.04 26.31
CA LYS A 217 -17.45 25.01 25.89
C LYS A 217 -17.38 23.85 26.89
N VAL A 218 -17.38 22.62 26.37
CA VAL A 218 -17.25 21.44 27.22
C VAL A 218 -15.79 20.97 27.09
N LEU A 219 -15.01 21.12 28.15
CA LEU A 219 -13.60 20.71 28.11
C LEU A 219 -13.48 19.31 28.69
N ILE A 220 -12.86 18.41 27.94
CA ILE A 220 -12.72 17.03 28.40
C ILE A 220 -11.29 16.52 28.35
N PRO A 221 -10.63 16.41 29.51
CA PRO A 221 -9.26 15.91 29.48
C PRO A 221 -9.37 14.42 29.15
N THR A 222 -8.54 13.92 28.24
CA THR A 222 -8.62 12.50 27.87
C THR A 222 -7.28 11.88 27.51
N PHE A 223 -7.17 10.58 27.76
CA PHE A 223 -5.97 9.84 27.42
C PHE A 223 -6.10 9.66 25.90
N ALA A 224 -4.99 9.64 25.20
CA ALA A 224 -5.03 9.50 23.76
C ALA A 224 -5.33 8.12 23.22
N VAL A 225 -4.92 7.08 23.93
CA VAL A 225 -5.09 5.73 23.41
C VAL A 225 -6.46 5.13 23.24
N GLU A 226 -7.34 5.20 24.23
CA GLU A 226 -8.64 4.58 23.99
C GLU A 226 -9.81 5.37 24.56
N ARG A 227 -9.56 6.16 25.60
CA ARG A 227 -10.59 6.95 26.25
C ARG A 227 -11.22 7.97 25.29
N ALA A 228 -10.38 8.75 24.61
CA ALA A 228 -10.84 9.76 23.67
C ALA A 228 -11.76 9.19 22.60
N GLN A 229 -11.37 8.08 22.00
CA GLN A 229 -12.19 7.45 20.96
C GLN A 229 -13.52 6.99 21.55
N GLU A 230 -13.49 6.53 22.80
CA GLU A 230 -14.72 6.07 23.44
C GLU A 230 -15.69 7.24 23.61
N ILE A 231 -15.17 8.43 23.94
CA ILE A 231 -16.04 9.58 24.10
C ILE A 231 -16.64 9.88 22.71
N LEU A 232 -15.79 9.87 21.69
CA LEU A 232 -16.22 10.09 20.31
C LEU A 232 -17.36 9.15 19.96
N TYR A 233 -17.27 7.90 20.41
CA TYR A 233 -18.29 6.89 20.17
C TYR A 233 -19.62 7.26 20.82
N VAL A 234 -19.55 7.80 22.04
CA VAL A 234 -20.76 8.22 22.73
C VAL A 234 -21.40 9.39 21.97
N LEU A 235 -20.56 10.28 21.46
CA LEU A 235 -21.04 11.43 20.72
C LEU A 235 -21.70 10.97 19.41
N TYR A 236 -21.15 9.91 18.83
CA TYR A 236 -21.66 9.36 17.59
C TYR A 236 -23.05 8.79 17.78
N THR A 237 -23.17 7.90 18.76
CA THR A 237 -24.44 7.25 19.00
C THR A 237 -25.53 8.13 19.59
N HIS A 238 -25.19 9.34 20.04
CA HIS A 238 -26.20 10.24 20.61
C HIS A 238 -26.21 11.64 20.00
N GLY A 239 -25.29 11.89 19.07
CA GLY A 239 -25.20 13.20 18.45
C GLY A 239 -26.53 13.73 17.95
N HIS A 240 -27.41 12.81 17.55
CA HIS A 240 -28.71 13.16 17.02
C HIS A 240 -29.53 14.08 17.91
N ARG A 241 -29.34 13.98 19.22
CA ARG A 241 -30.09 14.84 20.13
C ARG A 241 -29.25 15.86 20.89
N LEU A 242 -28.04 16.14 20.39
CA LEU A 242 -27.19 17.15 21.02
C LEU A 242 -27.16 18.35 20.09
N PRO A 243 -27.03 19.55 20.66
CA PRO A 243 -26.99 20.72 19.78
C PRO A 243 -25.78 20.61 18.86
N ARG A 244 -25.92 21.07 17.62
CA ARG A 244 -24.81 20.99 16.69
C ARG A 244 -23.65 21.86 17.17
N ALA A 245 -22.44 21.30 17.13
CA ALA A 245 -21.27 22.04 17.57
C ALA A 245 -20.00 21.33 17.13
N PRO A 246 -18.92 22.08 16.91
CA PRO A 246 -17.70 21.38 16.49
C PRO A 246 -17.13 20.53 17.63
N ILE A 247 -16.57 19.39 17.26
CA ILE A 247 -15.96 18.47 18.22
C ILE A 247 -14.48 18.40 17.86
N TYR A 248 -13.65 19.05 18.68
CA TYR A 248 -12.22 19.09 18.42
C TYR A 248 -11.39 18.07 19.20
N LEU A 249 -10.86 17.08 18.50
CA LEU A 249 -9.99 16.09 19.12
C LEU A 249 -8.64 16.79 19.01
N ASP A 250 -8.37 17.67 19.97
CA ASP A 250 -7.14 18.43 20.00
C ASP A 250 -5.97 17.58 20.52
N SER A 251 -5.70 16.51 19.80
CA SER A 251 -4.63 15.59 20.14
C SER A 251 -4.14 14.82 18.94
N PRO A 252 -2.98 15.20 18.39
CA PRO A 252 -2.42 14.51 17.21
C PRO A 252 -2.37 13.00 17.47
N MET A 253 -1.79 12.61 18.60
CA MET A 253 -1.68 11.22 19.00
C MET A 253 -3.02 10.51 18.95
N ALA A 254 -4.04 11.11 19.57
CA ALA A 254 -5.36 10.51 19.57
C ALA A 254 -5.86 10.38 18.13
N GLY A 255 -5.48 11.32 17.28
CA GLY A 255 -5.90 11.28 15.89
C GLY A 255 -5.32 10.05 15.20
N ARG A 256 -4.02 9.84 15.39
CA ARG A 256 -3.34 8.69 14.81
C ARG A 256 -3.97 7.39 15.28
N VAL A 257 -4.36 7.33 16.55
CA VAL A 257 -5.00 6.13 17.10
C VAL A 257 -6.35 5.95 16.44
N LEU A 258 -7.11 7.04 16.35
CA LEU A 258 -8.42 7.00 15.74
C LEU A 258 -8.31 6.46 14.31
N SER A 259 -7.30 6.93 13.58
CA SER A 259 -7.09 6.49 12.20
C SER A 259 -6.88 4.99 12.10
N LEU A 260 -6.18 4.43 13.07
CA LEU A 260 -5.89 3.00 13.09
C LEU A 260 -7.12 2.17 13.42
N TYR A 261 -8.05 2.75 14.17
CA TYR A 261 -9.26 2.01 14.57
C TYR A 261 -10.04 1.24 13.50
N PRO A 262 -10.19 1.81 12.29
CA PRO A 262 -10.93 1.08 11.24
C PRO A 262 -10.26 -0.24 10.85
N ARG A 263 -8.97 -0.36 11.11
CA ARG A 263 -8.22 -1.58 10.79
C ARG A 263 -8.28 -2.58 11.94
N LEU A 264 -8.86 -2.17 13.06
CA LEU A 264 -8.96 -3.01 14.24
C LEU A 264 -10.40 -3.42 14.57
N VAL A 265 -11.29 -3.30 13.60
CA VAL A 265 -12.70 -3.64 13.82
C VAL A 265 -13.03 -4.92 14.58
N ARG A 266 -12.32 -6.01 14.28
CA ARG A 266 -12.60 -7.27 14.94
C ARG A 266 -12.25 -7.28 16.42
N TYR A 267 -11.51 -6.27 16.87
CA TYR A 267 -11.11 -6.18 18.28
C TYR A 267 -12.12 -5.42 19.14
N PHE A 268 -13.23 -5.01 18.55
CA PHE A 268 -14.23 -4.29 19.32
C PHE A 268 -15.38 -5.21 19.65
N SER A 269 -16.34 -4.71 20.44
CA SER A 269 -17.50 -5.50 20.82
C SER A 269 -18.40 -5.74 19.62
N GLU A 270 -19.34 -6.64 19.78
CA GLU A 270 -20.29 -6.96 18.72
C GLU A 270 -21.04 -5.71 18.29
N GLU A 271 -21.45 -4.90 19.26
CA GLU A 271 -22.19 -3.68 18.97
C GLU A 271 -21.42 -2.80 18.00
N VAL A 272 -20.15 -2.54 18.32
CA VAL A 272 -19.31 -1.69 17.47
C VAL A 272 -19.08 -2.31 16.10
N GLN A 273 -18.82 -3.62 16.08
CA GLN A 273 -18.57 -4.32 14.83
C GLN A 273 -19.78 -4.25 13.92
N ALA A 274 -20.96 -4.41 14.51
CA ALA A 274 -22.20 -4.35 13.74
C ALA A 274 -22.32 -2.97 13.06
N HIS A 275 -21.93 -1.91 13.76
CA HIS A 275 -21.99 -0.56 13.19
C HIS A 275 -21.11 -0.52 11.94
N PHE A 276 -19.91 -1.08 12.06
CA PHE A 276 -18.95 -1.11 10.96
C PHE A 276 -19.48 -1.94 9.78
N LEU A 277 -20.28 -2.97 10.08
CA LEU A 277 -20.82 -3.82 9.02
C LEU A 277 -21.70 -3.02 8.09
N GLN A 278 -22.45 -2.07 8.64
CA GLN A 278 -23.32 -1.20 7.85
C GLN A 278 -22.55 -0.12 7.10
N GLY A 279 -21.23 -0.29 7.01
CA GLY A 279 -20.40 0.66 6.31
C GLY A 279 -20.11 1.99 7.01
N LYS A 280 -20.36 2.06 8.31
CA LYS A 280 -20.13 3.32 9.04
C LYS A 280 -19.12 3.23 10.20
N ASN A 281 -18.28 4.27 10.34
CA ASN A 281 -17.27 4.34 11.41
C ASN A 281 -17.88 5.05 12.62
N PRO A 282 -18.27 4.30 13.66
CA PRO A 282 -18.88 4.90 14.85
C PRO A 282 -17.99 5.71 15.77
N PHE A 283 -16.75 5.97 15.35
CA PHE A 283 -15.82 6.77 16.14
C PHE A 283 -15.62 8.13 15.49
N ARG A 284 -16.49 8.46 14.54
CA ARG A 284 -16.42 9.74 13.82
C ARG A 284 -17.76 10.45 13.90
N PRO A 285 -18.06 11.07 15.05
CA PRO A 285 -19.34 11.78 15.18
C PRO A 285 -19.34 12.99 14.26
N ALA A 286 -20.52 13.50 13.93
CA ALA A 286 -20.60 14.67 13.06
C ALA A 286 -19.90 15.86 13.70
N GLY A 287 -19.21 16.65 12.89
CA GLY A 287 -18.53 17.81 13.41
C GLY A 287 -17.14 17.53 13.97
N LEU A 288 -16.71 16.27 13.90
CA LEU A 288 -15.40 15.90 14.41
C LEU A 288 -14.27 16.58 13.64
N GLU A 289 -13.28 17.07 14.37
CA GLU A 289 -12.15 17.76 13.76
C GLU A 289 -10.88 17.43 14.58
N VAL A 290 -9.80 17.08 13.91
CA VAL A 290 -8.54 16.74 14.58
C VAL A 290 -7.61 17.92 14.47
N VAL A 291 -7.23 18.49 15.61
CA VAL A 291 -6.36 19.66 15.60
C VAL A 291 -4.91 19.20 15.68
N GLU A 292 -4.18 19.43 14.60
CA GLU A 292 -2.80 19.00 14.49
C GLU A 292 -1.73 19.89 15.12
N HIS A 293 -1.88 21.21 15.04
CA HIS A 293 -0.85 22.07 15.58
C HIS A 293 -1.24 23.10 16.63
N THR A 294 -0.20 23.61 17.30
CA THR A 294 -0.34 24.58 18.37
C THR A 294 -1.20 25.81 18.06
N GLU A 295 -0.98 26.40 16.89
CA GLU A 295 -1.70 27.60 16.50
C GLU A 295 -3.22 27.40 16.51
N ALA A 296 -3.71 26.36 15.87
CA ALA A 296 -5.15 26.11 15.84
C ALA A 296 -5.64 25.74 17.24
N SER A 297 -4.79 25.02 17.99
CA SER A 297 -5.11 24.62 19.36
C SER A 297 -5.33 25.84 20.23
N LYS A 298 -4.34 26.73 20.28
CA LYS A 298 -4.48 27.92 21.09
C LYS A 298 -5.65 28.78 20.62
N ALA A 299 -5.81 28.92 19.31
CA ALA A 299 -6.90 29.72 18.75
C ALA A 299 -8.22 29.31 19.38
N LEU A 300 -8.37 28.01 19.64
CA LEU A 300 -9.59 27.50 20.27
C LEU A 300 -9.87 28.17 21.60
N ASN A 301 -8.81 28.50 22.34
CA ASN A 301 -8.95 29.14 23.64
C ASN A 301 -9.67 30.47 23.53
N ARG A 302 -9.45 31.18 22.42
CA ARG A 302 -10.05 32.49 22.21
C ARG A 302 -11.38 32.44 21.47
N ALA A 303 -11.64 31.35 20.75
CA ALA A 303 -12.88 31.24 20.01
C ALA A 303 -14.05 31.01 20.98
N PRO A 304 -15.23 31.52 20.63
CA PRO A 304 -16.38 31.32 21.51
C PRO A 304 -17.00 29.94 21.30
N GLY A 305 -17.83 29.53 22.26
CA GLY A 305 -18.52 28.26 22.12
C GLY A 305 -19.66 28.51 21.16
N PRO A 306 -20.54 27.53 20.91
CA PRO A 306 -20.49 26.19 21.50
C PRO A 306 -19.44 25.27 20.87
N MET A 307 -18.93 24.33 21.67
CA MET A 307 -17.93 23.39 21.19
C MET A 307 -17.59 22.37 22.27
N VAL A 308 -17.09 21.23 21.82
CA VAL A 308 -16.66 20.15 22.69
C VAL A 308 -15.18 20.00 22.36
N VAL A 309 -14.34 19.96 23.39
CA VAL A 309 -12.90 19.82 23.22
C VAL A 309 -12.30 18.64 23.99
N LEU A 310 -11.57 17.79 23.28
CA LEU A 310 -10.92 16.64 23.90
C LEU A 310 -9.43 16.90 23.81
N ALA A 311 -8.74 16.88 24.94
CA ALA A 311 -7.32 17.10 24.96
C ALA A 311 -6.59 16.38 26.11
N GLY A 312 -5.26 16.33 26.00
CA GLY A 312 -4.44 15.69 27.00
C GLY A 312 -3.46 16.69 27.57
N SER A 313 -2.67 16.33 28.57
CA SER A 313 -2.68 15.01 29.20
C SER A 313 -3.98 14.68 29.91
N GLY A 314 -4.30 13.39 29.97
CA GLY A 314 -5.53 12.95 30.62
C GLY A 314 -5.53 13.23 32.11
N MET A 315 -4.35 13.46 32.68
CA MET A 315 -4.25 13.73 34.10
C MET A 315 -3.67 15.12 34.38
N LEU A 316 -3.90 16.02 33.43
CA LEU A 316 -3.47 17.41 33.52
C LEU A 316 -2.01 17.59 33.93
N ALA A 317 -1.18 16.62 33.61
CA ALA A 317 0.23 16.71 33.95
C ALA A 317 0.90 17.76 33.08
N GLY A 318 0.29 18.04 31.94
CA GLY A 318 0.81 19.01 30.99
C GLY A 318 -0.02 18.85 29.74
N GLY A 319 0.50 19.30 28.59
CA GLY A 319 -0.26 19.16 27.36
C GLY A 319 -1.16 20.33 27.00
N ARG A 320 -1.84 20.22 25.86
CA ARG A 320 -2.72 21.27 25.37
C ARG A 320 -3.91 21.53 26.28
N ILE A 321 -4.38 20.51 26.99
CA ILE A 321 -5.52 20.66 27.87
C ILE A 321 -5.30 21.77 28.90
N LEU A 322 -4.08 21.90 29.42
CA LEU A 322 -3.80 22.94 30.41
C LEU A 322 -4.13 24.33 29.89
N HIS A 323 -3.88 24.58 28.61
CA HIS A 323 -4.16 25.87 28.01
C HIS A 323 -5.66 26.14 27.87
N HIS A 324 -6.45 25.10 27.61
CA HIS A 324 -7.89 25.25 27.48
C HIS A 324 -8.49 25.57 28.85
N LEU A 325 -7.93 24.98 29.90
CA LEU A 325 -8.42 25.20 31.26
C LEU A 325 -8.06 26.61 31.68
N LYS A 326 -6.82 27.00 31.40
CA LYS A 326 -6.35 28.32 31.77
C LYS A 326 -7.26 29.41 31.23
N HIS A 327 -7.75 29.22 30.01
CA HIS A 327 -8.60 30.23 29.40
C HIS A 327 -10.09 29.96 29.46
N GLY A 328 -10.48 28.76 29.90
CA GLY A 328 -11.90 28.43 29.94
C GLY A 328 -12.55 28.22 31.29
N LEU A 329 -11.74 28.03 32.33
CA LEU A 329 -12.29 27.80 33.66
C LEU A 329 -12.95 29.03 34.29
N SER A 330 -12.50 30.21 33.91
CA SER A 330 -13.04 31.45 34.47
C SER A 330 -14.41 31.88 33.92
N ASP A 331 -14.98 31.09 33.02
CA ASP A 331 -16.28 31.42 32.42
C ASP A 331 -17.33 30.45 32.95
N PRO A 332 -18.37 30.98 33.63
CA PRO A 332 -19.43 30.11 34.17
C PRO A 332 -20.23 29.32 33.13
N ARG A 333 -20.28 29.81 31.90
CA ARG A 333 -21.01 29.11 30.83
C ARG A 333 -20.35 27.79 30.44
N ASN A 334 -19.05 27.65 30.70
CA ASN A 334 -18.32 26.43 30.37
C ASN A 334 -18.49 25.29 31.37
N ALA A 335 -17.91 24.14 31.03
CA ALA A 335 -17.99 22.96 31.86
C ALA A 335 -16.76 22.07 31.67
N LEU A 336 -16.21 21.61 32.78
CA LEU A 336 -15.04 20.75 32.79
C LEU A 336 -15.58 19.38 33.14
N VAL A 337 -15.39 18.40 32.26
CA VAL A 337 -15.87 17.05 32.50
C VAL A 337 -14.73 16.04 32.53
N PHE A 338 -14.47 15.49 33.71
CA PHE A 338 -13.43 14.48 33.88
C PHE A 338 -14.07 13.19 33.48
N VAL A 339 -13.36 12.35 32.74
CA VAL A 339 -13.88 11.07 32.30
C VAL A 339 -12.80 10.04 32.55
N GLY A 340 -11.79 10.47 33.31
CA GLY A 340 -10.68 9.59 33.65
C GLY A 340 -10.15 9.95 35.03
N TYR A 341 -9.75 8.94 35.79
CA TYR A 341 -9.23 9.14 37.13
C TYR A 341 -8.21 10.28 37.22
N GLN A 342 -8.26 11.03 38.31
CA GLN A 342 -7.31 12.12 38.55
C GLN A 342 -6.51 11.77 39.81
N PRO A 343 -5.18 11.76 39.69
CA PRO A 343 -4.31 11.44 40.83
C PRO A 343 -4.50 12.38 42.02
N GLN A 344 -4.21 11.89 43.20
CA GLN A 344 -4.33 12.70 44.41
C GLN A 344 -3.18 13.71 44.42
N GLY A 345 -3.49 14.94 44.78
CA GLY A 345 -2.47 15.97 44.83
C GLY A 345 -2.17 16.59 43.47
N GLY A 346 -2.93 16.20 42.46
CA GLY A 346 -2.72 16.75 41.14
C GLY A 346 -3.61 17.96 40.89
N LEU A 347 -3.52 18.54 39.70
CA LEU A 347 -4.34 19.70 39.35
C LEU A 347 -5.83 19.33 39.36
N GLY A 348 -6.13 18.14 38.88
CA GLY A 348 -7.51 17.69 38.83
C GLY A 348 -8.16 17.73 40.20
N ALA A 349 -7.52 17.06 41.16
CA ALA A 349 -8.02 17.01 42.53
C ALA A 349 -8.23 18.42 43.05
N GLU A 350 -7.22 19.27 42.85
CA GLU A 350 -7.32 20.64 43.30
C GLU A 350 -8.58 21.31 42.76
N ILE A 351 -8.87 21.09 41.47
CA ILE A 351 -10.04 21.69 40.86
C ILE A 351 -11.31 21.09 41.45
N ILE A 352 -11.28 19.78 41.70
CA ILE A 352 -12.44 19.10 42.24
C ILE A 352 -12.80 19.60 43.65
N ALA A 353 -11.80 20.10 44.37
CA ALA A 353 -12.02 20.62 45.71
C ALA A 353 -12.91 21.85 45.60
N ARG A 354 -13.08 22.30 44.37
CA ARG A 354 -13.89 23.47 44.05
C ARG A 354 -13.49 24.73 44.83
N PRO A 355 -12.18 25.06 44.82
CA PRO A 355 -11.70 26.26 45.53
C PRO A 355 -12.04 27.52 44.73
N PRO A 356 -11.85 28.69 45.34
CA PRO A 356 -12.16 29.93 44.61
C PRO A 356 -11.37 30.09 43.33
N ALA A 357 -10.10 29.66 43.36
CA ALA A 357 -9.24 29.78 42.19
C ALA A 357 -8.25 28.63 42.09
N VAL A 358 -7.55 28.58 40.96
CA VAL A 358 -6.56 27.55 40.69
C VAL A 358 -5.37 28.14 39.95
N ARG A 359 -4.19 27.56 40.14
CA ARG A 359 -3.00 28.04 39.47
C ARG A 359 -2.65 27.10 38.33
N ILE A 360 -2.74 27.62 37.10
CA ILE A 360 -2.44 26.82 35.92
C ILE A 360 -1.42 27.56 35.08
N LEU A 361 -0.33 26.88 34.74
CA LEU A 361 0.72 27.49 33.93
C LEU A 361 1.21 28.83 34.51
N GLY A 362 1.51 28.81 35.82
CA GLY A 362 2.03 29.99 36.50
C GLY A 362 1.10 31.17 36.71
N GLU A 363 -0.21 30.95 36.63
CA GLU A 363 -1.14 32.04 36.82
C GLU A 363 -2.36 31.60 37.62
N GLU A 364 -2.90 32.52 38.41
CA GLU A 364 -4.06 32.20 39.23
C GLU A 364 -5.31 32.44 38.39
N VAL A 365 -6.06 31.37 38.15
CA VAL A 365 -7.27 31.45 37.34
C VAL A 365 -8.54 31.14 38.13
N PRO A 366 -9.51 32.05 38.08
CA PRO A 366 -10.79 31.91 38.77
C PRO A 366 -11.53 30.68 38.26
N LEU A 367 -12.15 29.93 39.17
CA LEU A 367 -12.88 28.73 38.80
C LEU A 367 -14.39 28.96 38.84
N ARG A 368 -14.96 29.34 37.71
CA ARG A 368 -16.40 29.60 37.63
C ARG A 368 -17.13 28.53 36.83
N ALA A 369 -16.44 27.96 35.84
CA ALA A 369 -17.01 26.91 35.00
C ALA A 369 -17.42 25.74 35.88
N SER A 370 -18.50 25.06 35.51
CA SER A 370 -18.95 23.92 36.29
C SER A 370 -17.95 22.78 36.14
N VAL A 371 -17.90 21.90 37.14
CA VAL A 371 -16.97 20.77 37.14
C VAL A 371 -17.78 19.50 37.36
N HIS A 372 -17.38 18.41 36.70
CA HIS A 372 -18.09 17.13 36.83
C HIS A 372 -17.09 16.01 36.70
N THR A 373 -17.27 14.96 37.49
CA THR A 373 -16.37 13.82 37.44
C THR A 373 -17.20 12.61 37.12
N LEU A 374 -16.92 11.95 36.00
CA LEU A 374 -17.69 10.78 35.63
C LEU A 374 -16.84 9.53 35.71
N GLY A 375 -16.66 9.03 36.94
CA GLY A 375 -15.85 7.84 37.14
C GLY A 375 -16.39 6.62 36.46
N GLY A 376 -17.64 6.69 36.01
CA GLY A 376 -18.25 5.56 35.32
C GLY A 376 -17.63 5.25 33.97
N PHE A 377 -16.79 6.16 33.47
CA PHE A 377 -16.12 5.98 32.17
C PHE A 377 -14.79 5.24 32.35
N SER A 378 -14.51 4.81 33.58
CA SER A 378 -13.27 4.11 33.88
C SER A 378 -13.04 2.89 33.02
N GLY A 379 -11.77 2.66 32.67
CA GLY A 379 -11.40 1.52 31.84
C GLY A 379 -10.96 0.26 32.62
N HIS A 380 -11.06 0.31 33.93
CA HIS A 380 -10.70 -0.85 34.77
C HIS A 380 -11.91 -1.47 35.43
N ALA A 381 -11.84 -2.77 35.67
CA ALA A 381 -12.93 -3.47 36.34
C ALA A 381 -13.06 -2.86 37.74
N GLY A 382 -14.29 -2.62 38.20
CA GLY A 382 -14.49 -2.08 39.52
C GLY A 382 -14.39 -3.21 40.53
N GLN A 383 -14.37 -2.86 41.81
CA GLN A 383 -14.27 -3.88 42.87
C GLN A 383 -15.21 -5.07 42.67
N ASP A 384 -16.49 -4.79 42.41
CA ASP A 384 -17.48 -5.84 42.19
C ASP A 384 -17.09 -6.76 41.03
N GLU A 385 -16.72 -6.16 39.91
CA GLU A 385 -16.30 -6.91 38.73
C GLU A 385 -15.01 -7.71 39.05
N LEU A 386 -14.09 -7.12 39.80
CA LEU A 386 -12.87 -7.82 40.19
C LEU A 386 -13.25 -9.10 40.97
N LEU A 387 -14.15 -8.97 41.95
CA LEU A 387 -14.57 -10.12 42.75
C LEU A 387 -15.21 -11.18 41.87
N ASP A 388 -16.08 -10.77 40.95
CA ASP A 388 -16.72 -11.73 40.04
C ASP A 388 -15.71 -12.47 39.17
N TRP A 389 -14.73 -11.75 38.64
CA TRP A 389 -13.72 -12.35 37.79
C TRP A 389 -12.83 -13.31 38.60
N LEU A 390 -12.54 -12.95 39.85
CA LEU A 390 -11.70 -13.77 40.72
C LEU A 390 -12.45 -14.92 41.40
N GLN A 391 -13.77 -14.94 41.28
CA GLN A 391 -14.57 -15.97 41.94
C GLN A 391 -14.05 -17.40 41.72
N GLY A 392 -14.05 -18.20 42.79
CA GLY A 392 -13.59 -19.57 42.71
C GLY A 392 -12.08 -19.83 42.64
N GLU A 393 -11.25 -18.80 42.51
CA GLU A 393 -9.79 -19.04 42.43
C GLU A 393 -9.18 -19.17 43.83
N PRO A 394 -8.59 -20.34 44.14
CA PRO A 394 -7.98 -20.59 45.44
C PRO A 394 -6.87 -19.64 45.91
N ARG A 395 -5.99 -19.22 45.00
CA ARG A 395 -4.87 -18.34 45.39
C ARG A 395 -4.70 -17.10 44.51
N VAL A 396 -4.65 -15.94 45.14
CA VAL A 396 -4.51 -14.68 44.41
C VAL A 396 -3.40 -13.79 44.94
N VAL A 397 -2.57 -13.30 44.04
CA VAL A 397 -1.49 -12.39 44.36
C VAL A 397 -1.89 -11.10 43.67
N LEU A 398 -1.97 -10.02 44.43
CA LEU A 398 -2.39 -8.74 43.90
C LEU A 398 -1.26 -7.79 43.52
N VAL A 399 -1.44 -7.15 42.35
CA VAL A 399 -0.50 -6.18 41.82
C VAL A 399 -1.32 -5.04 41.22
N HIS A 400 -0.63 -4.07 40.64
CA HIS A 400 -1.29 -2.97 39.98
C HIS A 400 -2.33 -2.23 40.83
N GLY A 401 -1.85 -1.64 41.92
CA GLY A 401 -2.75 -0.89 42.78
C GLY A 401 -2.08 -0.30 44.00
N GLU A 402 -2.69 0.74 44.56
CA GLU A 402 -2.16 1.35 45.76
C GLU A 402 -2.38 0.33 46.86
N GLU A 403 -1.45 0.28 47.80
CA GLU A 403 -1.51 -0.67 48.92
C GLU A 403 -2.89 -0.83 49.55
N GLU A 404 -3.49 0.29 49.97
CA GLU A 404 -4.79 0.30 50.62
C GLU A 404 -5.91 -0.22 49.72
N LYS A 405 -5.88 0.14 48.44
CA LYS A 405 -6.92 -0.33 47.52
C LYS A 405 -6.76 -1.83 47.41
N LEU A 406 -5.51 -2.28 47.32
CA LEU A 406 -5.21 -3.71 47.20
C LEU A 406 -5.62 -4.47 48.45
N LEU A 407 -5.33 -3.88 49.61
CA LEU A 407 -5.68 -4.50 50.88
C LEU A 407 -7.20 -4.63 50.98
N ALA A 408 -7.90 -3.59 50.52
CA ALA A 408 -9.35 -3.57 50.56
C ALA A 408 -9.93 -4.75 49.80
N LEU A 409 -9.33 -5.07 48.67
CA LEU A 409 -9.79 -6.21 47.86
C LEU A 409 -9.38 -7.52 48.54
N GLY A 410 -8.14 -7.56 49.02
CA GLY A 410 -7.64 -8.77 49.68
C GLY A 410 -8.48 -9.17 50.88
N LYS A 411 -8.85 -8.18 51.68
CA LYS A 411 -9.72 -8.44 52.83
C LYS A 411 -10.96 -9.20 52.39
N LEU A 412 -11.63 -8.70 51.35
CA LEU A 412 -12.85 -9.34 50.86
C LEU A 412 -12.55 -10.72 50.31
N LEU A 413 -11.43 -10.88 49.62
CA LEU A 413 -11.08 -12.17 49.08
C LEU A 413 -10.77 -13.13 50.21
N ALA A 414 -10.06 -12.64 51.23
CA ALA A 414 -9.71 -13.49 52.37
C ALA A 414 -11.00 -13.96 53.07
N LEU A 415 -11.91 -13.03 53.31
CA LEU A 415 -13.19 -13.36 53.97
C LEU A 415 -13.94 -14.38 53.13
N ARG A 416 -13.59 -14.45 51.85
CA ARG A 416 -14.27 -15.37 50.94
C ARG A 416 -13.62 -16.77 50.91
N GLY A 417 -12.55 -16.95 51.69
CA GLY A 417 -11.88 -18.24 51.73
C GLY A 417 -10.78 -18.39 50.67
N GLN A 418 -10.44 -17.29 50.02
CA GLN A 418 -9.42 -17.32 48.98
C GLN A 418 -8.11 -16.79 49.54
N GLU A 419 -7.03 -17.52 49.30
CA GLU A 419 -5.73 -17.11 49.80
C GLU A 419 -5.24 -15.93 48.98
N VAL A 420 -4.80 -14.87 49.66
CA VAL A 420 -4.34 -13.70 48.96
C VAL A 420 -3.15 -13.00 49.64
N SER A 421 -2.37 -12.27 48.85
CA SER A 421 -1.24 -11.49 49.35
C SER A 421 -1.00 -10.33 48.39
N LEU A 422 -0.23 -9.35 48.84
CA LEU A 422 0.12 -8.24 47.98
C LEU A 422 1.53 -8.54 47.50
N ALA A 423 1.69 -8.74 46.19
CA ALA A 423 2.99 -9.04 45.59
C ALA A 423 4.04 -8.07 46.04
N ARG A 424 5.26 -8.56 46.22
CA ARG A 424 6.38 -7.72 46.63
C ARG A 424 7.43 -7.77 45.52
N PHE A 425 8.02 -6.62 45.22
CA PHE A 425 9.03 -6.52 44.18
C PHE A 425 10.19 -7.51 44.35
N GLY A 426 10.52 -8.19 43.26
CA GLY A 426 11.62 -9.14 43.26
C GLY A 426 11.41 -10.45 43.99
N GLU A 427 10.26 -10.62 44.65
CA GLU A 427 10.01 -11.85 45.40
C GLU A 427 9.17 -12.90 44.68
N GLY A 428 9.84 -13.96 44.22
CA GLY A 428 9.17 -15.03 43.51
C GLY A 428 8.03 -15.65 44.30
N VAL A 429 7.01 -16.10 43.58
CA VAL A 429 5.87 -16.72 44.20
C VAL A 429 5.63 -18.07 43.52
N PRO A 430 5.65 -19.15 44.30
CA PRO A 430 5.44 -20.49 43.75
C PRO A 430 4.01 -20.66 43.26
N VAL A 431 3.85 -21.39 42.18
CA VAL A 431 2.54 -21.63 41.60
C VAL A 431 2.05 -23.01 41.98
N MET B 1 -4.71 15.36 -42.51
CA MET B 1 -4.87 15.65 -41.06
C MET B 1 -5.80 16.86 -40.84
N ARG B 2 -6.75 16.70 -39.93
CA ARG B 2 -7.68 17.78 -39.59
C ARG B 2 -7.93 17.79 -38.08
N ILE B 3 -8.30 18.94 -37.57
CA ILE B 3 -8.59 19.09 -36.14
C ILE B 3 -9.95 19.77 -35.99
N VAL B 4 -10.88 19.11 -35.31
CA VAL B 4 -12.22 19.66 -35.13
C VAL B 4 -12.49 20.07 -33.69
N PRO B 5 -12.64 21.37 -33.44
CA PRO B 5 -12.91 21.93 -32.12
C PRO B 5 -14.32 21.61 -31.65
N PHE B 6 -14.43 20.90 -30.54
CA PHE B 6 -15.74 20.55 -30.00
C PHE B 6 -15.94 21.14 -28.61
N GLY B 7 -15.36 22.32 -28.40
CA GLY B 7 -15.46 23.00 -27.13
C GLY B 7 -14.49 24.16 -27.10
N ALA B 8 -14.60 25.01 -26.08
CA ALA B 8 -13.68 26.13 -25.95
C ALA B 8 -13.59 27.05 -27.17
N ALA B 9 -14.65 27.10 -27.98
CA ALA B 9 -14.68 27.97 -29.15
C ALA B 9 -15.22 29.32 -28.69
N ARG B 10 -14.36 30.33 -28.67
CA ARG B 10 -14.71 31.67 -28.22
C ARG B 10 -15.14 31.70 -26.74
N GLU B 11 -14.69 30.71 -25.98
CA GLU B 11 -14.97 30.61 -24.54
C GLU B 11 -13.87 29.77 -23.88
N VAL B 12 -13.74 29.90 -22.55
CA VAL B 12 -12.71 29.21 -21.82
C VAL B 12 -12.94 27.76 -21.41
N THR B 13 -14.18 27.32 -21.27
CA THR B 13 -14.42 25.94 -20.83
C THR B 13 -14.91 24.98 -21.90
N GLY B 14 -14.96 23.69 -21.54
CA GLY B 14 -15.44 22.67 -22.45
C GLY B 14 -14.44 22.03 -23.41
N SER B 15 -13.16 22.35 -23.24
CA SER B 15 -12.10 21.81 -24.12
C SER B 15 -12.29 20.37 -24.54
N ALA B 16 -12.31 20.15 -25.84
CA ALA B 16 -12.46 18.82 -26.42
C ALA B 16 -12.25 19.06 -27.90
N HIS B 17 -11.25 18.41 -28.47
CA HIS B 17 -10.93 18.61 -29.88
C HIS B 17 -10.61 17.30 -30.55
N LEU B 18 -11.33 17.02 -31.64
CA LEU B 18 -11.15 15.78 -32.37
C LEU B 18 -10.13 15.87 -33.49
N LEU B 19 -9.06 15.08 -33.34
CA LEU B 19 -7.98 15.02 -34.32
C LEU B 19 -8.29 13.91 -35.32
N LEU B 20 -8.39 14.29 -36.59
CA LEU B 20 -8.66 13.32 -37.63
C LEU B 20 -7.40 13.21 -38.50
N ALA B 21 -6.68 12.11 -38.35
CA ALA B 21 -5.44 11.88 -39.11
C ALA B 21 -4.86 10.49 -38.88
N GLY B 22 -3.91 10.11 -39.74
CA GLY B 22 -3.28 8.81 -39.64
C GLY B 22 -4.30 7.70 -39.80
N GLY B 23 -5.46 8.05 -40.37
CA GLY B 23 -6.52 7.08 -40.55
C GLY B 23 -7.08 6.72 -39.18
N ARG B 24 -7.15 7.71 -38.30
CA ARG B 24 -7.64 7.51 -36.95
C ARG B 24 -8.36 8.74 -36.42
N ARG B 25 -9.01 8.59 -35.27
CA ARG B 25 -9.71 9.70 -34.64
C ARG B 25 -9.22 9.77 -33.19
N VAL B 26 -8.56 10.86 -32.84
CA VAL B 26 -8.04 11.02 -31.51
C VAL B 26 -8.62 12.25 -30.86
N LEU B 27 -9.20 12.06 -29.69
CA LEU B 27 -9.85 13.16 -28.99
C LEU B 27 -8.85 13.75 -27.99
N LEU B 28 -8.62 15.05 -28.11
CA LEU B 28 -7.71 15.75 -27.22
C LEU B 28 -8.55 16.50 -26.21
N ASP B 29 -8.50 16.02 -24.98
CA ASP B 29 -9.25 16.57 -23.87
C ASP B 29 -10.74 16.30 -24.04
N CYS B 30 -11.49 16.37 -22.94
CA CYS B 30 -12.92 16.12 -22.95
C CYS B 30 -13.49 16.83 -21.72
N GLY B 31 -13.41 18.14 -21.72
CA GLY B 31 -13.90 18.89 -20.57
C GLY B 31 -15.36 19.24 -20.61
N MET B 32 -15.85 19.71 -19.48
CA MET B 32 -17.23 20.11 -19.37
C MET B 32 -17.30 21.62 -19.37
N PHE B 33 -18.44 22.14 -19.82
CA PHE B 33 -18.67 23.57 -19.87
C PHE B 33 -19.01 23.96 -18.44
N GLN B 34 -18.54 25.12 -18.01
CA GLN B 34 -18.81 25.58 -16.66
C GLN B 34 -19.16 27.05 -16.65
N GLY B 35 -19.54 27.54 -15.47
CA GLY B 35 -19.89 28.94 -15.31
C GLY B 35 -21.01 29.43 -16.21
N LYS B 36 -20.64 30.11 -17.29
CA LYS B 36 -21.60 30.67 -18.22
C LYS B 36 -22.04 29.71 -19.32
N GLU B 37 -21.95 28.40 -19.09
CA GLU B 37 -22.34 27.44 -20.12
C GLU B 37 -22.75 26.07 -19.57
N GLU B 38 -22.51 25.87 -18.27
CA GLU B 38 -22.80 24.60 -17.60
C GLU B 38 -24.01 23.77 -18.05
N ALA B 39 -25.01 24.41 -18.66
CA ALA B 39 -26.18 23.65 -19.12
C ALA B 39 -25.87 22.82 -20.36
N ARG B 40 -24.87 23.23 -21.13
CA ARG B 40 -24.48 22.54 -22.36
C ARG B 40 -23.83 21.17 -22.22
N ASN B 41 -23.56 20.72 -21.00
CA ASN B 41 -22.93 19.42 -20.81
C ASN B 41 -23.88 18.29 -21.15
N HIS B 42 -25.13 18.65 -21.43
CA HIS B 42 -26.14 17.66 -21.73
C HIS B 42 -26.38 17.54 -23.23
N ALA B 43 -25.88 18.52 -23.99
CA ALA B 43 -26.03 18.51 -25.45
C ALA B 43 -25.10 17.46 -26.04
N PRO B 44 -25.51 16.81 -27.14
CA PRO B 44 -24.63 15.80 -27.73
C PRO B 44 -23.23 16.35 -28.06
N PHE B 45 -22.25 15.46 -28.09
CA PHE B 45 -20.87 15.86 -28.36
C PHE B 45 -20.64 16.55 -29.70
N GLY B 46 -21.26 16.03 -30.76
CA GLY B 46 -21.09 16.62 -32.07
C GLY B 46 -20.38 15.61 -32.95
N PHE B 47 -19.97 14.50 -32.35
CA PHE B 47 -19.28 13.42 -33.05
C PHE B 47 -19.70 12.15 -32.34
N ASP B 48 -19.44 11.01 -32.96
CA ASP B 48 -19.79 9.71 -32.40
C ASP B 48 -18.66 9.16 -31.54
N PRO B 49 -18.82 9.21 -30.20
CA PRO B 49 -17.78 8.69 -29.30
C PRO B 49 -17.43 7.23 -29.51
N LYS B 50 -18.27 6.50 -30.23
CA LYS B 50 -17.99 5.09 -30.48
C LYS B 50 -16.94 4.92 -31.58
N GLU B 51 -16.77 5.96 -32.39
CA GLU B 51 -15.79 5.91 -33.47
C GLU B 51 -14.47 6.60 -33.11
N VAL B 52 -14.30 6.90 -31.82
CA VAL B 52 -13.09 7.52 -31.32
C VAL B 52 -12.09 6.42 -30.98
N ASP B 53 -10.88 6.50 -31.53
CA ASP B 53 -9.85 5.49 -31.27
C ASP B 53 -9.11 5.67 -29.97
N ALA B 54 -8.81 6.92 -29.61
CA ALA B 54 -8.09 7.18 -28.37
C ALA B 54 -8.32 8.59 -27.87
N VAL B 55 -8.07 8.78 -26.58
CA VAL B 55 -8.23 10.06 -25.93
C VAL B 55 -6.95 10.44 -25.20
N LEU B 56 -6.55 11.71 -25.29
CA LEU B 56 -5.38 12.17 -24.56
C LEU B 56 -5.89 13.33 -23.74
N LEU B 57 -5.52 13.35 -22.45
CA LEU B 57 -5.92 14.42 -21.52
C LEU B 57 -4.70 15.24 -21.13
N THR B 58 -4.75 16.54 -21.40
CA THR B 58 -3.61 17.43 -21.13
C THR B 58 -3.36 17.71 -19.65
N HIS B 59 -4.43 17.74 -18.85
CA HIS B 59 -4.32 17.92 -17.40
C HIS B 59 -5.63 17.54 -16.74
N ALA B 60 -5.63 17.47 -15.42
CA ALA B 60 -6.80 17.02 -14.67
C ALA B 60 -8.00 17.93 -14.46
N HIS B 61 -7.86 19.24 -14.63
CA HIS B 61 -8.99 20.13 -14.40
C HIS B 61 -10.28 19.68 -15.05
N LEU B 62 -11.36 19.89 -14.32
CA LEU B 62 -12.70 19.53 -14.76
C LEU B 62 -13.05 20.10 -16.15
N ASP B 63 -12.59 21.31 -16.45
CA ASP B 63 -12.90 21.88 -17.76
C ASP B 63 -12.11 21.18 -18.86
N HIS B 64 -11.37 20.14 -18.50
CA HIS B 64 -10.64 19.36 -19.49
C HIS B 64 -10.97 17.87 -19.42
N VAL B 65 -11.48 17.43 -18.26
CA VAL B 65 -11.82 16.01 -18.09
C VAL B 65 -13.31 15.75 -17.74
N GLY B 66 -14.02 16.81 -17.39
CA GLY B 66 -15.41 16.71 -17.00
C GLY B 66 -16.40 15.89 -17.82
N ARG B 67 -16.29 15.94 -19.14
CA ARG B 67 -17.20 15.17 -19.97
C ARG B 67 -16.68 13.76 -20.28
N LEU B 68 -15.53 13.40 -19.71
CA LEU B 68 -14.98 12.08 -19.98
C LEU B 68 -16.02 10.99 -19.69
N PRO B 69 -16.61 10.98 -18.47
CA PRO B 69 -17.61 9.96 -18.14
C PRO B 69 -18.80 9.91 -19.12
N LYS B 70 -19.20 11.06 -19.64
CA LYS B 70 -20.29 11.12 -20.60
C LYS B 70 -19.88 10.37 -21.86
N LEU B 71 -18.62 10.53 -22.25
CA LEU B 71 -18.08 9.85 -23.43
C LEU B 71 -18.22 8.34 -23.30
N PHE B 72 -17.91 7.80 -22.12
CA PHE B 72 -18.03 6.36 -21.90
C PHE B 72 -19.50 5.94 -21.83
N ARG B 73 -20.31 6.75 -21.15
CA ARG B 73 -21.72 6.46 -21.05
C ARG B 73 -22.26 6.27 -22.47
N GLU B 74 -21.82 7.13 -23.39
CA GLU B 74 -22.27 7.05 -24.77
C GLU B 74 -21.64 5.99 -25.67
N GLY B 75 -20.90 5.05 -25.10
CA GLY B 75 -20.34 4.00 -25.94
C GLY B 75 -18.83 3.81 -26.03
N TYR B 76 -18.08 4.90 -26.03
CA TYR B 76 -16.62 4.81 -26.11
C TYR B 76 -16.03 3.88 -25.07
N ARG B 77 -15.17 2.97 -25.52
CA ARG B 77 -14.52 2.01 -24.64
C ARG B 77 -13.03 1.91 -24.94
N GLY B 78 -12.49 2.93 -25.59
CA GLY B 78 -11.08 2.93 -25.93
C GLY B 78 -10.21 3.41 -24.79
N PRO B 79 -8.88 3.51 -25.00
CA PRO B 79 -7.93 3.96 -23.98
C PRO B 79 -7.93 5.47 -23.74
N VAL B 80 -7.40 5.88 -22.60
CA VAL B 80 -7.33 7.29 -22.23
C VAL B 80 -5.94 7.54 -21.68
N TYR B 81 -5.12 8.28 -22.43
CA TYR B 81 -3.74 8.57 -22.02
C TYR B 81 -3.58 9.90 -21.36
N ALA B 82 -2.73 9.93 -20.34
CA ALA B 82 -2.45 11.14 -19.58
C ALA B 82 -1.23 10.86 -18.70
N THR B 83 -0.58 11.90 -18.22
CA THR B 83 0.58 11.70 -17.37
C THR B 83 0.07 11.04 -16.08
N ARG B 84 0.97 10.42 -15.33
CA ARG B 84 0.59 9.74 -14.11
C ARG B 84 -0.03 10.71 -13.10
N ALA B 85 0.59 11.89 -12.97
CA ALA B 85 0.08 12.90 -12.05
C ALA B 85 -1.36 13.23 -12.42
N THR B 86 -1.65 13.23 -13.73
CA THR B 86 -2.98 13.55 -14.19
C THR B 86 -3.96 12.44 -13.85
N VAL B 87 -3.51 11.20 -14.04
CA VAL B 87 -4.34 10.06 -13.74
C VAL B 87 -4.74 10.05 -12.27
N LEU B 88 -3.79 10.40 -11.41
CA LEU B 88 -4.03 10.44 -9.97
C LEU B 88 -4.95 11.59 -9.59
N LEU B 89 -4.68 12.78 -10.10
CA LEU B 89 -5.49 13.94 -9.79
C LEU B 89 -6.91 13.76 -10.29
N MET B 90 -7.08 13.09 -11.42
CA MET B 90 -8.41 12.88 -11.98
C MET B 90 -9.36 12.16 -11.03
N GLU B 91 -8.88 11.08 -10.45
CA GLU B 91 -9.70 10.30 -9.53
C GLU B 91 -10.31 11.24 -8.48
N ILE B 92 -9.48 12.09 -7.90
CA ILE B 92 -9.98 13.03 -6.91
C ILE B 92 -11.00 13.96 -7.55
N VAL B 93 -10.65 14.53 -8.70
CA VAL B 93 -11.52 15.47 -9.38
C VAL B 93 -12.89 14.91 -9.80
N LEU B 94 -12.88 13.77 -10.49
CA LEU B 94 -14.10 13.14 -10.97
C LEU B 94 -15.01 12.69 -9.82
N GLU B 95 -14.42 12.06 -8.79
CA GLU B 95 -15.19 11.61 -7.64
C GLU B 95 -15.89 12.80 -6.99
N ASP B 96 -15.14 13.90 -6.83
CA ASP B 96 -15.72 15.09 -6.24
C ASP B 96 -16.86 15.60 -7.11
N ALA B 97 -16.62 15.65 -8.42
CA ALA B 97 -17.64 16.11 -9.35
C ALA B 97 -18.90 15.25 -9.16
N LEU B 98 -18.70 13.96 -8.99
CA LEU B 98 -19.80 13.02 -8.80
C LEU B 98 -20.60 13.36 -7.55
N LYS B 99 -19.88 13.53 -6.44
CA LYS B 99 -20.50 13.84 -5.16
C LYS B 99 -21.29 15.15 -5.17
N VAL B 100 -20.65 16.25 -5.59
CA VAL B 100 -21.32 17.54 -5.61
C VAL B 100 -22.33 17.68 -6.74
N MET B 101 -22.18 16.86 -7.78
CA MET B 101 -23.09 16.92 -8.90
C MET B 101 -24.46 16.46 -8.43
N ASP B 102 -25.41 17.37 -8.45
CA ASP B 102 -26.78 17.10 -8.01
C ASP B 102 -27.54 16.28 -9.06
N GLU B 103 -27.76 16.88 -10.23
CA GLU B 103 -28.42 16.16 -11.32
C GLU B 103 -27.38 16.06 -12.43
N PRO B 104 -26.44 15.11 -12.28
CA PRO B 104 -25.36 14.89 -13.25
C PRO B 104 -25.83 14.39 -14.60
N PHE B 105 -24.99 14.59 -15.60
CA PHE B 105 -25.29 14.15 -16.96
C PHE B 105 -24.55 12.84 -17.18
N PHE B 106 -24.13 12.23 -16.09
CA PHE B 106 -23.44 10.94 -16.09
C PHE B 106 -23.58 10.29 -14.72
N GLY B 107 -23.49 8.97 -14.68
CA GLY B 107 -23.62 8.26 -13.41
C GLY B 107 -22.31 7.80 -12.80
N PRO B 108 -22.36 7.19 -11.61
CA PRO B 108 -21.14 6.71 -10.95
C PRO B 108 -20.47 5.56 -11.70
N GLU B 109 -21.25 4.84 -12.50
CA GLU B 109 -20.71 3.73 -13.27
C GLU B 109 -19.87 4.29 -14.43
N ASP B 110 -20.27 5.45 -14.93
CA ASP B 110 -19.57 6.10 -16.01
C ASP B 110 -18.19 6.59 -15.57
N VAL B 111 -18.10 6.95 -14.29
CA VAL B 111 -16.84 7.43 -13.73
C VAL B 111 -15.84 6.30 -13.59
N GLU B 112 -16.25 5.18 -13.01
CA GLU B 112 -15.33 4.06 -12.84
C GLU B 112 -14.91 3.46 -14.17
N GLU B 113 -15.78 3.54 -15.16
CA GLU B 113 -15.50 3.02 -16.50
C GLU B 113 -14.44 3.90 -17.17
N ALA B 114 -14.52 5.20 -16.90
CA ALA B 114 -13.60 6.17 -17.46
C ALA B 114 -12.22 6.02 -16.81
N LEU B 115 -12.20 6.03 -15.48
CA LEU B 115 -10.97 5.90 -14.73
C LEU B 115 -10.31 4.55 -14.98
N GLY B 116 -11.12 3.57 -15.38
CA GLY B 116 -10.58 2.25 -15.64
C GLY B 116 -9.81 2.15 -16.96
N HIS B 117 -10.04 3.09 -17.88
CA HIS B 117 -9.36 3.08 -19.16
C HIS B 117 -8.20 4.07 -19.21
N LEU B 118 -7.76 4.51 -18.04
CA LEU B 118 -6.66 5.45 -17.97
C LEU B 118 -5.32 4.76 -18.13
N ARG B 119 -4.57 5.19 -19.13
CA ARG B 119 -3.24 4.63 -19.37
C ARG B 119 -2.21 5.74 -19.26
N PRO B 120 -1.12 5.49 -18.51
CA PRO B 120 -0.04 6.48 -18.32
C PRO B 120 0.80 6.72 -19.57
N LEU B 121 1.11 7.98 -19.80
CA LEU B 121 1.94 8.44 -20.90
C LEU B 121 2.68 9.66 -20.34
N GLU B 122 4.00 9.62 -20.35
CA GLU B 122 4.78 10.71 -19.81
C GLU B 122 5.37 11.62 -20.89
N TYR B 123 6.04 12.68 -20.45
CA TYR B 123 6.68 13.64 -21.33
C TYR B 123 7.76 12.99 -22.17
N GLY B 124 7.74 13.23 -23.48
CA GLY B 124 8.75 12.68 -24.35
C GLY B 124 8.49 11.29 -24.88
N GLU B 125 7.54 10.58 -24.29
CA GLU B 125 7.21 9.23 -24.72
C GLU B 125 6.32 9.28 -25.94
N TRP B 126 6.57 8.40 -26.90
CA TRP B 126 5.79 8.40 -28.11
C TRP B 126 4.75 7.28 -28.16
N LEU B 127 3.55 7.66 -28.58
CA LEU B 127 2.44 6.71 -28.70
C LEU B 127 2.13 6.59 -30.18
N ARG B 128 1.93 5.36 -30.67
CA ARG B 128 1.62 5.16 -32.09
C ARG B 128 0.22 4.63 -32.35
N LEU B 129 -0.49 5.33 -33.23
CA LEU B 129 -1.85 4.96 -33.60
C LEU B 129 -1.91 4.96 -35.11
N GLY B 130 -1.82 3.76 -35.69
CA GLY B 130 -1.85 3.66 -37.12
C GLY B 130 -0.60 4.35 -37.64
N ALA B 131 -0.78 5.30 -38.55
CA ALA B 131 0.33 6.05 -39.13
C ALA B 131 0.61 7.34 -38.35
N LEU B 132 -0.05 7.46 -37.20
CA LEU B 132 0.07 8.64 -36.34
C LEU B 132 1.01 8.46 -35.16
N SER B 133 1.72 9.52 -34.80
CA SER B 133 2.64 9.46 -33.65
C SER B 133 2.33 10.63 -32.72
N LEU B 134 2.16 10.36 -31.43
CA LEU B 134 1.82 11.41 -30.47
C LEU B 134 2.72 11.44 -29.24
N ALA B 135 2.95 12.65 -28.74
CA ALA B 135 3.77 12.82 -27.55
C ALA B 135 3.36 14.07 -26.77
N PHE B 136 3.57 14.02 -25.46
CA PHE B 136 3.27 15.12 -24.55
C PHE B 136 4.51 15.98 -24.34
N GLY B 137 4.30 17.29 -24.24
CA GLY B 137 5.35 18.23 -23.95
C GLY B 137 4.99 18.90 -22.63
N GLN B 138 5.94 19.57 -21.99
CA GLN B 138 5.71 20.22 -20.70
C GLN B 138 4.93 21.52 -20.80
N ALA B 139 3.75 21.56 -20.19
CA ALA B 139 2.88 22.74 -20.26
C ALA B 139 3.04 23.69 -19.09
N GLY B 140 3.50 23.17 -17.95
CA GLY B 140 3.72 24.01 -16.78
C GLY B 140 2.46 24.63 -16.24
N HIS B 141 1.32 23.97 -16.45
CA HIS B 141 0.04 24.49 -15.99
C HIS B 141 -0.49 23.86 -14.70
N LEU B 142 -0.30 22.55 -14.54
CA LEU B 142 -0.71 21.82 -13.34
C LEU B 142 0.24 20.64 -13.24
N PRO B 143 0.37 20.05 -12.04
CA PRO B 143 1.27 18.90 -11.96
C PRO B 143 0.83 17.89 -13.02
N GLY B 144 1.74 17.53 -13.92
CA GLY B 144 1.40 16.57 -14.96
C GLY B 144 0.73 17.16 -16.18
N SER B 145 0.64 18.49 -16.25
CA SER B 145 -0.03 19.12 -17.39
C SER B 145 0.85 19.08 -18.65
N ALA B 146 0.23 18.91 -19.81
CA ALA B 146 0.99 18.82 -21.04
C ALA B 146 0.34 19.49 -22.26
N PHE B 147 1.13 19.60 -23.32
CA PHE B 147 0.63 20.09 -24.59
C PHE B 147 0.88 18.86 -25.46
N VAL B 148 0.25 18.80 -26.63
CA VAL B 148 0.37 17.65 -27.50
C VAL B 148 1.01 17.91 -28.86
N VAL B 149 1.87 16.96 -29.26
CA VAL B 149 2.54 17.02 -30.53
C VAL B 149 2.02 15.80 -31.29
N ALA B 150 1.48 16.02 -32.48
CA ALA B 150 0.94 14.93 -33.28
C ALA B 150 1.60 15.01 -34.64
N GLN B 151 2.18 13.90 -35.09
CA GLN B 151 2.86 13.87 -36.38
C GLN B 151 2.36 12.72 -37.24
N GLY B 152 2.02 13.03 -38.49
CA GLY B 152 1.55 12.01 -39.41
C GLY B 152 1.34 12.54 -40.81
N GLU B 153 1.54 11.70 -41.82
CA GLU B 153 1.32 12.12 -43.21
C GLU B 153 2.15 13.36 -43.53
N GLY B 154 3.37 13.41 -43.01
CA GLY B 154 4.23 14.56 -43.27
C GLY B 154 3.65 15.87 -42.76
N ARG B 155 2.76 15.79 -41.77
CA ARG B 155 2.14 16.98 -41.20
C ARG B 155 2.35 16.98 -39.69
N THR B 156 2.54 18.17 -39.12
CA THR B 156 2.72 18.30 -37.68
C THR B 156 1.70 19.25 -37.04
N LEU B 157 1.04 18.79 -35.99
CA LEU B 157 0.08 19.62 -35.28
C LEU B 157 0.44 19.71 -33.81
N VAL B 158 0.34 20.89 -33.23
CA VAL B 158 0.58 21.04 -31.80
C VAL B 158 -0.68 21.63 -31.17
N TYR B 159 -1.13 20.99 -30.09
CA TYR B 159 -2.29 21.44 -29.32
C TYR B 159 -1.68 21.87 -27.99
N SER B 160 -1.86 23.13 -27.62
CA SER B 160 -1.26 23.63 -26.40
C SER B 160 -1.86 23.21 -25.08
N GLY B 161 -3.13 22.79 -25.07
CA GLY B 161 -3.75 22.48 -23.81
C GLY B 161 -3.69 23.83 -23.11
N ASP B 162 -3.52 23.85 -21.80
CA ASP B 162 -3.39 25.11 -21.10
C ASP B 162 -1.90 25.33 -20.84
N LEU B 163 -1.44 26.56 -21.10
CA LEU B 163 -0.04 26.90 -20.90
C LEU B 163 0.08 27.63 -19.58
N GLY B 164 1.04 27.20 -18.76
CA GLY B 164 1.20 27.84 -17.48
C GLY B 164 1.86 29.19 -17.56
N ASN B 165 1.91 29.85 -16.41
CA ASN B 165 2.52 31.16 -16.25
C ASN B 165 3.95 30.93 -15.74
N ARG B 166 4.90 30.90 -16.68
CA ARG B 166 6.31 30.64 -16.36
C ARG B 166 6.96 31.45 -15.24
N GLU B 167 6.43 32.62 -14.93
CA GLU B 167 7.05 33.42 -13.89
C GLU B 167 6.95 32.80 -12.48
N LYS B 168 5.96 31.95 -12.27
CA LYS B 168 5.75 31.33 -10.96
C LYS B 168 6.81 30.27 -10.60
N ASP B 169 6.84 29.89 -9.33
CA ASP B 169 7.84 28.95 -8.81
C ASP B 169 7.51 27.47 -8.62
N VAL B 170 6.24 27.14 -8.37
CA VAL B 170 5.85 25.76 -8.12
C VAL B 170 5.91 24.75 -9.25
N LEU B 171 5.64 25.15 -10.48
CA LEU B 171 5.68 24.20 -11.58
C LEU B 171 6.87 24.49 -12.50
N PRO B 172 7.32 23.49 -13.27
CA PRO B 172 8.46 23.72 -14.17
C PRO B 172 8.06 24.62 -15.35
N ASP B 173 9.03 25.33 -15.92
CA ASP B 173 8.77 26.19 -17.06
C ASP B 173 8.22 25.37 -18.21
N PRO B 174 7.25 25.93 -18.96
CA PRO B 174 6.69 25.17 -20.09
C PRO B 174 7.81 24.97 -21.12
N SER B 175 7.72 23.90 -21.89
CA SER B 175 8.70 23.66 -22.94
C SER B 175 8.14 24.35 -24.19
N LEU B 176 9.04 24.80 -25.08
CA LEU B 176 8.61 25.43 -26.31
C LEU B 176 8.11 24.30 -27.20
N PRO B 177 7.23 24.61 -28.15
CA PRO B 177 6.70 23.59 -29.06
C PRO B 177 7.59 23.45 -30.28
N PRO B 178 7.45 22.34 -31.01
CA PRO B 178 8.26 22.14 -32.22
C PRO B 178 7.62 22.98 -33.31
N LEU B 179 8.29 23.15 -34.45
CA LEU B 179 7.70 23.90 -35.55
C LEU B 179 6.54 23.01 -36.02
N ALA B 180 5.36 23.60 -36.21
CA ALA B 180 4.19 22.82 -36.65
C ALA B 180 3.48 23.45 -37.82
N ASP B 181 2.80 22.63 -38.63
CA ASP B 181 2.06 23.14 -39.77
C ASP B 181 0.85 23.90 -39.23
N LEU B 182 0.48 23.58 -37.99
CA LEU B 182 -0.65 24.24 -37.33
C LEU B 182 -0.61 24.08 -35.82
N VAL B 183 -0.87 25.18 -35.13
CA VAL B 183 -0.90 25.14 -33.68
C VAL B 183 -2.30 25.53 -33.19
N LEU B 184 -2.96 24.64 -32.47
CA LEU B 184 -4.27 24.91 -31.87
C LEU B 184 -3.83 25.40 -30.49
N ALA B 185 -4.03 26.68 -30.20
CA ALA B 185 -3.58 27.24 -28.94
C ALA B 185 -4.63 28.00 -28.14
N GLU B 186 -4.43 28.06 -26.82
CA GLU B 186 -5.33 28.79 -25.93
C GLU B 186 -4.96 30.27 -25.95
N GLY B 187 -5.91 31.13 -25.61
CA GLY B 187 -5.64 32.55 -25.60
C GLY B 187 -6.32 33.24 -24.42
N THR B 188 -6.46 32.50 -23.32
CA THR B 188 -7.13 33.01 -22.12
C THR B 188 -6.78 34.46 -21.84
N TYR B 189 -5.49 34.76 -21.80
CA TYR B 189 -5.05 36.13 -21.54
C TYR B 189 -4.46 36.78 -22.80
N GLY B 190 -5.12 36.60 -23.94
CA GLY B 190 -4.63 37.18 -25.19
C GLY B 190 -4.58 38.70 -25.22
N ASP B 191 -5.26 39.35 -24.29
CA ASP B 191 -5.32 40.81 -24.23
C ASP B 191 -4.25 41.47 -23.38
N ARG B 192 -3.61 40.71 -22.49
CA ARG B 192 -2.59 41.30 -21.64
C ARG B 192 -1.66 40.37 -20.85
N PRO B 193 -0.51 40.93 -20.43
CA PRO B 193 0.47 40.16 -19.66
C PRO B 193 0.07 40.36 -18.19
N HIS B 194 0.55 39.49 -17.31
CA HIS B 194 0.21 39.63 -15.90
C HIS B 194 1.18 40.55 -15.23
N ARG B 195 0.83 40.99 -14.02
CA ARG B 195 1.76 41.81 -13.27
C ARG B 195 2.83 40.79 -12.92
N PRO B 196 4.09 41.22 -12.84
CA PRO B 196 5.20 40.31 -12.51
C PRO B 196 4.96 39.50 -11.24
N TYR B 197 5.38 38.25 -11.24
CA TYR B 197 5.19 37.39 -10.10
C TYR B 197 5.94 37.83 -8.84
N ARG B 198 7.23 38.13 -8.96
CA ARG B 198 7.99 38.55 -7.78
C ARG B 198 7.27 39.61 -6.97
N GLU B 199 6.95 40.74 -7.60
CA GLU B 199 6.27 41.79 -6.88
C GLU B 199 4.89 41.38 -6.39
N THR B 200 4.28 40.39 -7.05
CA THR B 200 2.97 39.92 -6.62
C THR B 200 3.15 39.28 -5.24
N VAL B 201 4.19 38.46 -5.10
CA VAL B 201 4.46 37.82 -3.82
C VAL B 201 4.78 38.88 -2.75
N ARG B 202 5.60 39.86 -3.14
CA ARG B 202 5.95 40.93 -2.21
C ARG B 202 4.70 41.58 -1.62
N GLU B 203 3.75 41.94 -2.47
CA GLU B 203 2.52 42.59 -2.03
C GLU B 203 1.68 41.65 -1.19
N PHE B 204 1.61 40.39 -1.62
CA PHE B 204 0.86 39.40 -0.88
C PHE B 204 1.41 39.36 0.54
N LEU B 205 2.72 39.15 0.66
CA LEU B 205 3.34 39.09 1.98
C LEU B 205 3.14 40.37 2.78
N GLU B 206 3.01 41.51 2.10
CA GLU B 206 2.79 42.78 2.78
C GLU B 206 1.37 42.83 3.31
N ILE B 207 0.45 42.19 2.58
CA ILE B 207 -0.94 42.19 3.01
C ILE B 207 -1.10 41.27 4.20
N LEU B 208 -0.38 40.16 4.19
CA LEU B 208 -0.49 39.21 5.30
C LEU B 208 0.13 39.80 6.56
N GLU B 209 1.35 40.30 6.46
CA GLU B 209 2.00 40.87 7.63
C GLU B 209 1.15 41.98 8.24
N LYS B 210 0.55 42.79 7.38
CA LYS B 210 -0.29 43.91 7.82
C LYS B 210 -1.46 43.42 8.66
N THR B 211 -2.42 42.77 8.02
CA THR B 211 -3.62 42.29 8.71
C THR B 211 -3.35 41.31 9.85
N LEU B 212 -2.46 40.35 9.65
CA LEU B 212 -2.18 39.38 10.70
C LEU B 212 -1.65 40.05 11.97
N SER B 213 -0.81 41.06 11.80
CA SER B 213 -0.24 41.76 12.93
C SER B 213 -1.27 42.62 13.68
N GLN B 214 -2.30 43.06 12.99
CA GLN B 214 -3.34 43.87 13.60
C GLN B 214 -4.46 42.95 14.06
N GLY B 215 -4.16 41.66 14.15
CA GLY B 215 -5.14 40.68 14.61
C GLY B 215 -6.31 40.40 13.68
N GLY B 216 -6.21 40.82 12.42
CA GLY B 216 -7.28 40.60 11.47
C GLY B 216 -7.22 39.25 10.78
N LYS B 217 -8.20 38.99 9.91
CA LYS B 217 -8.28 37.74 9.16
C LYS B 217 -8.00 37.94 7.68
N VAL B 218 -7.20 37.03 7.11
CA VAL B 218 -6.89 37.07 5.68
C VAL B 218 -7.77 36.03 5.01
N LEU B 219 -8.72 36.49 4.21
CA LEU B 219 -9.64 35.60 3.51
C LEU B 219 -9.17 35.45 2.07
N ILE B 220 -8.99 34.20 1.64
CA ILE B 220 -8.50 33.92 0.29
C ILE B 220 -9.30 32.88 -0.46
N PRO B 221 -10.11 33.30 -1.42
CA PRO B 221 -10.85 32.25 -2.12
C PRO B 221 -9.83 31.57 -3.05
N THR B 222 -9.86 30.25 -3.11
CA THR B 222 -8.91 29.49 -3.93
C THR B 222 -9.49 28.25 -4.58
N PHE B 223 -8.95 27.89 -5.73
CA PHE B 223 -9.39 26.67 -6.38
C PHE B 223 -8.70 25.56 -5.58
N ALA B 224 -9.34 24.41 -5.45
CA ALA B 224 -8.77 23.33 -4.67
C ALA B 224 -7.66 22.51 -5.34
N VAL B 225 -7.66 22.41 -6.66
CA VAL B 225 -6.65 21.59 -7.33
C VAL B 225 -5.18 22.03 -7.37
N GLU B 226 -4.89 23.32 -7.51
CA GLU B 226 -3.47 23.68 -7.55
C GLU B 226 -3.16 25.04 -6.92
N ARG B 227 -4.13 25.95 -7.02
CA ARG B 227 -3.95 27.30 -6.48
C ARG B 227 -3.83 27.29 -4.96
N ALA B 228 -4.66 26.52 -4.28
CA ALA B 228 -4.60 26.48 -2.81
C ALA B 228 -3.22 26.01 -2.37
N GLN B 229 -2.72 24.94 -2.98
CA GLN B 229 -1.41 24.43 -2.59
C GLN B 229 -0.29 25.40 -2.93
N GLU B 230 -0.46 26.19 -3.99
CA GLU B 230 0.59 27.13 -4.34
C GLU B 230 0.66 28.21 -3.28
N ILE B 231 -0.49 28.61 -2.76
CA ILE B 231 -0.48 29.64 -1.73
C ILE B 231 0.21 29.07 -0.47
N LEU B 232 -0.05 27.80 -0.18
CA LEU B 232 0.59 27.17 0.98
C LEU B 232 2.09 27.19 0.76
N TYR B 233 2.52 26.89 -0.46
CA TYR B 233 3.95 26.91 -0.77
C TYR B 233 4.55 28.27 -0.48
N VAL B 234 3.85 29.33 -0.89
CA VAL B 234 4.35 30.67 -0.65
C VAL B 234 4.39 30.93 0.86
N LEU B 235 3.35 30.51 1.57
CA LEU B 235 3.34 30.72 3.01
C LEU B 235 4.53 30.00 3.65
N TYR B 236 4.76 28.75 3.24
CA TYR B 236 5.84 27.94 3.77
C TYR B 236 7.23 28.53 3.52
N THR B 237 7.49 28.93 2.28
CA THR B 237 8.80 29.48 1.94
C THR B 237 9.02 30.90 2.43
N HIS B 238 8.00 31.53 3.00
CA HIS B 238 8.12 32.90 3.51
C HIS B 238 7.55 33.10 4.92
N GLY B 239 7.37 32.00 5.65
CA GLY B 239 6.83 32.10 7.00
C GLY B 239 7.86 32.58 7.99
N HIS B 240 9.12 32.67 7.55
CA HIS B 240 10.21 33.13 8.40
C HIS B 240 9.96 34.52 8.95
N ARG B 241 9.06 35.27 8.31
CA ARG B 241 8.78 36.63 8.74
C ARG B 241 7.31 36.86 9.08
N LEU B 242 6.43 36.01 8.56
CA LEU B 242 5.01 36.18 8.84
C LEU B 242 4.73 35.95 10.31
N PRO B 243 3.83 36.76 10.90
CA PRO B 243 3.47 36.62 12.31
C PRO B 243 2.74 35.30 12.55
N ARG B 244 3.06 34.63 13.64
CA ARG B 244 2.42 33.37 13.96
C ARG B 244 0.91 33.49 13.87
N ALA B 245 0.28 32.50 13.26
CA ALA B 245 -1.16 32.49 13.09
C ALA B 245 -1.54 31.18 12.42
N PRO B 246 -2.69 30.62 12.79
CA PRO B 246 -3.05 29.36 12.15
C PRO B 246 -3.43 29.63 10.70
N ILE B 247 -3.16 28.65 9.85
CA ILE B 247 -3.47 28.73 8.42
C ILE B 247 -4.49 27.63 8.17
N TYR B 248 -5.72 28.02 7.86
CA TYR B 248 -6.78 27.04 7.63
C TYR B 248 -7.11 26.79 6.17
N LEU B 249 -6.98 25.53 5.77
CA LEU B 249 -7.31 25.12 4.43
C LEU B 249 -8.72 24.57 4.62
N ASP B 250 -9.70 25.47 4.58
CA ASP B 250 -11.10 25.09 4.78
C ASP B 250 -11.66 24.49 3.49
N SER B 251 -11.13 23.34 3.11
CA SER B 251 -11.52 22.69 1.87
C SER B 251 -11.05 21.22 1.84
N PRO B 252 -12.00 20.29 2.06
CA PRO B 252 -11.67 18.86 2.05
C PRO B 252 -10.95 18.50 0.76
N MET B 253 -11.58 18.89 -0.36
CA MET B 253 -11.05 18.64 -1.69
C MET B 253 -9.57 19.05 -1.78
N ALA B 254 -9.27 20.28 -1.37
CA ALA B 254 -7.90 20.77 -1.41
C ALA B 254 -7.03 19.89 -0.51
N GLY B 255 -7.58 19.46 0.62
CA GLY B 255 -6.83 18.63 1.53
C GLY B 255 -6.45 17.33 0.86
N ARG B 256 -7.40 16.72 0.15
CA ARG B 256 -7.12 15.47 -0.55
C ARG B 256 -6.06 15.67 -1.64
N VAL B 257 -6.04 16.85 -2.26
CA VAL B 257 -5.05 17.12 -3.29
C VAL B 257 -3.68 17.35 -2.65
N LEU B 258 -3.68 18.02 -1.52
CA LEU B 258 -2.47 18.30 -0.76
C LEU B 258 -1.78 16.99 -0.37
N SER B 259 -2.56 16.05 0.16
CA SER B 259 -2.04 14.74 0.57
C SER B 259 -1.40 13.99 -0.60
N LEU B 260 -1.93 14.19 -1.79
CA LEU B 260 -1.43 13.51 -2.98
C LEU B 260 -0.13 14.07 -3.50
N TYR B 261 0.15 15.33 -3.18
CA TYR B 261 1.36 15.98 -3.68
C TYR B 261 2.69 15.30 -3.44
N PRO B 262 2.94 14.80 -2.21
CA PRO B 262 4.21 14.13 -1.95
C PRO B 262 4.51 13.02 -2.97
N ARG B 263 3.46 12.39 -3.48
CA ARG B 263 3.63 11.33 -4.48
C ARG B 263 3.84 11.88 -5.90
N LEU B 264 3.89 13.20 -6.05
CA LEU B 264 4.05 13.83 -7.36
C LEU B 264 5.28 14.72 -7.45
N VAL B 265 6.23 14.51 -6.55
CA VAL B 265 7.43 15.34 -6.51
C VAL B 265 8.10 15.59 -7.87
N ARG B 266 8.19 14.56 -8.71
CA ARG B 266 8.86 14.71 -10.00
C ARG B 266 8.14 15.62 -11.00
N TYR B 267 6.91 16.00 -10.69
CA TYR B 267 6.14 16.88 -11.57
C TYR B 267 6.24 18.33 -11.17
N PHE B 268 6.96 18.61 -10.09
CA PHE B 268 7.09 19.99 -9.64
C PHE B 268 8.39 20.53 -10.15
N SER B 269 8.59 21.84 -10.00
CA SER B 269 9.82 22.44 -10.48
C SER B 269 11.02 21.94 -9.67
N GLU B 270 12.22 22.34 -10.08
CA GLU B 270 13.44 21.94 -9.37
C GLU B 270 13.44 22.50 -7.96
N GLU B 271 13.11 23.77 -7.83
CA GLU B 271 13.09 24.42 -6.54
C GLU B 271 12.20 23.64 -5.58
N VAL B 272 11.10 23.10 -6.08
CA VAL B 272 10.21 22.34 -5.23
C VAL B 272 10.82 21.00 -4.88
N GLN B 273 11.38 20.35 -5.89
CA GLN B 273 11.99 19.06 -5.70
C GLN B 273 13.12 19.12 -4.67
N ALA B 274 13.92 20.18 -4.72
CA ALA B 274 15.02 20.34 -3.80
C ALA B 274 14.51 20.27 -2.36
N HIS B 275 13.37 20.89 -2.08
CA HIS B 275 12.81 20.85 -0.73
C HIS B 275 12.49 19.42 -0.29
N PHE B 276 11.72 18.71 -1.11
CA PHE B 276 11.37 17.34 -0.79
C PHE B 276 12.63 16.51 -0.57
N LEU B 277 13.71 16.91 -1.24
CA LEU B 277 14.97 16.21 -1.12
C LEU B 277 15.56 16.48 0.26
N GLN B 278 15.31 17.67 0.82
CA GLN B 278 15.80 18.02 2.14
C GLN B 278 15.00 17.26 3.19
N GLY B 279 14.04 16.46 2.73
CA GLY B 279 13.21 15.69 3.64
C GLY B 279 12.00 16.50 4.11
N LYS B 280 11.81 17.68 3.52
CA LYS B 280 10.70 18.56 3.87
C LYS B 280 9.58 18.60 2.81
N ASN B 281 8.37 18.87 3.27
CA ASN B 281 7.20 19.01 2.39
C ASN B 281 6.95 20.52 2.39
N PRO B 282 7.36 21.22 1.33
CA PRO B 282 7.19 22.67 1.23
C PRO B 282 5.75 23.19 1.08
N PHE B 283 4.79 22.28 1.08
CA PHE B 283 3.39 22.69 0.94
C PHE B 283 2.66 22.66 2.29
N ARG B 284 3.41 22.55 3.38
CA ARG B 284 2.81 22.51 4.71
C ARG B 284 3.39 23.53 5.69
N PRO B 285 2.99 24.80 5.58
CA PRO B 285 3.47 25.87 6.46
C PRO B 285 3.08 25.68 7.92
N ALA B 286 3.90 26.23 8.81
CA ALA B 286 3.67 26.13 10.25
C ALA B 286 2.25 26.60 10.55
N GLY B 287 1.54 25.86 11.40
CA GLY B 287 0.19 26.25 11.75
C GLY B 287 -0.89 25.76 10.80
N LEU B 288 -0.51 25.02 9.77
CA LEU B 288 -1.49 24.53 8.80
C LEU B 288 -2.54 23.65 9.47
N GLU B 289 -3.77 23.77 9.00
CA GLU B 289 -4.85 22.98 9.54
C GLU B 289 -5.83 22.74 8.39
N VAL B 290 -6.32 21.52 8.26
CA VAL B 290 -7.27 21.22 7.19
C VAL B 290 -8.64 20.99 7.85
N VAL B 291 -9.59 21.87 7.56
CA VAL B 291 -10.92 21.74 8.16
C VAL B 291 -11.78 20.82 7.32
N GLU B 292 -12.25 19.75 7.94
CA GLU B 292 -13.03 18.73 7.25
C GLU B 292 -14.53 18.96 7.20
N HIS B 293 -15.11 19.43 8.28
CA HIS B 293 -16.56 19.61 8.30
C HIS B 293 -17.08 21.01 8.51
N THR B 294 -18.38 21.16 8.28
CA THR B 294 -19.06 22.45 8.38
C THR B 294 -19.06 23.08 9.75
N GLU B 295 -19.24 22.28 10.79
CA GLU B 295 -19.26 22.84 12.14
C GLU B 295 -17.99 23.67 12.40
N ALA B 296 -16.84 23.08 12.12
CA ALA B 296 -15.58 23.78 12.34
C ALA B 296 -15.43 24.94 11.36
N SER B 297 -15.82 24.72 10.11
CA SER B 297 -15.73 25.78 9.10
C SER B 297 -16.52 26.98 9.64
N LYS B 298 -17.78 26.75 10.00
CA LYS B 298 -18.61 27.81 10.53
C LYS B 298 -17.95 28.47 11.75
N ALA B 299 -17.51 27.66 12.73
CA ALA B 299 -16.86 28.21 13.92
C ALA B 299 -15.82 29.26 13.61
N LEU B 300 -15.11 29.08 12.49
CA LEU B 300 -14.08 30.04 12.10
C LEU B 300 -14.65 31.43 11.85
N ASN B 301 -15.92 31.51 11.50
CA ASN B 301 -16.54 32.82 11.24
C ASN B 301 -16.63 33.63 12.53
N ARG B 302 -16.93 32.95 13.63
CA ARG B 302 -17.07 33.62 14.91
C ARG B 302 -15.74 33.82 15.63
N ALA B 303 -14.81 32.87 15.46
CA ALA B 303 -13.50 32.97 16.07
C ALA B 303 -12.80 34.25 15.64
N PRO B 304 -12.01 34.85 16.54
CA PRO B 304 -11.30 36.08 16.20
C PRO B 304 -9.97 35.80 15.53
N GLY B 305 -9.46 36.79 14.80
CA GLY B 305 -8.17 36.64 14.16
C GLY B 305 -7.08 36.60 15.21
N PRO B 306 -5.81 36.55 14.82
CA PRO B 306 -5.35 36.52 13.43
C PRO B 306 -5.46 35.13 12.82
N MET B 307 -5.63 35.06 11.50
CA MET B 307 -5.71 33.78 10.81
C MET B 307 -5.69 33.97 9.30
N VAL B 308 -5.35 32.90 8.59
CA VAL B 308 -5.34 32.92 7.15
C VAL B 308 -6.31 31.81 6.76
N VAL B 309 -7.30 32.13 5.92
CA VAL B 309 -8.30 31.17 5.49
C VAL B 309 -8.29 30.95 3.99
N LEU B 310 -8.23 29.68 3.58
CA LEU B 310 -8.25 29.31 2.17
C LEU B 310 -9.50 28.47 1.93
N ALA B 311 -10.38 28.93 1.04
CA ALA B 311 -11.61 28.19 0.77
C ALA B 311 -12.17 28.44 -0.61
N GLY B 312 -13.00 27.50 -1.07
CA GLY B 312 -13.63 27.65 -2.37
C GLY B 312 -15.11 27.87 -2.13
N SER B 313 -15.91 28.05 -3.19
CA SER B 313 -15.44 28.02 -4.57
C SER B 313 -14.47 29.16 -4.89
N GLY B 314 -13.48 28.85 -5.72
CA GLY B 314 -12.48 29.82 -6.12
C GLY B 314 -13.08 31.03 -6.81
N MET B 315 -14.29 30.90 -7.34
CA MET B 315 -14.93 32.03 -8.00
C MET B 315 -16.20 32.47 -7.28
N LEU B 316 -16.28 32.14 -5.99
CA LEU B 316 -17.41 32.49 -5.13
C LEU B 316 -18.77 32.04 -5.65
N ALA B 317 -18.80 30.93 -6.39
CA ALA B 317 -20.06 30.41 -6.91
C ALA B 317 -20.86 29.75 -5.80
N GLY B 318 -20.17 29.46 -4.70
CA GLY B 318 -20.80 28.83 -3.56
C GLY B 318 -19.70 28.31 -2.64
N GLY B 319 -20.04 27.43 -1.71
CA GLY B 319 -19.03 26.90 -0.83
C GLY B 319 -18.79 27.69 0.43
N ARG B 320 -17.88 27.18 1.25
CA ARG B 320 -17.55 27.77 2.55
C ARG B 320 -17.02 29.18 2.50
N ILE B 321 -16.29 29.52 1.44
CA ILE B 321 -15.77 30.87 1.34
C ILE B 321 -16.89 31.93 1.52
N LEU B 322 -18.08 31.66 1.01
CA LEU B 322 -19.18 32.62 1.14
C LEU B 322 -19.48 32.90 2.60
N HIS B 323 -19.49 31.84 3.42
CA HIS B 323 -19.74 31.99 4.84
C HIS B 323 -18.65 32.83 5.51
N HIS B 324 -17.41 32.69 5.06
CA HIS B 324 -16.31 33.46 5.61
C HIS B 324 -16.46 34.94 5.19
N LEU B 325 -16.95 35.17 3.98
CA LEU B 325 -17.13 36.54 3.51
C LEU B 325 -18.27 37.21 4.26
N LYS B 326 -19.39 36.51 4.37
CA LYS B 326 -20.55 37.01 5.08
C LYS B 326 -20.21 37.61 6.45
N HIS B 327 -19.35 36.91 7.19
CA HIS B 327 -18.96 37.33 8.52
C HIS B 327 -17.60 38.01 8.63
N GLY B 328 -16.86 38.11 7.53
CA GLY B 328 -15.56 38.75 7.62
C GLY B 328 -15.39 40.02 6.80
N LEU B 329 -16.33 40.29 5.91
CA LEU B 329 -16.24 41.49 5.06
C LEU B 329 -16.56 42.77 5.83
N SER B 330 -17.45 42.68 6.81
CA SER B 330 -17.87 43.85 7.57
C SER B 330 -16.85 44.41 8.56
N ASP B 331 -15.74 43.71 8.75
CA ASP B 331 -14.74 44.21 9.69
C ASP B 331 -13.56 44.77 8.91
N PRO B 332 -13.31 46.09 9.05
CA PRO B 332 -12.21 46.76 8.36
C PRO B 332 -10.83 46.21 8.66
N ARG B 333 -10.72 45.39 9.70
CA ARG B 333 -9.42 44.81 10.06
C ARG B 333 -9.07 43.62 9.16
N ASN B 334 -10.08 43.02 8.56
CA ASN B 334 -9.88 41.86 7.68
C ASN B 334 -9.42 42.26 6.28
N ALA B 335 -9.04 41.26 5.50
CA ALA B 335 -8.59 41.49 4.14
C ALA B 335 -8.97 40.32 3.25
N LEU B 336 -9.59 40.65 2.13
CA LEU B 336 -9.98 39.65 1.14
C LEU B 336 -8.86 39.74 0.10
N VAL B 337 -8.26 38.61 -0.24
CA VAL B 337 -7.18 38.59 -1.21
C VAL B 337 -7.50 37.60 -2.32
N PHE B 338 -7.80 38.13 -3.51
CA PHE B 338 -8.10 37.31 -4.67
C PHE B 338 -6.78 36.86 -5.29
N VAL B 339 -6.65 35.56 -5.53
CA VAL B 339 -5.44 35.01 -6.10
C VAL B 339 -5.79 34.29 -7.37
N GLY B 340 -7.03 34.48 -7.82
CA GLY B 340 -7.52 33.87 -9.03
C GLY B 340 -8.49 34.80 -9.76
N TYR B 341 -8.75 34.50 -11.03
CA TYR B 341 -9.64 35.32 -11.84
C TYR B 341 -11.11 35.22 -11.43
N GLN B 342 -11.73 36.39 -11.26
CA GLN B 342 -13.14 36.44 -10.90
C GLN B 342 -13.92 36.84 -12.14
N PRO B 343 -14.87 36.00 -12.57
CA PRO B 343 -15.66 36.31 -13.77
C PRO B 343 -16.44 37.62 -13.59
N GLN B 344 -16.88 38.19 -14.70
CA GLN B 344 -17.65 39.43 -14.63
C GLN B 344 -19.10 39.10 -14.31
N GLY B 345 -19.77 40.00 -13.60
CA GLY B 345 -21.15 39.76 -13.24
C GLY B 345 -21.31 38.72 -12.16
N GLY B 346 -20.29 38.60 -11.31
CA GLY B 346 -20.34 37.65 -10.21
C GLY B 346 -20.09 38.39 -8.91
N LEU B 347 -20.22 37.67 -7.79
CA LEU B 347 -20.00 38.26 -6.48
C LEU B 347 -18.63 38.92 -6.36
N GLY B 348 -17.60 38.30 -6.91
CA GLY B 348 -16.27 38.87 -6.83
C GLY B 348 -16.18 40.22 -7.50
N ALA B 349 -16.65 40.30 -8.74
CA ALA B 349 -16.64 41.55 -9.49
C ALA B 349 -17.39 42.59 -8.69
N GLU B 350 -18.59 42.21 -8.25
CA GLU B 350 -19.41 43.10 -7.44
C GLU B 350 -18.61 43.65 -6.27
N ILE B 351 -17.93 42.78 -5.52
CA ILE B 351 -17.13 43.20 -4.37
C ILE B 351 -16.02 44.14 -4.80
N ILE B 352 -15.34 43.79 -5.88
CA ILE B 352 -14.24 44.59 -6.38
C ILE B 352 -14.73 45.98 -6.77
N ALA B 353 -15.98 46.05 -7.25
CA ALA B 353 -16.60 47.32 -7.63
C ALA B 353 -16.67 48.22 -6.42
N ARG B 354 -16.49 47.63 -5.24
CA ARG B 354 -16.47 48.34 -3.98
C ARG B 354 -17.74 49.07 -3.56
N PRO B 355 -18.91 48.43 -3.69
CA PRO B 355 -20.14 49.11 -3.28
C PRO B 355 -20.16 49.22 -1.77
N PRO B 356 -21.10 49.99 -1.21
CA PRO B 356 -21.14 50.12 0.25
C PRO B 356 -21.47 48.81 0.94
N ALA B 357 -22.26 47.96 0.29
CA ALA B 357 -22.64 46.68 0.85
C ALA B 357 -22.82 45.64 -0.23
N VAL B 358 -22.87 44.37 0.17
CA VAL B 358 -23.06 43.28 -0.76
C VAL B 358 -24.02 42.28 -0.13
N ARG B 359 -24.77 41.56 -0.96
CA ARG B 359 -25.71 40.58 -0.45
C ARG B 359 -25.08 39.19 -0.55
N ILE B 360 -24.93 38.53 0.59
CA ILE B 360 -24.35 37.20 0.62
C ILE B 360 -25.23 36.25 1.44
N LEU B 361 -25.52 35.09 0.86
CA LEU B 361 -26.34 34.07 1.51
C LEU B 361 -27.57 34.63 2.23
N GLY B 362 -28.41 35.36 1.48
CA GLY B 362 -29.62 35.93 2.03
C GLY B 362 -29.43 37.00 3.07
N GLU B 363 -28.26 37.62 3.10
CA GLU B 363 -27.98 38.63 4.11
C GLU B 363 -27.23 39.82 3.50
N GLU B 364 -27.62 41.03 3.88
CA GLU B 364 -26.96 42.23 3.38
C GLU B 364 -25.74 42.48 4.26
N VAL B 365 -24.54 42.43 3.68
CA VAL B 365 -23.32 42.61 4.46
C VAL B 365 -22.42 43.78 4.06
N PRO B 366 -22.17 44.70 5.01
CA PRO B 366 -21.34 45.90 4.84
C PRO B 366 -19.95 45.55 4.37
N LEU B 367 -19.46 46.26 3.36
CA LEU B 367 -18.13 46.02 2.84
C LEU B 367 -17.09 46.99 3.40
N ARG B 368 -16.40 46.58 4.48
CA ARG B 368 -15.38 47.43 5.11
C ARG B 368 -13.96 46.87 5.00
N ALA B 369 -13.83 45.54 5.00
CA ALA B 369 -12.51 44.91 4.90
C ALA B 369 -11.81 45.34 3.61
N SER B 370 -10.49 45.37 3.63
CA SER B 370 -9.75 45.76 2.44
C SER B 370 -9.83 44.63 1.41
N VAL B 371 -9.82 45.01 0.14
CA VAL B 371 -9.89 44.06 -0.96
C VAL B 371 -8.68 44.16 -1.87
N HIS B 372 -8.13 43.01 -2.25
CA HIS B 372 -6.95 42.97 -3.08
C HIS B 372 -7.08 41.93 -4.17
N THR B 373 -6.57 42.27 -5.35
CA THR B 373 -6.61 41.41 -6.51
C THR B 373 -5.18 41.22 -6.97
N LEU B 374 -4.71 39.98 -6.93
CA LEU B 374 -3.35 39.71 -7.36
C LEU B 374 -3.38 38.79 -8.57
N GLY B 375 -3.51 39.41 -9.75
CA GLY B 375 -3.56 38.65 -10.99
C GLY B 375 -2.24 37.94 -11.24
N GLY B 376 -1.20 38.38 -10.55
CA GLY B 376 0.09 37.75 -10.71
C GLY B 376 0.08 36.26 -10.41
N PHE B 377 -0.86 35.78 -9.58
CA PHE B 377 -0.93 34.35 -9.23
C PHE B 377 -1.59 33.50 -10.31
N SER B 378 -1.95 34.11 -11.43
CA SER B 378 -2.58 33.40 -12.53
C SER B 378 -1.79 32.17 -12.95
N GLY B 379 -2.47 31.09 -13.28
CA GLY B 379 -1.78 29.90 -13.71
C GLY B 379 -1.76 29.71 -15.22
N HIS B 380 -1.98 30.81 -15.94
CA HIS B 380 -2.02 30.82 -17.40
C HIS B 380 -0.97 31.78 -17.96
N ALA B 381 -0.36 31.40 -19.08
CA ALA B 381 0.61 32.28 -19.71
C ALA B 381 -0.05 33.62 -20.07
N GLY B 382 0.61 34.71 -19.76
CA GLY B 382 0.12 36.04 -20.09
C GLY B 382 0.33 36.24 -21.58
N GLN B 383 -0.20 37.35 -22.13
CA GLN B 383 -0.10 37.64 -23.56
C GLN B 383 1.33 37.54 -24.07
N ASP B 384 2.26 38.18 -23.37
CA ASP B 384 3.67 38.15 -23.73
C ASP B 384 4.20 36.72 -23.82
N GLU B 385 3.86 35.89 -22.84
CA GLU B 385 4.33 34.51 -22.84
C GLU B 385 3.63 33.69 -23.92
N LEU B 386 2.40 34.07 -24.24
CA LEU B 386 1.65 33.37 -25.27
C LEU B 386 2.33 33.66 -26.60
N LEU B 387 2.79 34.90 -26.77
CA LEU B 387 3.50 35.30 -27.99
C LEU B 387 4.83 34.58 -28.11
N ASP B 388 5.58 34.52 -27.01
CA ASP B 388 6.88 33.84 -27.02
C ASP B 388 6.71 32.38 -27.37
N TRP B 389 5.69 31.75 -26.80
CA TRP B 389 5.46 30.32 -27.05
C TRP B 389 5.09 29.99 -28.49
N LEU B 390 4.42 30.95 -29.14
CA LEU B 390 3.99 30.78 -30.53
C LEU B 390 4.97 31.38 -31.54
N GLN B 391 6.02 32.03 -31.07
CA GLN B 391 7.01 32.61 -31.97
C GLN B 391 7.38 31.64 -33.09
N GLY B 392 7.42 32.15 -34.32
CA GLY B 392 7.79 31.34 -35.48
C GLY B 392 6.81 30.33 -36.03
N GLU B 393 5.63 30.18 -35.44
CA GLU B 393 4.68 29.20 -35.97
C GLU B 393 3.87 29.86 -37.09
N PRO B 394 3.85 29.25 -38.29
CA PRO B 394 3.12 29.82 -39.43
C PRO B 394 1.60 29.92 -39.34
N ARG B 395 0.95 28.90 -38.78
CA ARG B 395 -0.51 28.89 -38.67
C ARG B 395 -1.01 28.58 -37.27
N VAL B 396 -1.82 29.50 -36.74
CA VAL B 396 -2.40 29.36 -35.41
C VAL B 396 -3.94 29.46 -35.39
N VAL B 397 -4.57 28.54 -34.67
CA VAL B 397 -6.03 28.52 -34.50
C VAL B 397 -6.27 28.65 -33.01
N LEU B 398 -6.87 29.77 -32.61
CA LEU B 398 -7.12 30.04 -31.21
C LEU B 398 -8.42 29.48 -30.62
N VAL B 399 -8.32 29.08 -29.35
CA VAL B 399 -9.42 28.54 -28.58
C VAL B 399 -9.20 28.93 -27.12
N HIS B 400 -10.10 28.47 -26.26
CA HIS B 400 -9.95 28.72 -24.83
C HIS B 400 -9.75 30.19 -24.46
N GLY B 401 -10.76 31.00 -24.75
CA GLY B 401 -10.69 32.41 -24.41
C GLY B 401 -11.88 33.18 -24.94
N GLU B 402 -12.22 34.28 -24.29
CA GLU B 402 -13.33 35.11 -24.74
C GLU B 402 -12.94 35.69 -26.10
N GLU B 403 -13.92 35.79 -26.99
CA GLU B 403 -13.72 36.30 -28.35
C GLU B 403 -12.79 37.52 -28.44
N GLU B 404 -13.02 38.51 -27.60
CA GLU B 404 -12.23 39.72 -27.60
C GLU B 404 -10.78 39.47 -27.17
N LYS B 405 -10.60 38.61 -26.17
CA LYS B 405 -9.25 38.29 -25.70
C LYS B 405 -8.51 37.60 -26.83
N LEU B 406 -9.23 36.72 -27.53
CA LEU B 406 -8.68 35.98 -28.65
C LEU B 406 -8.36 36.88 -29.84
N LEU B 407 -9.21 37.88 -30.08
CA LEU B 407 -9.03 38.82 -31.18
C LEU B 407 -7.83 39.72 -30.88
N ALA B 408 -7.63 40.05 -29.60
CA ALA B 408 -6.52 40.89 -29.20
C ALA B 408 -5.19 40.17 -29.47
N LEU B 409 -5.16 38.87 -29.23
CA LEU B 409 -3.94 38.08 -29.46
C LEU B 409 -3.80 37.88 -30.96
N GLY B 410 -4.90 37.51 -31.61
CA GLY B 410 -4.89 37.29 -33.05
C GLY B 410 -4.38 38.48 -33.84
N LYS B 411 -4.77 39.68 -33.42
CA LYS B 411 -4.32 40.88 -34.09
C LYS B 411 -2.80 40.94 -34.09
N LEU B 412 -2.19 40.69 -32.93
CA LEU B 412 -0.72 40.73 -32.82
C LEU B 412 -0.04 39.62 -33.59
N LEU B 413 -0.64 38.43 -33.61
CA LEU B 413 -0.05 37.33 -34.34
C LEU B 413 -0.08 37.66 -35.84
N ALA B 414 -1.22 38.22 -36.29
CA ALA B 414 -1.42 38.62 -37.68
C ALA B 414 -0.37 39.64 -38.07
N LEU B 415 -0.15 40.63 -37.21
CA LEU B 415 0.86 41.63 -37.48
C LEU B 415 2.27 41.04 -37.51
N ARG B 416 2.46 39.88 -36.88
CA ARG B 416 3.79 39.27 -36.89
C ARG B 416 3.92 38.38 -38.11
N GLY B 417 2.88 38.38 -38.95
CA GLY B 417 2.93 37.56 -40.15
C GLY B 417 2.47 36.14 -39.99
N GLN B 418 1.85 35.83 -38.86
CA GLN B 418 1.35 34.48 -38.61
C GLN B 418 -0.13 34.42 -39.00
N GLU B 419 -0.52 33.36 -39.71
CA GLU B 419 -1.92 33.19 -40.12
C GLU B 419 -2.72 32.69 -38.94
N VAL B 420 -3.73 33.47 -38.53
CA VAL B 420 -4.55 33.12 -37.38
C VAL B 420 -6.05 33.22 -37.59
N SER B 421 -6.79 32.44 -36.81
CA SER B 421 -8.24 32.44 -36.86
C SER B 421 -8.74 32.00 -35.50
N LEU B 422 -10.01 32.29 -35.21
CA LEU B 422 -10.62 31.86 -33.96
C LEU B 422 -11.42 30.61 -34.34
N ALA B 423 -11.10 29.49 -33.70
CA ALA B 423 -11.79 28.24 -33.96
C ALA B 423 -13.31 28.42 -33.85
N ARG B 424 -14.06 27.65 -34.63
CA ARG B 424 -15.52 27.71 -34.60
C ARG B 424 -15.98 26.30 -34.26
N PHE B 425 -16.90 26.19 -33.31
CA PHE B 425 -17.40 24.88 -32.89
C PHE B 425 -17.79 24.02 -34.08
N GLY B 426 -17.37 22.76 -34.04
CA GLY B 426 -17.69 21.83 -35.11
C GLY B 426 -17.11 22.10 -36.48
N GLU B 427 -16.33 23.16 -36.64
CA GLU B 427 -15.73 23.46 -37.94
C GLU B 427 -14.29 22.97 -38.05
N GLY B 428 -14.14 21.80 -38.68
CA GLY B 428 -12.83 21.21 -38.83
C GLY B 428 -11.82 22.08 -39.54
N VAL B 429 -10.57 22.01 -39.09
CA VAL B 429 -9.49 22.78 -39.68
C VAL B 429 -8.41 21.86 -40.25
N PRO B 430 -8.14 21.98 -41.56
CA PRO B 430 -7.11 21.18 -42.26
C PRO B 430 -5.72 21.53 -41.77
N VAL B 431 -4.91 20.51 -41.48
CA VAL B 431 -3.56 20.77 -40.99
C VAL B 431 -2.57 20.78 -42.16
N MET C 1 16.44 16.69 -46.15
CA MET C 1 17.01 16.18 -44.88
C MET C 1 17.93 14.98 -45.15
N ARG C 2 19.20 15.11 -44.74
CA ARG C 2 20.19 14.06 -44.93
C ARG C 2 21.00 13.84 -43.65
N ILE C 3 21.28 12.58 -43.35
CA ILE C 3 22.09 12.23 -42.19
C ILE C 3 23.36 11.59 -42.74
N VAL C 4 24.52 12.08 -42.30
CA VAL C 4 25.80 11.54 -42.77
C VAL C 4 26.60 10.80 -41.69
N PRO C 5 26.76 9.49 -41.83
CA PRO C 5 27.53 8.74 -40.83
C PRO C 5 29.01 9.11 -40.86
N PHE C 6 29.56 9.45 -39.70
CA PHE C 6 30.98 9.81 -39.60
C PHE C 6 31.65 9.05 -38.46
N GLY C 7 31.16 7.85 -38.20
CA GLY C 7 31.71 7.02 -37.15
C GLY C 7 30.70 5.93 -36.88
N ALA C 8 31.13 4.88 -36.18
CA ALA C 8 30.24 3.78 -35.85
C ALA C 8 29.63 3.13 -37.10
N ALA C 9 30.31 3.28 -38.23
CA ALA C 9 29.85 2.66 -39.48
C ALA C 9 30.54 1.31 -39.60
N ARG C 10 29.76 0.24 -39.58
CA ARG C 10 30.30 -1.12 -39.69
C ARG C 10 31.24 -1.42 -38.52
N GLU C 11 31.18 -0.58 -37.49
CA GLU C 11 32.00 -0.75 -36.29
C GLU C 11 31.23 -0.16 -35.12
N VAL C 12 31.71 -0.40 -33.90
CA VAL C 12 31.02 0.12 -32.72
C VAL C 12 31.44 1.47 -32.12
N THR C 13 32.67 1.91 -32.37
CA THR C 13 33.14 3.17 -31.80
C THR C 13 33.15 4.37 -32.78
N GLY C 14 33.38 5.56 -32.23
CA GLY C 14 33.44 6.77 -33.04
C GLY C 14 32.13 7.48 -33.37
N SER C 15 31.02 7.00 -32.81
CA SER C 15 29.70 7.61 -33.04
C SER C 15 29.67 9.11 -33.28
N ALA C 16 29.24 9.51 -34.47
CA ALA C 16 29.14 10.91 -34.85
C ALA C 16 28.42 10.90 -36.18
N HIS C 17 27.23 11.50 -36.22
CA HIS C 17 26.45 11.53 -37.44
C HIS C 17 26.00 12.96 -37.68
N LEU C 18 26.35 13.48 -38.83
CA LEU C 18 26.03 14.85 -39.19
C LEU C 18 24.67 14.94 -39.86
N LEU C 19 23.77 15.71 -39.24
CA LEU C 19 22.43 15.88 -39.77
C LEU C 19 22.36 17.18 -40.54
N LEU C 20 21.92 17.10 -41.79
CA LEU C 20 21.81 18.29 -42.62
C LEU C 20 20.32 18.50 -42.91
N ALA C 21 19.75 19.54 -42.31
CA ALA C 21 18.33 19.84 -42.46
C ALA C 21 17.91 21.17 -41.83
N GLY C 22 16.77 21.70 -42.26
CA GLY C 22 16.27 22.96 -41.73
C GLY C 22 17.18 24.11 -42.08
N GLY C 23 18.19 23.85 -42.91
CA GLY C 23 19.14 24.87 -43.30
C GLY C 23 20.17 24.97 -42.18
N ARG C 24 20.45 23.82 -41.57
CA ARG C 24 21.37 23.73 -40.47
C ARG C 24 22.20 22.44 -40.50
N ARG C 25 23.29 22.41 -39.76
CA ARG C 25 24.12 21.22 -39.69
C ARG C 25 24.22 20.88 -38.22
N VAL C 26 23.65 19.75 -37.86
CA VAL C 26 23.65 19.32 -36.48
C VAL C 26 24.35 18.00 -36.30
N LEU C 27 25.30 17.98 -35.37
CA LEU C 27 26.11 16.80 -35.10
C LEU C 27 25.44 15.96 -34.02
N LEU C 28 25.14 14.72 -34.35
CA LEU C 28 24.54 13.81 -33.40
C LEU C 28 25.66 12.93 -32.84
N ASP C 29 26.11 13.28 -31.65
CA ASP C 29 27.20 12.58 -30.95
C ASP C 29 28.56 12.94 -31.54
N CYS C 30 29.60 12.76 -30.74
CA CYS C 30 30.97 13.09 -31.16
C CYS C 30 31.95 12.22 -30.35
N GLY C 31 31.79 10.90 -30.49
CA GLY C 31 32.61 9.95 -29.77
C GLY C 31 33.94 9.60 -30.41
N MET C 32 34.86 9.15 -29.57
CA MET C 32 36.20 8.79 -30.04
C MET C 32 36.24 7.35 -30.45
N PHE C 33 37.19 7.03 -31.32
CA PHE C 33 37.39 5.65 -31.76
C PHE C 33 38.19 5.04 -30.62
N GLN C 34 37.98 3.76 -30.35
CA GLN C 34 38.70 3.12 -29.26
C GLN C 34 39.34 1.79 -29.63
N GLY C 35 40.25 1.36 -28.78
CA GLY C 35 40.94 0.10 -29.00
C GLY C 35 41.84 0.17 -30.22
N LYS C 36 41.60 -0.77 -31.13
CA LYS C 36 42.36 -0.91 -32.36
C LYS C 36 42.25 0.30 -33.29
N GLU C 37 41.19 1.10 -33.09
CA GLU C 37 40.97 2.26 -33.93
C GLU C 37 41.39 3.59 -33.31
N GLU C 38 41.90 3.55 -32.09
CA GLU C 38 42.30 4.76 -31.37
C GLU C 38 43.07 5.77 -32.23
N ALA C 39 43.99 5.30 -33.06
CA ALA C 39 44.78 6.19 -33.91
C ALA C 39 43.95 7.13 -34.78
N ARG C 40 42.75 6.69 -35.16
CA ARG C 40 41.89 7.53 -35.98
C ARG C 40 41.44 8.80 -35.26
N ASN C 41 41.56 8.82 -33.93
CA ASN C 41 41.19 9.98 -33.15
C ASN C 41 42.08 11.16 -33.50
N HIS C 42 43.23 10.87 -34.11
CA HIS C 42 44.19 11.91 -34.48
C HIS C 42 44.06 12.30 -35.94
N ALA C 43 43.04 11.79 -36.61
CA ALA C 43 42.82 12.09 -38.01
C ALA C 43 41.61 13.00 -38.16
N PRO C 44 41.39 13.55 -39.36
CA PRO C 44 40.25 14.43 -39.63
C PRO C 44 38.88 13.85 -39.33
N PHE C 45 37.90 14.73 -39.12
CA PHE C 45 36.51 14.33 -38.83
C PHE C 45 35.82 13.83 -40.07
N GLY C 46 36.09 14.49 -41.19
CA GLY C 46 35.44 14.16 -42.44
C GLY C 46 34.59 15.35 -42.82
N PHE C 47 34.47 16.30 -41.89
CA PHE C 47 33.68 17.53 -42.09
C PHE C 47 34.30 18.69 -41.32
N ASP C 48 34.02 19.92 -41.77
CA ASP C 48 34.54 21.12 -41.14
C ASP C 48 33.77 21.46 -39.86
N PRO C 49 34.42 21.32 -38.70
CA PRO C 49 33.80 21.61 -37.39
C PRO C 49 33.28 23.03 -37.25
N LYS C 50 33.84 23.96 -38.02
CA LYS C 50 33.40 25.35 -37.95
C LYS C 50 32.03 25.57 -38.57
N GLU C 51 31.66 24.70 -39.51
CA GLU C 51 30.38 24.84 -40.18
C GLU C 51 29.24 24.13 -39.44
N VAL C 52 29.55 23.55 -38.29
CA VAL C 52 28.53 22.86 -37.48
C VAL C 52 27.78 23.89 -36.64
N ASP C 53 26.45 23.79 -36.64
CA ASP C 53 25.61 24.73 -35.89
C ASP C 53 25.33 24.32 -34.46
N ALA C 54 25.20 23.02 -34.23
CA ALA C 54 24.89 22.55 -32.88
C ALA C 54 25.27 21.09 -32.73
N VAL C 55 25.36 20.64 -31.49
CA VAL C 55 25.69 19.26 -31.21
C VAL C 55 24.73 18.68 -30.17
N LEU C 56 24.32 17.44 -30.36
CA LEU C 56 23.47 16.76 -29.42
C LEU C 56 24.21 15.48 -28.99
N LEU C 57 24.38 15.31 -27.69
CA LEU C 57 25.07 14.17 -27.12
C LEU C 57 24.00 13.28 -26.51
N THR C 58 23.93 12.02 -26.97
CA THR C 58 22.93 11.09 -26.48
C THR C 58 23.23 10.49 -25.10
N HIS C 59 24.51 10.47 -24.72
CA HIS C 59 24.91 9.99 -23.41
C HIS C 59 26.37 10.31 -23.11
N ALA C 60 26.80 10.04 -21.88
CA ALA C 60 28.16 10.39 -21.45
C ALA C 60 29.35 9.56 -21.90
N HIS C 61 29.15 8.29 -22.26
CA HIS C 61 30.27 7.45 -22.67
C HIS C 61 31.25 8.08 -23.66
N LEU C 62 32.53 7.77 -23.45
CA LEU C 62 33.62 8.29 -24.29
C LEU C 62 33.44 8.03 -25.78
N ASP C 63 32.89 6.87 -26.13
CA ASP C 63 32.71 6.57 -27.54
C ASP C 63 31.54 7.35 -28.14
N HIS C 64 31.05 8.35 -27.40
CA HIS C 64 29.98 9.20 -27.86
C HIS C 64 30.31 10.67 -27.60
N VAL C 65 31.26 10.93 -26.70
CA VAL C 65 31.68 12.30 -26.39
C VAL C 65 33.20 12.50 -26.49
N GLY C 66 33.95 11.39 -26.52
CA GLY C 66 35.40 11.45 -26.59
C GLY C 66 36.06 12.43 -27.57
N ARG C 67 35.47 12.66 -28.72
CA ARG C 67 36.09 13.61 -29.65
C ARG C 67 35.56 15.04 -29.49
N LEU C 68 34.62 15.26 -28.57
CA LEU C 68 34.07 16.61 -28.40
C LEU C 68 35.14 17.68 -28.22
N PRO C 69 36.14 17.44 -27.34
CA PRO C 69 37.18 18.47 -27.17
C PRO C 69 38.01 18.69 -28.44
N LYS C 70 38.06 17.68 -29.29
CA LYS C 70 38.79 17.79 -30.54
C LYS C 70 38.01 18.74 -31.43
N LEU C 71 36.68 18.61 -31.37
CA LEU C 71 35.77 19.44 -32.17
C LEU C 71 36.03 20.93 -31.90
N PHE C 72 36.15 21.30 -30.64
CA PHE C 72 36.43 22.67 -30.27
C PHE C 72 37.85 23.05 -30.68
N ARG C 73 38.80 22.16 -30.39
CA ARG C 73 40.18 22.39 -30.74
C ARG C 73 40.29 22.83 -32.20
N GLU C 74 39.39 22.32 -33.04
CA GLU C 74 39.42 22.66 -34.46
C GLU C 74 38.53 23.84 -34.89
N GLY C 75 38.01 24.59 -33.92
CA GLY C 75 37.20 25.74 -34.28
C GLY C 75 35.76 25.87 -33.78
N TYR C 76 35.06 24.76 -33.65
CA TYR C 76 33.68 24.82 -33.18
C TYR C 76 33.56 25.57 -31.87
N ARG C 77 32.53 26.40 -31.76
CA ARG C 77 32.28 27.20 -30.56
C ARG C 77 30.78 27.30 -30.27
N GLY C 78 29.99 26.42 -30.89
CA GLY C 78 28.56 26.45 -30.70
C GLY C 78 28.07 25.67 -29.51
N PRO C 79 26.74 25.61 -29.30
CA PRO C 79 26.15 24.87 -28.17
C PRO C 79 26.29 23.38 -28.32
N VAL C 80 26.18 22.68 -27.19
CA VAL C 80 26.28 21.23 -27.14
C VAL C 80 25.16 20.80 -26.21
N TYR C 81 24.09 20.23 -26.76
CA TYR C 81 22.98 19.84 -25.91
C TYR C 81 23.00 18.42 -25.40
N ALA C 82 22.58 18.25 -24.15
CA ALA C 82 22.53 16.95 -23.52
C ALA C 82 21.73 17.06 -22.23
N THR C 83 21.24 15.93 -21.72
CA THR C 83 20.49 15.95 -20.47
C THR C 83 21.42 16.38 -19.35
N ARG C 84 20.85 16.79 -18.22
CA ARG C 84 21.65 17.23 -17.08
C ARG C 84 22.56 16.10 -16.60
N ALA C 85 22.00 14.89 -16.52
CA ALA C 85 22.76 13.74 -16.09
C ALA C 85 24.01 13.58 -16.98
N THR C 86 23.80 13.61 -18.28
CA THR C 86 24.91 13.48 -19.21
C THR C 86 25.93 14.60 -19.03
N VAL C 87 25.46 15.81 -18.74
CA VAL C 87 26.36 16.93 -18.56
C VAL C 87 27.28 16.75 -17.33
N LEU C 88 26.75 16.15 -16.27
CA LEU C 88 27.55 15.95 -15.08
C LEU C 88 28.54 14.81 -15.26
N LEU C 89 28.06 13.67 -15.73
CA LEU C 89 28.90 12.51 -15.96
C LEU C 89 30.05 12.86 -16.88
N MET C 90 29.76 13.67 -17.88
CA MET C 90 30.72 14.12 -18.87
C MET C 90 31.94 14.81 -18.27
N GLU C 91 31.70 15.65 -17.27
CA GLU C 91 32.80 16.37 -16.62
C GLU C 91 33.78 15.36 -16.06
N ILE C 92 33.25 14.29 -15.49
CA ILE C 92 34.08 13.24 -14.93
C ILE C 92 34.83 12.50 -16.03
N VAL C 93 34.07 11.95 -16.96
CA VAL C 93 34.63 11.18 -18.08
C VAL C 93 35.70 11.94 -18.87
N LEU C 94 35.44 13.20 -19.18
CA LEU C 94 36.40 14.00 -19.95
C LEU C 94 37.66 14.40 -19.17
N GLU C 95 37.53 14.66 -17.88
CA GLU C 95 38.69 15.02 -17.07
C GLU C 95 39.59 13.80 -16.95
N ASP C 96 38.97 12.65 -16.69
CA ASP C 96 39.67 11.39 -16.56
C ASP C 96 40.41 11.04 -17.84
N ALA C 97 39.78 11.30 -18.98
CA ALA C 97 40.39 11.00 -20.27
C ALA C 97 41.60 11.88 -20.49
N LEU C 98 41.46 13.16 -20.14
CA LEU C 98 42.55 14.13 -20.30
C LEU C 98 43.80 13.72 -19.52
N LYS C 99 43.60 13.23 -18.31
CA LYS C 99 44.71 12.81 -17.45
C LYS C 99 45.18 11.39 -17.79
N VAL C 100 44.30 10.42 -17.57
CA VAL C 100 44.59 9.02 -17.83
C VAL C 100 44.49 8.66 -19.31
N MET C 101 45.31 9.27 -20.15
CA MET C 101 45.26 8.96 -21.58
C MET C 101 46.65 8.72 -22.16
N ASP C 102 46.69 7.87 -23.20
CA ASP C 102 47.93 7.53 -23.87
C ASP C 102 48.44 8.72 -24.67
N GLU C 103 48.06 8.77 -25.94
CA GLU C 103 48.48 9.87 -26.81
C GLU C 103 47.30 10.80 -27.07
N PRO C 104 47.21 11.88 -26.29
CA PRO C 104 46.16 12.89 -26.39
C PRO C 104 46.05 13.61 -27.72
N PHE C 105 44.84 13.70 -28.24
CA PHE C 105 44.59 14.39 -29.50
C PHE C 105 43.90 15.72 -29.19
N PHE C 106 43.86 16.05 -27.89
CA PHE C 106 43.28 17.30 -27.39
C PHE C 106 43.86 17.66 -26.02
N GLY C 107 43.91 18.95 -25.71
CA GLY C 107 44.44 19.38 -24.43
C GLY C 107 43.42 19.81 -23.39
N PRO C 108 43.90 20.30 -22.23
CA PRO C 108 43.06 20.76 -21.12
C PRO C 108 42.17 21.95 -21.46
N GLU C 109 42.74 22.89 -22.21
CA GLU C 109 41.99 24.08 -22.61
C GLU C 109 40.82 23.62 -23.50
N ASP C 110 41.08 22.59 -24.30
CA ASP C 110 40.06 22.05 -25.20
C ASP C 110 38.89 21.47 -24.39
N VAL C 111 39.21 20.77 -23.32
CA VAL C 111 38.19 20.17 -22.49
C VAL C 111 37.33 21.21 -21.77
N GLU C 112 37.97 22.17 -21.12
CA GLU C 112 37.23 23.19 -20.40
C GLU C 112 36.32 23.95 -21.38
N GLU C 113 36.82 24.16 -22.60
CA GLU C 113 36.07 24.85 -23.64
C GLU C 113 34.79 24.07 -23.95
N ALA C 114 34.94 22.77 -24.18
CA ALA C 114 33.82 21.88 -24.49
C ALA C 114 32.81 21.88 -23.35
N LEU C 115 33.27 21.59 -22.14
CA LEU C 115 32.38 21.56 -20.98
C LEU C 115 31.77 22.95 -20.82
N GLY C 116 32.44 23.95 -21.42
CA GLY C 116 31.98 25.31 -21.34
C GLY C 116 30.82 25.69 -22.25
N HIS C 117 30.41 24.80 -23.13
CA HIS C 117 29.30 25.08 -24.03
C HIS C 117 28.14 24.14 -23.81
N LEU C 118 28.24 23.32 -22.78
CA LEU C 118 27.17 22.37 -22.47
C LEU C 118 25.91 23.06 -21.99
N ARG C 119 24.80 22.79 -22.68
CA ARG C 119 23.49 23.33 -22.32
C ARG C 119 22.54 22.18 -22.09
N PRO C 120 21.73 22.25 -21.03
CA PRO C 120 20.79 21.18 -20.74
C PRO C 120 19.58 21.10 -21.67
N LEU C 121 19.14 19.87 -21.92
CA LEU C 121 17.97 19.60 -22.75
C LEU C 121 17.47 18.29 -22.18
N GLU C 122 16.23 18.27 -21.69
CA GLU C 122 15.69 17.06 -21.09
C GLU C 122 14.75 16.27 -22.00
N TYR C 123 14.31 15.12 -21.50
CA TYR C 123 13.42 14.26 -22.27
C TYR C 123 12.13 14.98 -22.63
N GLY C 124 11.85 15.05 -23.93
CA GLY C 124 10.62 15.70 -24.37
C GLY C 124 10.62 17.20 -24.61
N GLU C 125 11.71 17.89 -24.30
CA GLU C 125 11.73 19.33 -24.57
C GLU C 125 12.11 19.47 -26.03
N TRP C 126 11.57 20.48 -26.69
CA TRP C 126 11.87 20.69 -28.09
C TRP C 126 12.86 21.81 -28.32
N LEU C 127 13.84 21.53 -29.17
CA LEU C 127 14.87 22.50 -29.52
C LEU C 127 14.62 22.92 -30.95
N ARG C 128 14.74 24.22 -31.22
CA ARG C 128 14.55 24.72 -32.57
C ARG C 128 15.79 25.43 -33.09
N LEU C 129 16.20 25.04 -34.29
CA LEU C 129 17.36 25.61 -34.97
C LEU C 129 16.87 25.76 -36.39
N GLY C 130 16.86 26.98 -36.89
CA GLY C 130 16.38 27.18 -38.24
C GLY C 130 15.00 26.54 -38.32
N ALA C 131 14.75 25.78 -39.38
CA ALA C 131 13.47 25.13 -39.58
C ALA C 131 13.49 23.67 -39.13
N LEU C 132 14.32 23.37 -38.16
CA LEU C 132 14.43 22.01 -37.65
C LEU C 132 14.00 21.91 -36.18
N SER C 133 13.29 20.84 -35.84
CA SER C 133 12.85 20.65 -34.47
C SER C 133 13.42 19.35 -33.91
N LEU C 134 14.00 19.42 -32.72
CA LEU C 134 14.62 18.24 -32.09
C LEU C 134 14.23 18.02 -30.63
N ALA C 135 14.08 16.75 -30.28
CA ALA C 135 13.73 16.35 -28.92
C ALA C 135 14.38 15.00 -28.57
N PHE C 136 14.70 14.82 -27.30
CA PHE C 136 15.31 13.60 -26.79
C PHE C 136 14.24 12.62 -26.34
N GLY C 137 14.51 11.33 -26.52
CA GLY C 137 13.58 10.30 -26.08
C GLY C 137 14.37 9.51 -25.05
N GLN C 138 13.68 8.75 -24.20
CA GLN C 138 14.37 7.96 -23.18
C GLN C 138 14.97 6.72 -23.80
N ALA C 139 16.29 6.58 -23.66
CA ALA C 139 17.01 5.43 -24.21
C ALA C 139 17.22 4.35 -23.17
N GLY C 140 17.32 4.77 -21.89
CA GLY C 140 17.52 3.82 -20.80
C GLY C 140 18.79 3.00 -20.93
N HIS C 141 19.85 3.63 -21.42
CA HIS C 141 21.13 2.97 -21.62
C HIS C 141 22.13 3.44 -20.57
N LEU C 142 21.94 4.65 -20.09
CA LEU C 142 22.85 5.22 -19.11
C LEU C 142 22.12 6.39 -18.46
N PRO C 143 22.45 6.72 -17.21
CA PRO C 143 21.74 7.85 -16.61
C PRO C 143 21.81 9.03 -17.58
N GLY C 144 20.66 9.46 -18.08
CA GLY C 144 20.62 10.58 -19.02
C GLY C 144 20.69 10.22 -20.50
N SER C 145 20.72 8.92 -20.80
CA SER C 145 20.81 8.45 -22.19
C SER C 145 19.54 8.72 -22.97
N ALA C 146 19.70 9.05 -24.25
CA ALA C 146 18.54 9.35 -25.10
C ALA C 146 18.74 9.03 -26.57
N PHE C 147 17.62 9.03 -27.30
CA PHE C 147 17.68 8.84 -28.74
C PHE C 147 17.17 10.19 -29.26
N VAL C 148 17.35 10.44 -30.55
CA VAL C 148 16.96 11.72 -31.10
C VAL C 148 15.83 11.71 -32.12
N VAL C 149 14.89 12.64 -31.95
CA VAL C 149 13.80 12.78 -32.88
C VAL C 149 14.07 14.12 -33.58
N ALA C 150 14.13 14.08 -34.90
CA ALA C 150 14.39 15.30 -35.66
C ALA C 150 13.28 15.44 -36.68
N GLN C 151 12.57 16.57 -36.63
CA GLN C 151 11.48 16.84 -37.55
C GLN C 151 11.79 18.09 -38.32
N GLY C 152 11.69 17.99 -39.64
CA GLY C 152 11.93 19.13 -40.50
C GLY C 152 11.56 18.85 -41.96
N GLU C 153 11.18 19.91 -42.67
CA GLU C 153 10.84 19.82 -44.09
C GLU C 153 9.78 18.73 -44.38
N GLY C 154 8.89 18.50 -43.43
CA GLY C 154 7.86 17.49 -43.62
C GLY C 154 8.37 16.07 -43.48
N ARG C 155 9.59 15.91 -43.01
CA ARG C 155 10.19 14.58 -42.84
C ARG C 155 10.61 14.32 -41.39
N THR C 156 10.70 13.05 -41.02
CA THR C 156 11.06 12.68 -39.65
C THR C 156 12.20 11.66 -39.54
N LEU C 157 13.19 12.00 -38.74
CA LEU C 157 14.35 11.12 -38.52
C LEU C 157 14.51 10.75 -37.06
N VAL C 158 14.88 9.49 -36.82
CA VAL C 158 15.13 9.06 -35.47
C VAL C 158 16.51 8.45 -35.40
N TYR C 159 17.30 8.91 -34.44
CA TYR C 159 18.63 8.37 -34.21
C TYR C 159 18.55 7.74 -32.82
N SER C 160 18.83 6.46 -32.76
CA SER C 160 18.73 5.72 -31.50
C SER C 160 19.79 5.98 -30.45
N GLY C 161 20.98 6.39 -30.88
CA GLY C 161 22.04 6.54 -29.90
C GLY C 161 22.19 5.09 -29.44
N ASP C 162 22.37 4.86 -28.16
CA ASP C 162 22.46 3.48 -27.68
C ASP C 162 21.19 3.12 -26.93
N LEU C 163 20.56 2.03 -27.34
CA LEU C 163 19.34 1.55 -26.69
C LEU C 163 19.76 0.69 -25.51
N GLY C 164 19.19 0.93 -24.34
CA GLY C 164 19.54 0.15 -23.17
C GLY C 164 18.95 -1.26 -23.13
N ASN C 165 19.29 -1.98 -22.07
CA ASN C 165 18.80 -3.34 -21.86
C ASN C 165 17.61 -3.19 -20.92
N ARG C 166 16.40 -3.27 -21.45
CA ARG C 166 15.20 -3.09 -20.66
C ARG C 166 15.02 -4.07 -19.51
N GLU C 167 15.47 -5.30 -19.70
CA GLU C 167 15.32 -6.31 -18.66
C GLU C 167 15.96 -5.94 -17.32
N LYS C 168 17.10 -5.24 -17.35
CA LYS C 168 17.76 -4.86 -16.09
C LYS C 168 16.88 -3.99 -15.21
N ASP C 169 17.36 -3.61 -14.02
CA ASP C 169 16.54 -2.85 -13.09
C ASP C 169 16.90 -1.43 -12.63
N VAL C 170 18.18 -1.07 -12.68
CA VAL C 170 18.56 0.27 -12.21
C VAL C 170 18.19 1.46 -13.09
N LEU C 171 17.97 1.22 -14.38
CA LEU C 171 17.60 2.30 -15.29
C LEU C 171 16.18 2.16 -15.86
N PRO C 172 15.53 3.30 -16.12
CA PRO C 172 14.17 3.27 -16.68
C PRO C 172 14.15 2.62 -18.05
N ASP C 173 13.03 2.01 -18.39
CA ASP C 173 12.89 1.35 -19.68
C ASP C 173 12.98 2.32 -20.86
N PRO C 174 13.50 1.85 -22.00
CA PRO C 174 13.62 2.68 -23.19
C PRO C 174 12.21 2.96 -23.72
N SER C 175 11.97 4.19 -24.17
CA SER C 175 10.68 4.57 -24.72
C SER C 175 10.69 4.22 -26.20
N LEU C 176 9.53 3.90 -26.78
CA LEU C 176 9.46 3.56 -28.19
C LEU C 176 9.57 4.83 -29.05
N PRO C 177 10.12 4.73 -30.26
CA PRO C 177 10.27 5.86 -31.17
C PRO C 177 9.01 6.19 -31.97
N PRO C 178 8.94 7.40 -32.55
CA PRO C 178 7.76 7.74 -33.33
C PRO C 178 7.93 7.11 -34.71
N LEU C 179 6.84 6.96 -35.45
CA LEU C 179 6.93 6.42 -36.79
C LEU C 179 7.81 7.40 -37.56
N ALA C 180 8.92 6.93 -38.11
CA ALA C 180 9.82 7.83 -38.81
C ALA C 180 10.13 7.43 -40.25
N ASP C 181 10.44 8.44 -41.07
CA ASP C 181 10.79 8.19 -42.46
C ASP C 181 12.08 7.41 -42.51
N LEU C 182 12.96 7.69 -41.56
CA LEU C 182 14.24 7.01 -41.49
C LEU C 182 14.70 6.87 -40.05
N VAL C 183 15.14 5.68 -39.70
CA VAL C 183 15.64 5.44 -38.36
C VAL C 183 17.09 4.97 -38.48
N LEU C 184 18.00 5.73 -37.89
CA LEU C 184 19.42 5.39 -37.88
C LEU C 184 19.52 4.69 -36.52
N ALA C 185 19.73 3.37 -36.52
CA ALA C 185 19.79 2.63 -35.26
C ALA C 185 21.04 1.81 -35.05
N GLU C 186 21.30 1.48 -33.78
CA GLU C 186 22.44 0.68 -33.41
C GLU C 186 22.06 -0.80 -33.48
N GLY C 187 23.05 -1.65 -33.65
CA GLY C 187 22.77 -3.08 -33.73
C GLY C 187 23.86 -3.90 -33.07
N THR C 188 24.47 -3.31 -32.05
CA THR C 188 25.55 -3.97 -31.31
C THR C 188 25.30 -5.48 -31.16
N TYR C 189 24.11 -5.85 -30.68
CA TYR C 189 23.75 -7.25 -30.50
C TYR C 189 22.68 -7.71 -31.47
N GLY C 190 22.73 -7.23 -32.71
CA GLY C 190 21.74 -7.61 -33.70
C GLY C 190 21.85 -9.05 -34.15
N ASP C 191 22.71 -9.81 -33.48
CA ASP C 191 22.91 -11.21 -33.83
C ASP C 191 22.17 -12.14 -32.89
N ARG C 192 21.82 -11.64 -31.70
CA ARG C 192 21.11 -12.47 -30.74
C ARG C 192 20.73 -11.74 -29.45
N PRO C 193 19.80 -12.33 -28.67
CA PRO C 193 19.35 -11.74 -27.41
C PRO C 193 20.30 -12.12 -26.27
N HIS C 194 20.23 -11.38 -25.16
CA HIS C 194 21.09 -11.69 -24.03
C HIS C 194 20.41 -12.78 -23.23
N ARG C 195 21.12 -13.32 -22.23
CA ARG C 195 20.53 -14.32 -21.37
C ARG C 195 19.63 -13.52 -20.44
N PRO C 196 18.40 -13.99 -20.20
CA PRO C 196 17.46 -13.28 -19.32
C PRO C 196 18.13 -12.77 -18.05
N TYR C 197 17.88 -11.50 -17.74
CA TYR C 197 18.45 -10.86 -16.55
C TYR C 197 18.19 -11.67 -15.31
N ARG C 198 16.94 -12.13 -15.16
CA ARG C 198 16.51 -12.93 -14.01
C ARG C 198 17.56 -13.95 -13.58
N GLU C 199 17.61 -15.06 -14.33
CA GLU C 199 18.55 -16.15 -14.06
C GLU C 199 19.97 -15.66 -13.85
N THR C 200 20.38 -14.64 -14.60
CA THR C 200 21.71 -14.09 -14.49
C THR C 200 21.96 -13.59 -13.06
N VAL C 201 21.01 -12.85 -12.51
CA VAL C 201 21.14 -12.33 -11.15
C VAL C 201 21.36 -13.46 -10.17
N ARG C 202 20.42 -14.41 -10.13
CA ARG C 202 20.54 -15.55 -9.22
C ARG C 202 21.90 -16.21 -9.39
N GLU C 203 22.22 -16.59 -10.62
CA GLU C 203 23.50 -17.24 -10.91
C GLU C 203 24.67 -16.39 -10.44
N PHE C 204 24.52 -15.08 -10.48
CA PHE C 204 25.57 -14.16 -10.03
C PHE C 204 25.67 -14.31 -8.52
N LEU C 205 24.52 -14.41 -7.86
CA LEU C 205 24.46 -14.54 -6.41
C LEU C 205 25.07 -15.87 -5.99
N GLU C 206 24.70 -16.93 -6.68
CA GLU C 206 25.23 -18.25 -6.37
C GLU C 206 26.75 -18.18 -6.32
N ILE C 207 27.33 -17.62 -7.37
CA ILE C 207 28.77 -17.46 -7.47
C ILE C 207 29.36 -16.65 -6.32
N LEU C 208 28.59 -15.68 -5.81
CA LEU C 208 29.05 -14.84 -4.72
C LEU C 208 29.26 -15.62 -3.42
N GLU C 209 28.24 -16.34 -2.97
CA GLU C 209 28.34 -17.12 -1.74
C GLU C 209 29.36 -18.24 -1.90
N LYS C 210 29.08 -19.15 -2.81
CA LYS C 210 29.95 -20.30 -3.09
C LYS C 210 31.42 -20.00 -2.82
N THR C 211 31.96 -19.00 -3.51
CA THR C 211 33.36 -18.62 -3.36
C THR C 211 33.67 -17.94 -2.02
N LEU C 212 32.93 -16.89 -1.70
CA LEU C 212 33.15 -16.16 -0.45
C LEU C 212 33.11 -17.08 0.76
N SER C 213 32.24 -18.09 0.73
CA SER C 213 32.12 -19.03 1.82
C SER C 213 33.43 -19.78 2.06
N GLN C 214 34.02 -20.30 0.98
CA GLN C 214 35.28 -21.03 1.07
C GLN C 214 36.47 -20.06 1.14
N GLY C 215 36.21 -18.87 1.68
CA GLY C 215 37.25 -17.86 1.81
C GLY C 215 37.89 -17.44 0.50
N GLY C 216 37.21 -17.70 -0.61
CA GLY C 216 37.74 -17.32 -1.91
C GLY C 216 37.36 -15.90 -2.26
N LYS C 217 38.08 -15.32 -3.22
CA LYS C 217 37.81 -13.96 -3.66
C LYS C 217 36.93 -13.97 -4.92
N VAL C 218 36.37 -12.82 -5.25
CA VAL C 218 35.55 -12.69 -6.43
C VAL C 218 35.95 -11.40 -7.11
N LEU C 219 36.76 -11.51 -8.15
CA LEU C 219 37.23 -10.34 -8.89
C LEU C 219 36.31 -10.05 -10.08
N ILE C 220 35.77 -8.84 -10.11
CA ILE C 220 34.86 -8.44 -11.17
C ILE C 220 35.33 -7.21 -11.94
N PRO C 221 35.87 -7.42 -13.16
CA PRO C 221 36.35 -6.30 -13.96
C PRO C 221 35.11 -5.53 -14.44
N THR C 222 35.03 -4.24 -14.10
CA THR C 222 33.88 -3.44 -14.47
C THR C 222 34.22 -2.05 -14.99
N PHE C 223 33.27 -1.46 -15.72
CA PHE C 223 33.44 -0.12 -16.25
C PHE C 223 33.07 0.84 -15.13
N ALA C 224 33.79 1.95 -15.05
CA ALA C 224 33.57 2.93 -13.99
C ALA C 224 32.37 3.86 -14.14
N VAL C 225 31.77 3.93 -15.32
CA VAL C 225 30.65 4.84 -15.52
C VAL C 225 29.32 4.38 -14.93
N GLU C 226 28.80 3.23 -15.36
CA GLU C 226 27.52 2.80 -14.82
C GLU C 226 27.49 1.33 -14.42
N ARG C 227 28.28 0.51 -15.11
CA ARG C 227 28.31 -0.92 -14.84
C ARG C 227 28.84 -1.20 -13.42
N ALA C 228 29.72 -0.34 -12.94
CA ALA C 228 30.30 -0.50 -11.61
C ALA C 228 29.26 -0.30 -10.51
N GLN C 229 28.72 0.91 -10.43
CA GLN C 229 27.73 1.23 -9.41
C GLN C 229 26.44 0.44 -9.58
N GLU C 230 26.36 -0.37 -10.64
CA GLU C 230 25.17 -1.19 -10.83
C GLU C 230 25.34 -2.47 -10.04
N ILE C 231 26.50 -3.11 -10.20
CA ILE C 231 26.78 -4.34 -9.46
C ILE C 231 26.62 -4.04 -7.98
N LEU C 232 26.99 -2.83 -7.57
CA LEU C 232 26.86 -2.42 -6.18
C LEU C 232 25.39 -2.49 -5.79
N TYR C 233 24.54 -1.93 -6.65
CA TYR C 233 23.11 -1.93 -6.43
C TYR C 233 22.62 -3.36 -6.22
N VAL C 234 23.02 -4.26 -7.12
CA VAL C 234 22.61 -5.65 -7.03
C VAL C 234 23.09 -6.25 -5.71
N LEU C 235 24.37 -6.08 -5.41
CA LEU C 235 24.94 -6.60 -4.17
C LEU C 235 24.15 -6.08 -2.97
N TYR C 236 23.73 -4.82 -3.05
CA TYR C 236 22.98 -4.21 -1.96
C TYR C 236 21.59 -4.82 -1.80
N THR C 237 20.81 -4.79 -2.88
CA THR C 237 19.45 -5.32 -2.85
C THR C 237 19.37 -6.84 -2.69
N HIS C 238 20.52 -7.49 -2.56
CA HIS C 238 20.55 -8.93 -2.40
C HIS C 238 21.61 -9.39 -1.41
N GLY C 239 21.99 -8.50 -0.49
CA GLY C 239 22.99 -8.83 0.50
C GLY C 239 22.43 -9.46 1.75
N HIS C 240 21.11 -9.41 1.90
CA HIS C 240 20.43 -9.98 3.05
C HIS C 240 20.64 -11.50 3.14
N ARG C 241 21.46 -12.04 2.23
CA ARG C 241 21.73 -13.47 2.21
C ARG C 241 23.13 -13.79 1.71
N LEU C 242 23.97 -12.77 1.60
CA LEU C 242 25.35 -12.97 1.14
C LEU C 242 26.31 -13.00 2.32
N PRO C 243 27.27 -13.93 2.29
CA PRO C 243 28.27 -14.08 3.36
C PRO C 243 29.12 -12.83 3.55
N ARG C 244 29.12 -12.31 4.77
CA ARG C 244 29.87 -11.11 5.12
C ARG C 244 31.26 -11.07 4.49
N ALA C 245 31.50 -10.03 3.69
CA ALA C 245 32.77 -9.84 3.01
C ALA C 245 32.88 -8.40 2.53
N PRO C 246 34.03 -7.74 2.80
CA PRO C 246 34.23 -6.35 2.38
C PRO C 246 34.28 -6.18 0.87
N ILE C 247 33.27 -5.51 0.32
CA ILE C 247 33.18 -5.27 -1.12
C ILE C 247 34.10 -4.10 -1.48
N TYR C 248 35.04 -4.33 -2.39
CA TYR C 248 35.96 -3.27 -2.77
C TYR C 248 35.69 -2.66 -4.15
N LEU C 249 35.79 -1.34 -4.20
CA LEU C 249 35.60 -0.59 -5.44
C LEU C 249 36.94 0.08 -5.72
N ASP C 250 37.86 -0.69 -6.29
CA ASP C 250 39.20 -0.21 -6.59
C ASP C 250 39.24 0.66 -7.85
N SER C 251 38.48 1.74 -7.84
CA SER C 251 38.46 2.62 -8.99
C SER C 251 38.08 4.04 -8.61
N PRO C 252 39.06 4.96 -8.65
CA PRO C 252 38.79 6.36 -8.30
C PRO C 252 37.70 6.91 -9.22
N MET C 253 37.79 6.58 -10.50
CA MET C 253 36.82 7.03 -11.49
C MET C 253 35.43 6.55 -11.12
N ALA C 254 35.30 5.24 -10.90
CA ALA C 254 34.02 4.64 -10.52
C ALA C 254 33.56 5.20 -9.19
N GLY C 255 34.53 5.67 -8.40
CA GLY C 255 34.22 6.25 -7.12
C GLY C 255 33.54 7.59 -7.28
N ARG C 256 34.14 8.46 -8.08
CA ARG C 256 33.58 9.79 -8.33
C ARG C 256 32.17 9.68 -8.92
N VAL C 257 31.96 8.70 -9.79
CA VAL C 257 30.67 8.50 -10.41
C VAL C 257 29.64 8.09 -9.37
N LEU C 258 30.02 7.14 -8.52
CA LEU C 258 29.14 6.65 -7.46
C LEU C 258 28.72 7.79 -6.56
N SER C 259 29.60 8.79 -6.43
CA SER C 259 29.35 9.95 -5.59
C SER C 259 28.39 10.95 -6.23
N LEU C 260 28.19 10.81 -7.55
CA LEU C 260 27.30 11.72 -8.26
C LEU C 260 25.88 11.17 -8.35
N TYR C 261 25.76 9.85 -8.34
CA TYR C 261 24.46 9.19 -8.45
C TYR C 261 23.34 9.75 -7.57
N PRO C 262 23.66 10.15 -6.32
CA PRO C 262 22.64 10.70 -5.42
C PRO C 262 22.14 12.07 -5.90
N ARG C 263 22.88 12.66 -6.83
CA ARG C 263 22.56 13.97 -7.38
C ARG C 263 21.84 13.81 -8.73
N LEU C 264 21.62 12.56 -9.13
CA LEU C 264 20.96 12.22 -10.40
C LEU C 264 19.77 11.27 -10.18
N VAL C 265 19.10 11.44 -9.06
CA VAL C 265 17.97 10.59 -8.69
C VAL C 265 16.87 10.37 -9.74
N ARG C 266 16.40 11.45 -10.36
CA ARG C 266 15.33 11.37 -11.35
C ARG C 266 15.63 10.59 -12.65
N TYR C 267 16.90 10.33 -12.90
CA TYR C 267 17.30 9.63 -14.12
C TYR C 267 17.33 8.11 -13.97
N PHE C 268 17.11 7.62 -12.76
CA PHE C 268 17.12 6.17 -12.53
C PHE C 268 15.71 5.62 -12.66
N SER C 269 15.58 4.30 -12.62
CA SER C 269 14.27 3.67 -12.71
C SER C 269 13.49 3.98 -11.44
N GLU C 270 12.23 3.54 -11.39
CA GLU C 270 11.42 3.78 -10.20
C GLU C 270 11.96 3.00 -9.03
N GLU C 271 12.21 1.71 -9.25
CA GLU C 271 12.74 0.83 -8.21
C GLU C 271 13.91 1.50 -7.49
N VAL C 272 14.70 2.27 -8.23
CA VAL C 272 15.84 2.95 -7.66
C VAL C 272 15.43 4.24 -6.94
N GLN C 273 14.41 4.91 -7.46
CA GLN C 273 13.94 6.14 -6.84
C GLN C 273 13.14 5.82 -5.58
N ALA C 274 12.84 4.55 -5.40
CA ALA C 274 12.10 4.07 -4.24
C ALA C 274 13.05 3.94 -3.07
N HIS C 275 14.19 3.29 -3.30
CA HIS C 275 15.20 3.10 -2.27
C HIS C 275 15.78 4.45 -1.86
N PHE C 276 15.72 5.40 -2.78
CA PHE C 276 16.22 6.75 -2.53
C PHE C 276 15.20 7.48 -1.67
N LEU C 277 13.92 7.17 -1.88
CA LEU C 277 12.83 7.77 -1.14
C LEU C 277 12.94 7.38 0.33
N GLN C 278 13.27 6.10 0.58
CA GLN C 278 13.42 5.57 1.93
C GLN C 278 14.69 6.07 2.59
N GLY C 279 15.17 7.23 2.14
CA GLY C 279 16.39 7.80 2.71
C GLY C 279 17.59 6.87 2.78
N LYS C 280 17.85 6.17 1.68
CA LYS C 280 19.00 5.26 1.62
C LYS C 280 19.59 5.20 0.21
N ASN C 281 20.91 5.14 0.14
CA ASN C 281 21.63 5.07 -1.13
C ASN C 281 21.83 3.59 -1.48
N PRO C 282 20.98 3.06 -2.39
CA PRO C 282 21.05 1.66 -2.81
C PRO C 282 22.29 1.30 -3.62
N PHE C 283 23.22 2.24 -3.75
CA PHE C 283 24.45 2.00 -4.50
C PHE C 283 25.64 1.89 -3.56
N ARG C 284 25.38 2.05 -2.26
CA ARG C 284 26.41 1.94 -1.23
C ARG C 284 26.09 0.80 -0.26
N PRO C 285 26.30 -0.46 -0.70
CA PRO C 285 26.02 -1.62 0.14
C PRO C 285 26.90 -1.69 1.38
N ALA C 286 26.51 -2.53 2.32
CA ALA C 286 27.25 -2.69 3.57
C ALA C 286 28.65 -3.23 3.32
N GLY C 287 29.66 -2.52 3.80
CA GLY C 287 31.04 -2.95 3.61
C GLY C 287 31.79 -2.23 2.52
N LEU C 288 31.05 -1.63 1.59
CA LEU C 288 31.66 -0.90 0.46
C LEU C 288 32.89 -0.12 0.88
N GLU C 289 33.93 -0.20 0.06
CA GLU C 289 35.18 0.50 0.33
C GLU C 289 35.72 1.16 -0.94
N VAL C 290 35.87 2.48 -0.91
CA VAL C 290 36.37 3.22 -2.07
C VAL C 290 37.88 3.38 -2.02
N VAL C 291 38.58 2.53 -2.76
CA VAL C 291 40.03 2.57 -2.81
C VAL C 291 40.50 3.74 -3.65
N GLU C 292 41.30 4.62 -3.04
CA GLU C 292 41.82 5.79 -3.75
C GLU C 292 43.24 5.59 -4.27
N HIS C 293 44.22 5.80 -3.40
CA HIS C 293 45.62 5.66 -3.77
C HIS C 293 45.95 4.25 -4.25
N THR C 294 47.06 4.13 -4.97
CA THR C 294 47.49 2.84 -5.50
C THR C 294 48.02 1.93 -4.38
N GLU C 295 48.54 2.54 -3.32
CA GLU C 295 49.08 1.79 -2.19
C GLU C 295 48.05 0.86 -1.55
N ALA C 296 46.94 1.44 -1.12
CA ALA C 296 45.86 0.65 -0.51
C ALA C 296 45.35 -0.34 -1.55
N SER C 297 45.52 0.02 -2.82
CA SER C 297 45.10 -0.81 -3.93
C SER C 297 46.05 -1.99 -4.07
N LYS C 298 47.32 -1.75 -3.77
CA LYS C 298 48.34 -2.79 -3.83
C LYS C 298 48.13 -3.70 -2.62
N ALA C 299 47.78 -3.09 -1.50
CA ALA C 299 47.55 -3.80 -0.25
C ALA C 299 46.48 -4.89 -0.37
N LEU C 300 45.61 -4.75 -1.37
CA LEU C 300 44.54 -5.72 -1.56
C LEU C 300 45.02 -7.01 -2.23
N ASN C 301 46.16 -6.93 -2.91
CA ASN C 301 46.73 -8.10 -3.58
C ASN C 301 47.28 -9.08 -2.56
N ARG C 302 47.47 -8.60 -1.34
CA ARG C 302 48.02 -9.43 -0.25
C ARG C 302 46.93 -9.95 0.68
N ALA C 303 46.03 -9.07 1.11
CA ALA C 303 44.94 -9.47 2.02
C ALA C 303 44.17 -10.65 1.44
N PRO C 304 43.96 -11.71 2.26
CA PRO C 304 43.24 -12.91 1.83
C PRO C 304 41.73 -12.71 1.79
N GLY C 305 41.04 -13.62 1.11
CA GLY C 305 39.60 -13.51 1.02
C GLY C 305 38.92 -13.83 2.34
N PRO C 306 37.58 -13.86 2.39
CA PRO C 306 36.70 -13.61 1.24
C PRO C 306 36.41 -12.12 1.01
N MET C 307 36.61 -11.66 -0.23
CA MET C 307 36.35 -10.27 -0.59
C MET C 307 36.03 -10.15 -2.09
N VAL C 308 35.02 -9.34 -2.40
CA VAL C 308 34.61 -9.11 -3.78
C VAL C 308 35.26 -7.81 -4.28
N VAL C 309 35.97 -7.91 -5.38
CA VAL C 309 36.65 -6.73 -5.94
C VAL C 309 36.10 -6.34 -7.31
N LEU C 310 36.00 -5.03 -7.51
CA LEU C 310 35.52 -4.46 -8.77
C LEU C 310 36.57 -3.44 -9.22
N ALA C 311 37.11 -3.61 -10.42
CA ALA C 311 38.12 -2.69 -10.92
C ALA C 311 38.17 -2.65 -12.44
N GLY C 312 38.88 -1.66 -12.97
CA GLY C 312 39.01 -1.52 -14.40
C GLY C 312 40.47 -1.65 -14.81
N SER C 313 40.78 -1.54 -16.11
CA SER C 313 39.79 -1.28 -17.16
C SER C 313 38.74 -2.38 -17.21
N GLY C 314 37.52 -2.01 -17.63
CA GLY C 314 36.44 -2.96 -17.72
C GLY C 314 36.68 -4.06 -18.73
N MET C 315 37.58 -3.82 -19.67
CA MET C 315 37.90 -4.80 -20.70
C MET C 315 39.35 -5.28 -20.58
N LEU C 316 39.90 -5.19 -19.37
CA LEU C 316 41.26 -5.62 -19.08
C LEU C 316 42.32 -4.95 -19.96
N ALA C 317 41.99 -3.78 -20.49
CA ALA C 317 42.92 -3.03 -21.34
C ALA C 317 44.12 -2.61 -20.52
N GLY C 318 43.88 -2.41 -19.23
CA GLY C 318 44.93 -2.00 -18.32
C GLY C 318 44.32 -1.88 -16.93
N GLY C 319 44.49 -0.73 -16.31
CA GLY C 319 43.92 -0.52 -14.99
C GLY C 319 44.44 -1.44 -13.90
N ARG C 320 43.84 -1.32 -12.71
CA ARG C 320 44.23 -2.11 -11.56
C ARG C 320 43.69 -3.53 -11.57
N ILE C 321 42.61 -3.76 -12.31
CA ILE C 321 42.01 -5.08 -12.41
C ILE C 321 43.06 -6.12 -12.81
N LEU C 322 44.07 -5.67 -13.53
CA LEU C 322 45.15 -6.55 -13.97
C LEU C 322 45.96 -7.05 -12.79
N HIS C 323 46.28 -6.15 -11.87
CA HIS C 323 47.06 -6.51 -10.69
C HIS C 323 46.33 -7.59 -9.91
N HIS C 324 45.01 -7.45 -9.78
CA HIS C 324 44.21 -8.42 -9.05
C HIS C 324 44.14 -9.77 -9.76
N LEU C 325 44.14 -9.77 -11.09
CA LEU C 325 44.10 -11.01 -11.85
C LEU C 325 45.47 -11.69 -11.83
N LYS C 326 46.50 -10.87 -11.66
CA LYS C 326 47.89 -11.34 -11.60
C LYS C 326 48.16 -12.15 -10.32
N HIS C 327 47.32 -11.94 -9.31
CA HIS C 327 47.48 -12.64 -8.03
C HIS C 327 46.28 -13.48 -7.62
N GLY C 328 45.22 -13.50 -8.42
CA GLY C 328 44.03 -14.27 -8.04
C GLY C 328 43.66 -15.47 -8.88
N LEU C 329 44.08 -15.47 -10.14
CA LEU C 329 43.75 -16.59 -11.04
C LEU C 329 44.52 -17.87 -10.73
N SER C 330 45.59 -17.76 -9.95
CA SER C 330 46.40 -18.91 -9.60
C SER C 330 45.84 -19.71 -8.41
N ASP C 331 44.82 -19.17 -7.76
CA ASP C 331 44.19 -19.83 -6.62
C ASP C 331 42.83 -20.41 -7.01
N PRO C 332 42.65 -21.72 -6.83
CA PRO C 332 41.40 -22.43 -7.16
C PRO C 332 40.17 -21.99 -6.37
N ARG C 333 40.39 -21.31 -5.24
CA ARG C 333 39.27 -20.84 -4.42
C ARG C 333 38.65 -19.57 -4.99
N ASN C 334 39.40 -18.87 -5.85
CA ASN C 334 38.91 -17.63 -6.46
C ASN C 334 37.98 -17.92 -7.64
N ALA C 335 37.26 -16.89 -8.06
CA ALA C 335 36.34 -16.98 -9.19
C ALA C 335 36.26 -15.62 -9.91
N LEU C 336 36.50 -15.64 -11.21
CA LEU C 336 36.44 -14.42 -12.00
C LEU C 336 35.08 -14.34 -12.67
N VAL C 337 34.45 -13.17 -12.59
CA VAL C 337 33.14 -12.98 -13.21
C VAL C 337 33.12 -11.79 -14.16
N PHE C 338 32.79 -12.07 -15.42
CA PHE C 338 32.70 -11.04 -16.44
C PHE C 338 31.27 -10.53 -16.48
N VAL C 339 31.11 -9.22 -16.26
CA VAL C 339 29.80 -8.59 -16.27
C VAL C 339 29.60 -7.75 -17.51
N GLY C 340 30.65 -7.65 -18.33
CA GLY C 340 30.57 -6.87 -19.55
C GLY C 340 31.33 -7.54 -20.67
N TYR C 341 30.84 -7.35 -21.90
CA TYR C 341 31.45 -7.93 -23.08
C TYR C 341 32.96 -7.77 -23.14
N GLN C 342 33.63 -8.85 -23.53
CA GLN C 342 35.08 -8.84 -23.67
C GLN C 342 35.43 -9.06 -25.13
N PRO C 343 36.21 -8.15 -25.72
CA PRO C 343 36.60 -8.29 -27.12
C PRO C 343 37.44 -9.52 -27.39
N GLN C 344 37.28 -10.09 -28.58
CA GLN C 344 38.05 -11.26 -28.97
C GLN C 344 39.47 -10.75 -29.27
N GLY C 345 40.47 -11.48 -28.81
CA GLY C 345 41.85 -11.06 -29.05
C GLY C 345 42.36 -10.20 -27.91
N GLY C 346 41.73 -10.33 -26.75
CA GLY C 346 42.14 -9.56 -25.58
C GLY C 346 42.48 -10.52 -24.46
N LEU C 347 42.86 -9.98 -23.31
CA LEU C 347 43.20 -10.82 -22.17
C LEU C 347 41.96 -11.58 -21.70
N GLY C 348 40.79 -10.99 -21.94
CA GLY C 348 39.56 -11.62 -21.54
C GLY C 348 39.20 -12.81 -22.43
N ALA C 349 39.52 -12.68 -23.72
CA ALA C 349 39.25 -13.75 -24.68
C ALA C 349 40.15 -14.94 -24.40
N GLU C 350 41.34 -14.68 -23.87
CA GLU C 350 42.32 -15.71 -23.54
C GLU C 350 41.83 -16.50 -22.33
N ILE C 351 41.47 -15.79 -21.27
CA ILE C 351 40.99 -16.41 -20.05
C ILE C 351 39.74 -17.26 -20.31
N ILE C 352 38.78 -16.70 -21.04
CA ILE C 352 37.55 -17.42 -21.35
C ILE C 352 37.86 -18.69 -22.12
N ALA C 353 39.01 -18.71 -22.78
CA ALA C 353 39.42 -19.89 -23.54
C ALA C 353 39.83 -21.00 -22.57
N ARG C 354 40.06 -20.60 -21.32
CA ARG C 354 40.43 -21.53 -20.25
C ARG C 354 41.70 -22.34 -20.53
N PRO C 355 42.84 -21.65 -20.72
CA PRO C 355 44.12 -22.32 -21.00
C PRO C 355 44.82 -22.73 -19.69
N PRO C 356 46.00 -23.36 -19.79
CA PRO C 356 46.72 -23.77 -18.58
C PRO C 356 47.20 -22.55 -17.80
N ALA C 357 47.83 -21.62 -18.51
CA ALA C 357 48.34 -20.40 -17.89
C ALA C 357 48.05 -19.18 -18.78
N VAL C 358 48.06 -18.00 -18.17
CA VAL C 358 47.79 -16.76 -18.89
C VAL C 358 48.88 -15.72 -18.64
N ARG C 359 49.26 -15.01 -19.70
CA ARG C 359 50.29 -13.98 -19.58
C ARG C 359 49.67 -12.64 -19.18
N ILE C 360 50.06 -12.15 -18.01
CA ILE C 360 49.55 -10.90 -17.48
C ILE C 360 50.70 -10.07 -16.91
N LEU C 361 50.79 -8.82 -17.35
CA LEU C 361 51.84 -7.91 -16.88
C LEU C 361 53.24 -8.51 -17.05
N GLY C 362 53.45 -9.20 -18.17
CA GLY C 362 54.74 -9.80 -18.44
C GLY C 362 55.10 -10.97 -17.55
N GLU C 363 54.12 -11.80 -17.22
CA GLU C 363 54.35 -12.95 -16.36
C GLU C 363 53.25 -14.01 -16.51
N GLU C 364 53.65 -15.27 -16.48
CA GLU C 364 52.70 -16.38 -16.59
C GLU C 364 51.96 -16.60 -15.29
N VAL C 365 50.66 -16.83 -15.38
CA VAL C 365 49.84 -17.06 -14.21
C VAL C 365 48.86 -18.21 -14.48
N PRO C 366 48.97 -19.29 -13.69
CA PRO C 366 48.08 -20.45 -13.85
C PRO C 366 46.62 -20.03 -13.76
N LEU C 367 45.73 -20.77 -14.42
CA LEU C 367 44.32 -20.44 -14.39
C LEU C 367 43.51 -21.42 -13.54
N ARG C 368 43.74 -21.38 -12.23
CA ARG C 368 43.03 -22.25 -11.31
C ARG C 368 41.70 -21.64 -10.88
N ALA C 369 41.63 -20.32 -10.88
CA ALA C 369 40.40 -19.63 -10.50
C ALA C 369 39.31 -19.91 -11.53
N SER C 370 38.12 -20.27 -11.06
CA SER C 370 37.01 -20.57 -11.95
C SER C 370 36.57 -19.32 -12.71
N VAL C 371 36.27 -19.49 -13.99
CA VAL C 371 35.86 -18.36 -14.83
C VAL C 371 34.36 -18.40 -15.08
N HIS C 372 33.72 -17.23 -14.95
CA HIS C 372 32.28 -17.13 -15.18
C HIS C 372 31.91 -15.89 -15.99
N THR C 373 31.27 -16.12 -17.13
CA THR C 373 30.85 -15.05 -18.02
C THR C 373 29.36 -14.77 -17.92
N LEU C 374 29.01 -13.63 -17.34
CA LEU C 374 27.61 -13.24 -17.16
C LEU C 374 27.22 -12.13 -18.15
N GLY C 375 26.93 -12.52 -19.38
CA GLY C 375 26.57 -11.55 -20.40
C GLY C 375 25.16 -11.00 -20.26
N GLY C 376 24.55 -11.22 -19.09
CA GLY C 376 23.20 -10.72 -18.86
C GLY C 376 23.18 -9.28 -18.41
N PHE C 377 24.27 -8.81 -17.81
CA PHE C 377 24.37 -7.44 -17.32
C PHE C 377 24.64 -6.44 -18.45
N SER C 378 24.53 -6.90 -19.69
CA SER C 378 24.76 -6.04 -20.84
C SER C 378 23.92 -4.76 -20.80
N GLY C 379 24.53 -3.65 -21.20
CA GLY C 379 23.81 -2.38 -21.20
C GLY C 379 23.11 -2.09 -22.52
N HIS C 380 23.33 -2.94 -23.52
CA HIS C 380 22.72 -2.77 -24.83
C HIS C 380 21.52 -3.69 -25.00
N ALA C 381 20.61 -3.29 -25.89
CA ALA C 381 19.40 -4.07 -26.15
C ALA C 381 19.74 -5.33 -26.92
N GLY C 382 19.08 -6.42 -26.58
CA GLY C 382 19.31 -7.67 -27.29
C GLY C 382 18.64 -7.61 -28.65
N GLN C 383 18.86 -8.65 -29.45
CA GLN C 383 18.27 -8.71 -30.78
C GLN C 383 16.75 -8.55 -30.68
N ASP C 384 16.16 -9.26 -29.74
CA ASP C 384 14.71 -9.20 -29.54
C ASP C 384 14.23 -7.79 -29.22
N GLU C 385 14.88 -7.13 -28.26
CA GLU C 385 14.50 -5.78 -27.90
C GLU C 385 14.76 -4.82 -29.07
N LEU C 386 15.80 -5.10 -29.83
CA LEU C 386 16.15 -4.28 -30.99
C LEU C 386 14.99 -4.36 -31.99
N LEU C 387 14.58 -5.59 -32.31
CA LEU C 387 13.48 -5.81 -33.25
C LEU C 387 12.19 -5.14 -32.73
N ASP C 388 12.00 -5.21 -31.42
CA ASP C 388 10.83 -4.60 -30.81
C ASP C 388 10.85 -3.09 -30.99
N TRP C 389 11.99 -2.47 -30.70
CA TRP C 389 12.12 -1.03 -30.81
C TRP C 389 11.99 -0.52 -32.24
N LEU C 390 12.36 -1.34 -33.23
CA LEU C 390 12.28 -0.90 -34.63
C LEU C 390 10.98 -1.31 -35.29
N GLN C 391 10.14 -2.02 -34.55
CA GLN C 391 8.86 -2.50 -35.06
C GLN C 391 8.04 -1.41 -35.78
N GLY C 392 7.68 -1.66 -37.04
CA GLY C 392 6.89 -0.70 -37.79
C GLY C 392 7.59 0.34 -38.64
N GLU C 393 8.87 0.58 -38.37
CA GLU C 393 9.63 1.58 -39.12
C GLU C 393 9.97 1.08 -40.53
N PRO C 394 9.53 1.81 -41.57
CA PRO C 394 9.77 1.46 -42.97
C PRO C 394 11.23 1.41 -43.43
N ARG C 395 12.02 2.40 -43.07
CA ARG C 395 13.43 2.45 -43.46
C ARG C 395 14.36 2.52 -42.27
N VAL C 396 15.31 1.59 -42.23
CA VAL C 396 16.28 1.55 -41.15
C VAL C 396 17.69 1.49 -41.69
N VAL C 397 18.57 2.32 -41.14
CA VAL C 397 19.97 2.33 -41.52
C VAL C 397 20.72 1.95 -40.25
N LEU C 398 21.46 0.85 -40.31
CA LEU C 398 22.20 0.34 -39.16
C LEU C 398 23.62 0.89 -39.00
N VAL C 399 23.98 1.14 -37.74
CA VAL C 399 25.30 1.65 -37.39
C VAL C 399 25.61 1.01 -36.04
N HIS C 400 26.77 1.33 -35.50
CA HIS C 400 27.17 0.83 -34.18
C HIS C 400 27.06 -0.69 -34.03
N GLY C 401 28.02 -1.40 -34.61
CA GLY C 401 28.00 -2.86 -34.52
C GLY C 401 28.82 -3.51 -35.62
N GLU C 402 29.36 -4.69 -35.34
CA GLU C 402 30.14 -5.42 -36.33
C GLU C 402 29.27 -5.78 -37.53
N GLU C 403 29.80 -5.55 -38.72
CA GLU C 403 29.12 -5.80 -39.98
C GLU C 403 28.25 -7.06 -40.01
N GLU C 404 28.79 -8.16 -39.50
CA GLU C 404 28.11 -9.44 -39.49
C GLU C 404 26.88 -9.44 -38.59
N LYS C 405 26.97 -8.73 -37.47
CA LYS C 405 25.87 -8.65 -36.53
C LYS C 405 24.77 -7.71 -37.05
N LEU C 406 25.18 -6.68 -37.78
CA LEU C 406 24.23 -5.74 -38.36
C LEU C 406 23.50 -6.44 -39.50
N LEU C 407 24.26 -7.20 -40.28
CA LEU C 407 23.75 -7.96 -41.40
C LEU C 407 22.70 -8.96 -40.92
N ALA C 408 22.93 -9.51 -39.73
CA ALA C 408 22.02 -10.48 -39.13
C ALA C 408 20.70 -9.82 -38.76
N LEU C 409 20.80 -8.73 -37.99
CA LEU C 409 19.61 -8.00 -37.57
C LEU C 409 18.89 -7.57 -38.85
N GLY C 410 19.66 -7.09 -39.81
CA GLY C 410 19.11 -6.63 -41.07
C GLY C 410 18.36 -7.70 -41.84
N LYS C 411 18.82 -8.95 -41.75
CA LYS C 411 18.15 -10.02 -42.45
C LYS C 411 16.74 -10.16 -41.89
N LEU C 412 16.63 -10.19 -40.56
CA LEU C 412 15.34 -10.32 -39.89
C LEU C 412 14.44 -9.11 -40.15
N LEU C 413 15.00 -7.91 -40.02
CA LEU C 413 14.22 -6.69 -40.24
C LEU C 413 13.64 -6.67 -41.65
N ALA C 414 14.45 -7.10 -42.62
CA ALA C 414 14.04 -7.13 -44.02
C ALA C 414 12.98 -8.21 -44.28
N LEU C 415 13.08 -9.31 -43.54
CA LEU C 415 12.13 -10.41 -43.68
C LEU C 415 10.83 -10.03 -42.99
N ARG C 416 10.76 -8.80 -42.51
CA ARG C 416 9.56 -8.30 -41.84
C ARG C 416 8.97 -7.16 -42.67
N GLY C 417 9.53 -6.96 -43.86
CA GLY C 417 9.04 -5.92 -44.75
C GLY C 417 9.81 -4.62 -44.72
N GLN C 418 10.54 -4.40 -43.63
CA GLN C 418 11.33 -3.18 -43.45
C GLN C 418 12.53 -3.05 -44.37
N GLU C 419 12.65 -1.91 -45.03
CA GLU C 419 13.79 -1.64 -45.92
C GLU C 419 14.97 -1.29 -45.02
N VAL C 420 16.04 -2.08 -45.10
CA VAL C 420 17.20 -1.85 -44.26
C VAL C 420 18.51 -1.84 -45.05
N SER C 421 19.54 -1.22 -44.47
CA SER C 421 20.86 -1.14 -45.09
C SER C 421 21.89 -0.71 -44.05
N LEU C 422 23.17 -0.86 -44.37
CA LEU C 422 24.22 -0.46 -43.44
C LEU C 422 24.82 0.87 -43.80
N ALA C 423 25.02 1.71 -42.79
CA ALA C 423 25.62 3.01 -43.01
C ALA C 423 27.08 2.84 -43.42
N ARG C 424 27.55 3.72 -44.30
CA ARG C 424 28.93 3.69 -44.76
C ARG C 424 29.51 5.04 -44.40
N PHE C 425 30.72 5.03 -43.85
CA PHE C 425 31.39 6.26 -43.47
C PHE C 425 31.32 7.33 -44.54
N GLY C 426 30.88 8.52 -44.17
CA GLY C 426 30.80 9.62 -45.11
C GLY C 426 29.72 9.55 -46.17
N GLU C 427 28.95 8.48 -46.22
CA GLU C 427 27.90 8.36 -47.22
C GLU C 427 26.53 8.84 -46.73
N GLY C 428 26.14 10.01 -47.21
CA GLY C 428 24.87 10.60 -46.85
C GLY C 428 23.66 9.74 -47.21
N VAL C 429 22.70 9.69 -46.31
CA VAL C 429 21.47 8.94 -46.51
C VAL C 429 20.31 9.92 -46.45
N PRO C 430 19.46 9.92 -47.48
CA PRO C 430 18.31 10.83 -47.52
C PRO C 430 17.25 10.37 -46.54
N VAL C 431 16.63 11.32 -45.84
CA VAL C 431 15.58 10.99 -44.88
C VAL C 431 14.24 11.04 -45.60
N MET D 1 -11.03 -37.77 35.13
CA MET D 1 -11.52 -37.16 33.86
C MET D 1 -11.39 -38.16 32.71
N ARG D 2 -12.51 -38.44 32.04
CA ARG D 2 -12.52 -39.37 30.91
C ARG D 2 -13.30 -38.85 29.71
N ILE D 3 -12.95 -39.34 28.53
CA ILE D 3 -13.61 -38.94 27.30
C ILE D 3 -14.11 -40.21 26.60
N VAL D 4 -15.42 -40.38 26.58
CA VAL D 4 -16.03 -41.55 25.96
C VAL D 4 -16.47 -41.33 24.52
N PRO D 5 -15.82 -42.01 23.57
CA PRO D 5 -16.20 -41.84 22.16
C PRO D 5 -17.61 -42.35 21.94
N PHE D 6 -18.42 -41.60 21.21
CA PHE D 6 -19.80 -42.01 20.94
C PHE D 6 -20.14 -41.81 19.47
N GLY D 7 -19.10 -41.78 18.65
CA GLY D 7 -19.26 -41.60 17.22
C GLY D 7 -17.87 -41.46 16.64
N ALA D 8 -17.77 -41.41 15.31
CA ALA D 8 -16.49 -41.27 14.64
C ALA D 8 -15.41 -42.24 15.14
N ALA D 9 -15.84 -43.39 15.65
CA ALA D 9 -14.89 -44.38 16.16
C ALA D 9 -14.50 -45.28 15.00
N ARG D 10 -13.26 -45.15 14.56
CA ARG D 10 -12.76 -45.94 13.44
C ARG D 10 -13.60 -45.66 12.19
N GLU D 11 -14.19 -44.47 12.16
CA GLU D 11 -15.02 -44.03 11.04
C GLU D 11 -15.03 -42.49 11.00
N VAL D 12 -15.51 -41.94 9.89
CA VAL D 12 -15.54 -40.49 9.71
C VAL D 12 -16.75 -39.73 10.24
N THR D 13 -17.94 -40.29 10.13
CA THR D 13 -19.15 -39.61 10.57
C THR D 13 -19.59 -39.88 12.01
N GLY D 14 -20.58 -39.12 12.47
CA GLY D 14 -21.13 -39.29 13.81
C GLY D 14 -20.51 -38.57 14.99
N SER D 15 -19.39 -37.87 14.77
CA SER D 15 -18.69 -37.15 15.84
C SER D 15 -19.52 -36.76 17.07
N ALA D 16 -19.12 -37.30 18.21
CA ALA D 16 -19.78 -37.05 19.49
C ALA D 16 -18.96 -37.74 20.58
N HIS D 17 -18.35 -36.95 21.45
CA HIS D 17 -17.51 -37.50 22.50
C HIS D 17 -17.93 -36.87 23.82
N LEU D 18 -18.21 -37.72 24.81
CA LEU D 18 -18.66 -37.23 26.11
C LEU D 18 -17.53 -37.10 27.11
N LEU D 19 -17.40 -35.88 27.62
CA LEU D 19 -16.37 -35.58 28.60
C LEU D 19 -16.98 -35.58 29.99
N LEU D 20 -16.45 -36.43 30.86
CA LEU D 20 -16.91 -36.57 32.23
C LEU D 20 -15.80 -36.05 33.15
N ALA D 21 -16.07 -34.96 33.86
CA ALA D 21 -15.08 -34.37 34.77
C ALA D 21 -15.64 -33.20 35.60
N GLY D 22 -14.88 -32.80 36.61
CA GLY D 22 -15.29 -31.71 37.47
C GLY D 22 -16.68 -31.90 38.05
N GLY D 23 -17.19 -33.13 37.92
CA GLY D 23 -18.53 -33.42 38.42
C GLY D 23 -19.53 -32.86 37.42
N ARG D 24 -19.19 -33.00 36.14
CA ARG D 24 -20.01 -32.50 35.06
C ARG D 24 -19.86 -33.38 33.82
N ARG D 25 -20.85 -33.34 32.95
CA ARG D 25 -20.80 -34.11 31.72
C ARG D 25 -20.95 -33.12 30.59
N VAL D 26 -19.93 -33.05 29.75
CA VAL D 26 -19.93 -32.13 28.61
C VAL D 26 -19.81 -32.90 27.31
N LEU D 27 -20.76 -32.69 26.42
CA LEU D 27 -20.74 -33.37 25.14
C LEU D 27 -19.92 -32.53 24.18
N LEU D 28 -18.95 -33.15 23.51
CA LEU D 28 -18.14 -32.43 22.54
C LEU D 28 -18.55 -32.92 21.16
N ASP D 29 -19.34 -32.08 20.49
CA ASP D 29 -19.90 -32.35 19.16
C ASP D 29 -21.04 -33.34 19.26
N CYS D 30 -21.89 -33.34 18.24
CA CYS D 30 -23.04 -34.22 18.21
C CYS D 30 -23.51 -34.34 16.77
N GLY D 31 -22.66 -34.93 15.93
CA GLY D 31 -23.00 -35.06 14.53
C GLY D 31 -23.73 -36.33 14.13
N MET D 32 -24.24 -36.34 12.91
CA MET D 32 -24.96 -37.50 12.40
C MET D 32 -24.05 -38.38 11.55
N PHE D 33 -24.47 -39.63 11.39
CA PHE D 33 -23.73 -40.60 10.58
C PHE D 33 -24.24 -40.47 9.15
N GLN D 34 -23.33 -40.57 8.17
CA GLN D 34 -23.72 -40.47 6.77
C GLN D 34 -23.10 -41.63 6.00
N GLY D 35 -23.70 -41.97 4.86
CA GLY D 35 -23.18 -43.07 4.07
C GLY D 35 -23.89 -44.37 4.40
N LYS D 36 -23.12 -45.42 4.63
CA LYS D 36 -23.69 -46.73 4.96
C LYS D 36 -23.91 -46.92 6.46
N GLU D 37 -23.89 -45.81 7.20
CA GLU D 37 -24.09 -45.86 8.63
C GLU D 37 -25.29 -45.03 9.04
N GLU D 38 -25.69 -44.13 8.15
CA GLU D 38 -26.81 -43.23 8.35
C GLU D 38 -27.98 -43.78 9.18
N ALA D 39 -28.26 -45.07 9.04
CA ALA D 39 -29.36 -45.68 9.79
C ALA D 39 -29.17 -45.56 11.29
N ARG D 40 -27.92 -45.60 11.75
CA ARG D 40 -27.61 -45.50 13.17
C ARG D 40 -28.09 -44.20 13.80
N ASN D 41 -28.42 -43.21 12.97
CA ASN D 41 -28.91 -41.94 13.46
C ASN D 41 -30.25 -42.15 14.18
N HIS D 42 -30.86 -43.31 13.92
CA HIS D 42 -32.14 -43.66 14.51
C HIS D 42 -32.00 -44.43 15.82
N ALA D 43 -30.79 -44.92 16.10
CA ALA D 43 -30.54 -45.69 17.32
C ALA D 43 -30.24 -44.77 18.50
N PRO D 44 -30.16 -45.33 19.72
CA PRO D 44 -29.88 -44.54 20.92
C PRO D 44 -28.46 -43.97 20.92
N PHE D 45 -28.26 -42.86 21.61
CA PHE D 45 -26.96 -42.21 21.69
C PHE D 45 -25.92 -43.08 22.38
N GLY D 46 -26.34 -43.76 23.44
CA GLY D 46 -25.42 -44.59 24.20
C GLY D 46 -25.21 -43.96 25.55
N PHE D 47 -25.88 -42.84 25.78
CA PHE D 47 -25.81 -42.10 27.03
C PHE D 47 -27.11 -41.32 27.14
N ASP D 48 -27.47 -40.90 28.35
CA ASP D 48 -28.71 -40.15 28.51
C ASP D 48 -28.48 -38.66 28.34
N PRO D 49 -29.09 -38.07 27.31
CA PRO D 49 -28.98 -36.64 27.00
C PRO D 49 -29.54 -35.72 28.08
N LYS D 50 -30.36 -36.26 28.98
CA LYS D 50 -30.93 -35.43 30.03
C LYS D 50 -29.89 -35.19 31.13
N GLU D 51 -28.87 -36.04 31.16
CA GLU D 51 -27.81 -35.92 32.16
C GLU D 51 -26.60 -35.14 31.65
N VAL D 52 -26.69 -34.64 30.42
CA VAL D 52 -25.60 -33.85 29.84
C VAL D 52 -25.73 -32.43 30.41
N ASP D 53 -24.61 -31.83 30.80
CA ASP D 53 -24.64 -30.48 31.37
C ASP D 53 -24.47 -29.37 30.35
N ALA D 54 -23.72 -29.65 29.30
CA ALA D 54 -23.47 -28.65 28.27
C ALA D 54 -22.88 -29.31 27.02
N VAL D 55 -23.05 -28.65 25.89
CA VAL D 55 -22.53 -29.16 24.63
C VAL D 55 -21.72 -28.10 23.91
N LEU D 56 -20.61 -28.54 23.31
CA LEU D 56 -19.74 -27.66 22.56
C LEU D 56 -19.66 -28.21 21.15
N LEU D 57 -19.84 -27.33 20.17
CA LEU D 57 -19.80 -27.71 18.76
C LEU D 57 -18.58 -27.04 18.14
N THR D 58 -17.69 -27.83 17.55
CA THR D 58 -16.48 -27.30 16.93
C THR D 58 -16.77 -26.57 15.61
N HIS D 59 -17.80 -27.00 14.88
CA HIS D 59 -18.17 -26.32 13.64
C HIS D 59 -19.55 -26.73 13.13
N ALA D 60 -20.05 -26.01 12.14
CA ALA D 60 -21.38 -26.24 11.60
C ALA D 60 -21.64 -27.47 10.72
N HIS D 61 -20.59 -28.09 10.20
CA HIS D 61 -20.80 -29.26 9.34
C HIS D 61 -21.79 -30.24 9.94
N LEU D 62 -22.69 -30.70 9.09
CA LEU D 62 -23.75 -31.61 9.47
C LEU D 62 -23.29 -32.85 10.25
N ASP D 63 -22.10 -33.36 9.95
CA ASP D 63 -21.62 -34.54 10.66
C ASP D 63 -20.97 -34.22 12.00
N HIS D 64 -21.29 -33.06 12.54
CA HIS D 64 -20.78 -32.61 13.82
C HIS D 64 -21.89 -31.94 14.59
N VAL D 65 -23.00 -31.67 13.91
CA VAL D 65 -24.16 -31.01 14.50
C VAL D 65 -25.46 -31.77 14.15
N GLY D 66 -25.32 -32.72 13.24
CA GLY D 66 -26.46 -33.50 12.79
C GLY D 66 -27.43 -34.08 13.80
N ARG D 67 -26.92 -34.60 14.92
CA ARG D 67 -27.79 -35.19 15.92
C ARG D 67 -28.19 -34.26 17.05
N LEU D 68 -27.77 -33.00 16.98
CA LEU D 68 -28.12 -32.05 18.03
C LEU D 68 -29.63 -31.96 18.19
N PRO D 69 -30.36 -31.69 17.09
CA PRO D 69 -31.82 -31.60 17.21
C PRO D 69 -32.42 -32.86 17.83
N LYS D 70 -31.75 -33.99 17.64
CA LYS D 70 -32.20 -35.26 18.22
C LYS D 70 -31.90 -35.27 19.70
N LEU D 71 -30.81 -34.60 20.09
CA LEU D 71 -30.40 -34.52 21.48
C LEU D 71 -31.51 -33.84 22.29
N PHE D 72 -32.08 -32.78 21.73
CA PHE D 72 -33.15 -32.07 22.40
C PHE D 72 -34.44 -32.86 22.31
N ARG D 73 -34.62 -33.54 21.20
CA ARG D 73 -35.81 -34.36 21.00
C ARG D 73 -35.91 -35.30 22.19
N GLU D 74 -34.76 -35.83 22.58
CA GLU D 74 -34.70 -36.75 23.71
C GLU D 74 -34.67 -36.10 25.09
N GLY D 75 -34.95 -34.80 25.16
CA GLY D 75 -34.98 -34.14 26.46
C GLY D 75 -33.94 -33.11 26.88
N TYR D 76 -32.73 -33.18 26.33
CA TYR D 76 -31.69 -32.22 26.70
C TYR D 76 -32.18 -30.79 26.48
N ARG D 77 -31.92 -29.93 27.46
CA ARG D 77 -32.34 -28.53 27.40
C ARG D 77 -31.27 -27.57 27.88
N GLY D 78 -30.03 -28.06 27.99
CA GLY D 78 -28.95 -27.22 28.45
C GLY D 78 -28.38 -26.33 27.36
N PRO D 79 -27.33 -25.56 27.66
CA PRO D 79 -26.72 -24.67 26.67
C PRO D 79 -25.85 -25.41 25.65
N VAL D 80 -25.73 -24.84 24.46
CA VAL D 80 -24.91 -25.40 23.41
C VAL D 80 -23.96 -24.28 22.97
N TYR D 81 -22.67 -24.45 23.23
CA TYR D 81 -21.69 -23.43 22.89
C TYR D 81 -20.96 -23.57 21.55
N ALA D 82 -20.83 -22.46 20.85
CA ALA D 82 -20.15 -22.41 19.56
C ALA D 82 -19.78 -20.96 19.23
N THR D 83 -18.88 -20.77 18.26
CA THR D 83 -18.48 -19.43 17.85
C THR D 83 -19.65 -18.76 17.13
N ARG D 84 -19.63 -17.44 17.02
CA ARG D 84 -20.72 -16.75 16.34
C ARG D 84 -20.89 -17.35 14.94
N ALA D 85 -19.77 -17.59 14.28
CA ALA D 85 -19.78 -18.15 12.94
C ALA D 85 -20.57 -19.45 12.89
N THR D 86 -20.18 -20.41 13.72
CA THR D 86 -20.84 -21.70 13.76
C THR D 86 -22.33 -21.54 14.06
N VAL D 87 -22.66 -20.66 14.99
CA VAL D 87 -24.06 -20.42 15.35
C VAL D 87 -24.87 -19.93 14.15
N LEU D 88 -24.28 -19.01 13.39
CA LEU D 88 -24.92 -18.46 12.21
C LEU D 88 -24.99 -19.48 11.08
N LEU D 89 -23.88 -20.18 10.84
CA LEU D 89 -23.85 -21.19 9.79
C LEU D 89 -24.83 -22.31 10.07
N MET D 90 -24.90 -22.73 11.34
CA MET D 90 -25.81 -23.80 11.74
C MET D 90 -27.24 -23.58 11.28
N GLU D 91 -27.79 -22.42 11.59
CA GLU D 91 -29.16 -22.09 11.22
C GLU D 91 -29.46 -22.51 9.78
N ILE D 92 -28.53 -22.22 8.89
CA ILE D 92 -28.68 -22.56 7.48
C ILE D 92 -28.58 -24.07 7.28
N VAL D 93 -27.62 -24.70 7.95
CA VAL D 93 -27.41 -26.14 7.84
C VAL D 93 -28.53 -27.02 8.38
N LEU D 94 -28.87 -26.86 9.66
CA LEU D 94 -29.91 -27.67 10.28
C LEU D 94 -31.28 -27.53 9.64
N GLU D 95 -31.67 -26.30 9.30
CA GLU D 95 -32.97 -26.10 8.67
C GLU D 95 -32.94 -26.64 7.24
N ASP D 96 -31.76 -26.63 6.62
CA ASP D 96 -31.63 -27.17 5.28
C ASP D 96 -31.74 -28.68 5.36
N ALA D 97 -31.14 -29.25 6.40
CA ALA D 97 -31.16 -30.69 6.61
C ALA D 97 -32.55 -31.11 7.07
N LEU D 98 -33.27 -30.19 7.69
CA LEU D 98 -34.60 -30.47 8.17
C LEU D 98 -35.55 -30.53 6.99
N LYS D 99 -35.32 -29.64 6.02
CA LYS D 99 -36.14 -29.56 4.83
C LYS D 99 -35.95 -30.75 3.89
N VAL D 100 -34.76 -30.90 3.34
CA VAL D 100 -34.48 -32.00 2.42
C VAL D 100 -33.77 -33.19 3.09
N MET D 101 -34.54 -33.98 3.83
CA MET D 101 -33.99 -35.14 4.51
C MET D 101 -34.85 -36.36 4.20
N ASP D 102 -34.21 -37.42 3.71
CA ASP D 102 -34.87 -38.67 3.35
C ASP D 102 -35.80 -39.20 4.45
N GLU D 103 -35.24 -39.96 5.38
CA GLU D 103 -35.99 -40.53 6.49
C GLU D 103 -35.57 -39.79 7.76
N PRO D 104 -36.22 -38.66 8.05
CA PRO D 104 -35.92 -37.83 9.23
C PRO D 104 -36.01 -38.55 10.58
N PHE D 105 -35.18 -38.11 11.52
CA PHE D 105 -35.16 -38.66 12.86
C PHE D 105 -35.30 -37.51 13.86
N PHE D 106 -35.80 -36.39 13.37
CA PHE D 106 -36.05 -35.19 14.17
C PHE D 106 -36.86 -34.19 13.34
N GLY D 107 -37.82 -33.53 13.99
CA GLY D 107 -38.65 -32.57 13.28
C GLY D 107 -38.23 -31.11 13.43
N PRO D 108 -38.91 -30.18 12.73
CA PRO D 108 -38.62 -28.75 12.78
C PRO D 108 -38.76 -28.22 14.19
N GLU D 109 -39.47 -29.00 15.00
CA GLU D 109 -39.73 -28.70 16.40
C GLU D 109 -38.40 -28.75 17.17
N ASP D 110 -37.67 -29.85 16.98
CA ASP D 110 -36.39 -30.06 17.64
C ASP D 110 -35.32 -29.13 17.12
N VAL D 111 -35.43 -28.75 15.85
CA VAL D 111 -34.46 -27.85 15.24
C VAL D 111 -34.56 -26.43 15.79
N GLU D 112 -35.78 -25.92 15.95
CA GLU D 112 -35.96 -24.57 16.47
C GLU D 112 -35.61 -24.57 17.96
N GLU D 113 -35.58 -25.75 18.54
CA GLU D 113 -35.25 -25.90 19.95
C GLU D 113 -33.73 -25.85 20.11
N ALA D 114 -33.04 -26.69 19.35
CA ALA D 114 -31.59 -26.76 19.38
C ALA D 114 -31.02 -25.37 19.10
N LEU D 115 -31.36 -24.83 17.92
CA LEU D 115 -30.89 -23.51 17.52
C LEU D 115 -31.21 -22.49 18.59
N GLY D 116 -32.24 -22.78 19.38
CA GLY D 116 -32.63 -21.85 20.43
C GLY D 116 -31.73 -21.86 21.65
N HIS D 117 -30.89 -22.88 21.76
CA HIS D 117 -29.98 -22.96 22.91
C HIS D 117 -28.54 -22.61 22.59
N LEU D 118 -28.32 -22.13 21.37
CA LEU D 118 -26.98 -21.75 20.96
C LEU D 118 -26.51 -20.55 21.75
N ARG D 119 -25.35 -20.70 22.38
CA ARG D 119 -24.74 -19.64 23.17
C ARG D 119 -23.38 -19.41 22.55
N PRO D 120 -23.09 -18.17 22.11
CA PRO D 120 -21.80 -17.88 21.51
C PRO D 120 -20.62 -18.03 22.45
N LEU D 121 -19.50 -18.47 21.90
CA LEU D 121 -18.25 -18.65 22.61
C LEU D 121 -17.15 -18.45 21.58
N GLU D 122 -16.38 -17.38 21.70
CA GLU D 122 -15.31 -17.12 20.74
C GLU D 122 -14.02 -17.77 21.22
N TYR D 123 -12.99 -17.71 20.39
CA TYR D 123 -11.70 -18.30 20.73
C TYR D 123 -11.08 -17.60 21.95
N GLY D 124 -10.46 -18.38 22.83
CA GLY D 124 -9.83 -17.82 24.00
C GLY D 124 -10.80 -17.29 25.05
N GLU D 125 -12.05 -17.73 24.96
CA GLU D 125 -13.03 -17.33 25.95
C GLU D 125 -13.24 -18.59 26.76
N TRP D 126 -13.07 -18.50 28.07
CA TRP D 126 -13.21 -19.67 28.92
C TRP D 126 -14.60 -19.88 29.49
N LEU D 127 -15.02 -21.14 29.44
CA LEU D 127 -16.30 -21.56 29.98
C LEU D 127 -15.98 -22.26 31.30
N ARG D 128 -16.74 -21.93 32.35
CA ARG D 128 -16.54 -22.52 33.67
C ARG D 128 -17.70 -23.42 34.07
N LEU D 129 -17.45 -24.72 34.12
CA LEU D 129 -18.48 -25.69 34.52
C LEU D 129 -17.94 -26.47 35.71
N GLY D 130 -18.52 -26.23 36.89
CA GLY D 130 -18.05 -26.92 38.07
C GLY D 130 -16.57 -26.63 38.22
N ALA D 131 -15.75 -27.67 38.19
CA ALA D 131 -14.30 -27.50 38.33
C ALA D 131 -13.63 -27.75 36.98
N LEU D 132 -14.40 -27.58 35.92
CA LEU D 132 -13.92 -27.79 34.56
C LEU D 132 -13.76 -26.44 33.87
N SER D 133 -12.72 -26.31 33.05
CA SER D 133 -12.47 -25.08 32.31
C SER D 133 -12.34 -25.45 30.84
N LEU D 134 -13.05 -24.74 29.97
CA LEU D 134 -13.03 -25.06 28.55
C LEU D 134 -12.83 -23.82 27.69
N ALA D 135 -12.15 -23.99 26.55
CA ALA D 135 -11.91 -22.90 25.62
C ALA D 135 -11.72 -23.46 24.21
N PHE D 136 -12.04 -22.65 23.21
CA PHE D 136 -11.91 -23.04 21.80
C PHE D 136 -10.56 -22.57 21.24
N GLY D 137 -9.98 -23.39 20.38
CA GLY D 137 -8.71 -23.06 19.73
C GLY D 137 -8.98 -22.99 18.24
N GLN D 138 -8.23 -22.15 17.53
CA GLN D 138 -8.43 -21.99 16.09
C GLN D 138 -8.16 -23.31 15.33
N ALA D 139 -9.18 -23.81 14.64
CA ALA D 139 -9.07 -25.06 13.88
C ALA D 139 -8.73 -24.81 12.41
N GLY D 140 -9.36 -23.78 11.84
CA GLY D 140 -9.11 -23.43 10.45
C GLY D 140 -9.75 -24.35 9.42
N HIS D 141 -10.73 -25.13 9.86
CA HIS D 141 -11.41 -26.07 8.98
C HIS D 141 -12.60 -25.39 8.32
N LEU D 142 -13.18 -24.42 9.01
CA LEU D 142 -14.33 -23.67 8.51
C LEU D 142 -14.42 -22.38 9.30
N PRO D 143 -15.20 -21.41 8.80
CA PRO D 143 -15.35 -20.14 9.50
C PRO D 143 -15.93 -20.41 10.89
N GLY D 144 -15.14 -20.16 11.92
CA GLY D 144 -15.60 -20.39 13.27
C GLY D 144 -15.37 -21.80 13.78
N SER D 145 -14.52 -22.55 13.08
CA SER D 145 -14.22 -23.91 13.49
C SER D 145 -13.19 -23.85 14.61
N ALA D 146 -13.22 -24.83 15.51
CA ALA D 146 -12.28 -24.83 16.61
C ALA D 146 -11.99 -26.21 17.17
N PHE D 147 -10.98 -26.27 18.04
CA PHE D 147 -10.68 -27.51 18.74
C PHE D 147 -10.93 -27.17 20.20
N VAL D 148 -11.12 -28.18 21.05
CA VAL D 148 -11.42 -27.91 22.44
C VAL D 148 -10.27 -28.19 23.40
N VAL D 149 -10.11 -27.30 24.37
CA VAL D 149 -9.11 -27.47 25.41
C VAL D 149 -9.89 -27.57 26.70
N ALA D 150 -9.81 -28.71 27.36
CA ALA D 150 -10.52 -28.90 28.62
C ALA D 150 -9.49 -29.11 29.72
N GLN D 151 -9.57 -28.29 30.75
CA GLN D 151 -8.65 -28.36 31.87
C GLN D 151 -9.40 -28.53 33.19
N GLY D 152 -8.95 -29.50 33.98
CA GLY D 152 -9.58 -29.77 35.27
C GLY D 152 -8.95 -31.00 35.91
N GLU D 153 -9.13 -31.14 37.21
CA GLU D 153 -8.56 -32.28 37.94
C GLU D 153 -7.07 -32.41 37.67
N GLY D 154 -6.39 -31.27 37.58
CA GLY D 154 -4.96 -31.26 37.32
C GLY D 154 -4.60 -31.97 36.03
N ARG D 155 -5.54 -31.98 35.09
CA ARG D 155 -5.31 -32.63 33.81
C ARG D 155 -5.67 -31.72 32.63
N THR D 156 -5.23 -32.09 31.43
CA THR D 156 -5.48 -31.30 30.24
C THR D 156 -5.80 -32.17 29.02
N LEU D 157 -6.99 -31.99 28.47
CA LEU D 157 -7.42 -32.72 27.29
C LEU D 157 -7.55 -31.78 26.10
N VAL D 158 -7.34 -32.30 24.90
CA VAL D 158 -7.48 -31.51 23.68
C VAL D 158 -8.25 -32.34 22.66
N TYR D 159 -9.36 -31.78 22.17
CA TYR D 159 -10.17 -32.43 21.17
C TYR D 159 -10.03 -31.55 19.93
N SER D 160 -9.48 -32.11 18.87
CA SER D 160 -9.23 -31.37 17.65
C SER D 160 -10.43 -30.97 16.82
N GLY D 161 -11.46 -31.80 16.83
CA GLY D 161 -12.58 -31.50 15.96
C GLY D 161 -11.94 -31.71 14.59
N ASP D 162 -12.34 -30.95 13.58
CA ASP D 162 -11.74 -31.09 12.26
C ASP D 162 -10.69 -30.01 12.00
N LEU D 163 -9.48 -30.44 11.68
CA LEU D 163 -8.39 -29.51 11.38
C LEU D 163 -8.39 -29.16 9.90
N GLY D 164 -8.10 -27.91 9.57
CA GLY D 164 -8.09 -27.50 8.18
C GLY D 164 -6.75 -27.69 7.49
N ASN D 165 -6.77 -27.55 6.17
CA ASN D 165 -5.58 -27.70 5.34
C ASN D 165 -4.87 -26.34 5.36
N ARG D 166 -3.87 -26.21 6.24
CA ARG D 166 -3.16 -24.96 6.40
C ARG D 166 -2.38 -24.40 5.21
N GLU D 167 -2.61 -24.93 4.02
CA GLU D 167 -1.92 -24.44 2.83
C GLU D 167 -2.83 -23.52 2.04
N LYS D 168 -4.13 -23.76 2.15
CA LYS D 168 -5.12 -22.95 1.46
C LYS D 168 -4.99 -21.50 1.94
N ASP D 169 -5.72 -20.59 1.30
CA ASP D 169 -5.60 -19.18 1.67
C ASP D 169 -6.81 -18.48 2.31
N VAL D 170 -7.98 -19.10 2.27
CA VAL D 170 -9.18 -18.50 2.86
C VAL D 170 -9.22 -18.46 4.39
N LEU D 171 -9.06 -19.61 5.02
CA LEU D 171 -9.12 -19.71 6.48
C LEU D 171 -7.79 -19.52 7.18
N PRO D 172 -7.82 -19.01 8.41
CA PRO D 172 -6.58 -18.78 9.16
C PRO D 172 -5.93 -20.12 9.53
N ASP D 173 -4.61 -20.14 9.58
CA ASP D 173 -3.91 -21.37 9.92
C ASP D 173 -4.31 -21.94 11.28
N PRO D 174 -4.40 -23.26 11.38
CA PRO D 174 -4.78 -23.81 12.68
C PRO D 174 -3.72 -23.38 13.69
N SER D 175 -4.09 -23.34 14.97
CA SER D 175 -3.14 -22.99 16.02
C SER D 175 -2.60 -24.28 16.59
N LEU D 176 -1.40 -24.24 17.16
CA LEU D 176 -0.86 -25.43 17.76
C LEU D 176 -1.70 -25.71 18.99
N PRO D 177 -1.94 -27.00 19.29
CA PRO D 177 -2.74 -27.25 20.49
C PRO D 177 -1.81 -27.10 21.69
N PRO D 178 -2.36 -26.96 22.89
CA PRO D 178 -1.42 -26.83 23.99
C PRO D 178 -0.93 -28.24 24.33
N LEU D 179 0.14 -28.35 25.10
CA LEU D 179 0.65 -29.65 25.47
C LEU D 179 -0.39 -30.31 26.37
N ALA D 180 -0.98 -31.41 25.91
CA ALA D 180 -2.03 -32.09 26.68
C ALA D 180 -1.72 -33.52 27.12
N ASP D 181 -2.37 -33.93 28.21
CA ASP D 181 -2.21 -35.27 28.75
C ASP D 181 -2.93 -36.29 27.88
N LEU D 182 -3.71 -35.80 26.93
CA LEU D 182 -4.44 -36.65 25.99
C LEU D 182 -5.02 -35.83 24.85
N VAL D 183 -4.71 -36.22 23.62
CA VAL D 183 -5.23 -35.51 22.46
C VAL D 183 -6.13 -36.38 21.58
N LEU D 184 -7.43 -36.12 21.65
CA LEU D 184 -8.38 -36.85 20.83
C LEU D 184 -8.40 -36.10 19.51
N ALA D 185 -7.77 -36.66 18.47
CA ALA D 185 -7.71 -35.99 17.18
C ALA D 185 -8.24 -36.77 15.98
N GLU D 186 -8.49 -36.05 14.89
CA GLU D 186 -8.98 -36.67 13.66
C GLU D 186 -7.81 -37.20 12.85
N GLY D 187 -8.13 -38.04 11.85
CA GLY D 187 -7.12 -38.61 11.00
C GLY D 187 -7.73 -39.06 9.67
N THR D 188 -8.59 -38.21 9.12
CA THR D 188 -9.27 -38.50 7.86
C THR D 188 -8.30 -38.82 6.72
N TYR D 189 -7.19 -38.09 6.69
CA TYR D 189 -6.16 -38.29 5.69
C TYR D 189 -4.87 -38.67 6.41
N GLY D 190 -4.95 -39.70 7.24
CA GLY D 190 -3.77 -40.15 7.97
C GLY D 190 -2.88 -41.02 7.10
N ASP D 191 -3.35 -41.34 5.89
CA ASP D 191 -2.60 -42.17 4.96
C ASP D 191 -1.65 -41.42 4.03
N ARG D 192 -1.92 -40.13 3.82
CA ARG D 192 -1.05 -39.32 2.95
C ARG D 192 -1.47 -37.86 2.87
N PRO D 193 -0.58 -36.99 2.36
CA PRO D 193 -0.82 -35.56 2.22
C PRO D 193 -1.57 -35.23 0.92
N HIS D 194 -1.81 -33.94 0.69
CA HIS D 194 -2.49 -33.51 -0.53
C HIS D 194 -1.47 -32.90 -1.48
N ARG D 195 -1.92 -32.56 -2.69
CA ARG D 195 -1.04 -31.94 -3.66
C ARG D 195 -0.80 -30.53 -3.11
N PRO D 196 0.44 -30.04 -3.15
CA PRO D 196 0.67 -28.69 -2.63
C PRO D 196 -0.39 -27.74 -3.19
N TYR D 197 -1.03 -26.98 -2.31
CA TYR D 197 -2.09 -26.06 -2.73
C TYR D 197 -1.67 -25.19 -3.92
N ARG D 198 -0.44 -24.69 -3.87
CA ARG D 198 0.08 -23.84 -4.93
C ARG D 198 -0.11 -24.41 -6.34
N GLU D 199 0.57 -25.51 -6.65
CA GLU D 199 0.46 -26.12 -7.97
C GLU D 199 -0.98 -26.51 -8.27
N THR D 200 -1.77 -26.78 -7.23
CA THR D 200 -3.17 -27.16 -7.41
C THR D 200 -3.92 -25.97 -8.01
N VAL D 201 -3.46 -24.77 -7.66
CA VAL D 201 -4.06 -23.53 -8.17
C VAL D 201 -3.61 -23.32 -9.60
N ARG D 202 -2.31 -23.46 -9.83
CA ARG D 202 -1.75 -23.30 -11.17
C ARG D 202 -2.45 -24.25 -12.14
N GLU D 203 -2.86 -25.42 -11.64
CA GLU D 203 -3.53 -26.40 -12.47
C GLU D 203 -5.00 -26.05 -12.68
N PHE D 204 -5.68 -25.64 -11.60
CA PHE D 204 -7.09 -25.27 -11.69
C PHE D 204 -7.30 -24.17 -12.73
N LEU D 205 -6.32 -23.26 -12.84
CA LEU D 205 -6.39 -22.16 -13.79
C LEU D 205 -6.14 -22.64 -15.23
N GLU D 206 -5.26 -23.61 -15.38
CA GLU D 206 -4.94 -24.15 -16.70
C GLU D 206 -6.14 -24.92 -17.25
N ILE D 207 -6.88 -25.57 -16.37
CA ILE D 207 -8.06 -26.34 -16.75
C ILE D 207 -9.20 -25.40 -17.13
N LEU D 208 -9.14 -24.17 -16.61
CA LEU D 208 -10.17 -23.18 -16.88
C LEU D 208 -9.97 -22.44 -18.19
N GLU D 209 -8.86 -21.72 -18.31
CA GLU D 209 -8.57 -20.95 -19.51
C GLU D 209 -8.50 -21.86 -20.74
N LYS D 210 -8.33 -23.15 -20.51
CA LYS D 210 -8.27 -24.13 -21.58
C LYS D 210 -9.67 -24.44 -22.10
N THR D 211 -10.51 -24.98 -21.22
CA THR D 211 -11.88 -25.34 -21.57
C THR D 211 -12.76 -24.14 -21.87
N LEU D 212 -12.36 -22.97 -21.39
CA LEU D 212 -13.14 -21.75 -21.64
C LEU D 212 -12.79 -21.11 -22.97
N SER D 213 -11.53 -21.22 -23.38
CA SER D 213 -11.09 -20.65 -24.65
C SER D 213 -11.75 -21.38 -25.81
N GLN D 214 -12.26 -22.58 -25.53
CA GLN D 214 -12.92 -23.39 -26.54
C GLN D 214 -14.43 -23.49 -26.30
N GLY D 215 -15.03 -22.38 -25.86
CA GLY D 215 -16.45 -22.34 -25.62
C GLY D 215 -16.98 -23.52 -24.83
N GLY D 216 -16.16 -24.06 -23.93
CA GLY D 216 -16.58 -25.19 -23.13
C GLY D 216 -16.99 -24.78 -21.73
N LYS D 217 -17.62 -25.69 -21.00
CA LYS D 217 -18.05 -25.44 -19.64
C LYS D 217 -17.12 -26.11 -18.63
N VAL D 218 -16.98 -25.50 -17.46
CA VAL D 218 -16.14 -26.04 -16.40
C VAL D 218 -17.00 -26.44 -15.21
N LEU D 219 -17.77 -27.51 -15.37
CA LEU D 219 -18.64 -27.99 -14.29
C LEU D 219 -17.82 -28.30 -13.05
N ILE D 220 -18.14 -27.61 -11.95
CA ILE D 220 -17.44 -27.80 -10.69
C ILE D 220 -18.37 -28.14 -9.53
N PRO D 221 -18.56 -29.44 -9.25
CA PRO D 221 -19.43 -29.84 -8.15
C PRO D 221 -18.74 -29.51 -6.83
N THR D 222 -19.43 -28.79 -5.95
CA THR D 222 -18.83 -28.38 -4.68
C THR D 222 -19.81 -28.40 -3.51
N PHE D 223 -19.26 -28.29 -2.30
CA PHE D 223 -20.07 -28.27 -1.09
C PHE D 223 -20.61 -26.84 -0.92
N ALA D 224 -21.77 -26.73 -0.26
CA ALA D 224 -22.42 -25.44 -0.05
C ALA D 224 -21.84 -24.57 1.06
N VAL D 225 -21.31 -25.19 2.12
CA VAL D 225 -20.77 -24.43 3.24
C VAL D 225 -19.52 -23.57 2.97
N GLU D 226 -18.35 -24.20 2.88
CA GLU D 226 -17.14 -23.41 2.65
C GLU D 226 -16.41 -23.70 1.34
N ARG D 227 -16.68 -24.87 0.75
CA ARG D 227 -16.03 -25.26 -0.50
C ARG D 227 -16.44 -24.39 -1.69
N ALA D 228 -17.74 -24.22 -1.87
CA ALA D 228 -18.27 -23.43 -2.98
C ALA D 228 -17.65 -22.04 -3.02
N GLN D 229 -17.88 -21.26 -1.95
CA GLN D 229 -17.35 -19.90 -1.88
C GLN D 229 -15.82 -19.82 -1.96
N GLU D 230 -15.12 -20.92 -1.65
CA GLU D 230 -13.67 -20.87 -1.72
C GLU D 230 -13.21 -20.86 -3.18
N ILE D 231 -13.90 -21.63 -4.02
CA ILE D 231 -13.57 -21.68 -5.43
C ILE D 231 -13.67 -20.25 -5.95
N LEU D 232 -14.75 -19.59 -5.54
CA LEU D 232 -15.01 -18.22 -5.94
C LEU D 232 -13.85 -17.31 -5.55
N TYR D 233 -13.20 -17.60 -4.44
CA TYR D 233 -12.07 -16.79 -3.98
C TYR D 233 -10.91 -16.86 -4.97
N VAL D 234 -10.68 -18.06 -5.50
CA VAL D 234 -9.61 -18.24 -6.48
C VAL D 234 -10.02 -17.47 -7.74
N LEU D 235 -11.27 -17.64 -8.12
CA LEU D 235 -11.82 -16.97 -9.30
C LEU D 235 -11.69 -15.45 -9.15
N TYR D 236 -11.63 -14.96 -7.92
CA TYR D 236 -11.52 -13.53 -7.67
C TYR D 236 -10.07 -13.05 -7.68
N THR D 237 -9.24 -13.70 -6.87
CA THR D 237 -7.83 -13.33 -6.77
C THR D 237 -7.01 -13.90 -7.91
N HIS D 238 -7.68 -14.48 -8.90
CA HIS D 238 -6.99 -15.06 -10.05
C HIS D 238 -7.80 -14.99 -11.35
N GLY D 239 -9.08 -14.64 -11.24
CA GLY D 239 -9.93 -14.55 -12.43
C GLY D 239 -9.56 -13.43 -13.38
N HIS D 240 -8.35 -12.89 -13.22
CA HIS D 240 -7.86 -11.80 -14.06
C HIS D 240 -7.33 -12.33 -15.39
N ARG D 241 -6.60 -13.44 -15.32
CA ARG D 241 -6.01 -14.08 -16.49
C ARG D 241 -6.98 -15.08 -17.08
N LEU D 242 -8.26 -14.94 -16.75
CA LEU D 242 -9.27 -15.86 -17.24
C LEU D 242 -10.19 -15.20 -18.25
N PRO D 243 -10.65 -15.98 -19.25
CA PRO D 243 -11.54 -15.52 -20.31
C PRO D 243 -12.96 -15.22 -19.81
N ARG D 244 -13.53 -14.13 -20.33
CA ARG D 244 -14.86 -13.68 -19.96
C ARG D 244 -15.86 -14.84 -20.04
N ALA D 245 -16.16 -15.42 -18.89
CA ALA D 245 -17.09 -16.54 -18.83
C ALA D 245 -17.94 -16.41 -17.57
N PRO D 246 -19.26 -16.19 -17.74
CA PRO D 246 -20.14 -16.05 -16.58
C PRO D 246 -20.02 -17.22 -15.61
N ILE D 247 -19.70 -16.91 -14.37
CA ILE D 247 -19.55 -17.93 -13.33
C ILE D 247 -20.88 -18.09 -12.60
N TYR D 248 -21.49 -19.26 -12.72
CA TYR D 248 -22.77 -19.50 -12.07
C TYR D 248 -22.61 -20.30 -10.78
N LEU D 249 -23.40 -19.94 -9.78
CA LEU D 249 -23.36 -20.63 -8.49
C LEU D 249 -24.73 -21.25 -8.25
N ASP D 250 -25.05 -22.25 -9.05
CA ASP D 250 -26.32 -22.95 -8.96
C ASP D 250 -26.45 -23.69 -7.63
N SER D 251 -26.89 -22.97 -6.60
CA SER D 251 -27.06 -23.56 -5.26
C SER D 251 -27.77 -22.60 -4.32
N PRO D 252 -29.03 -22.91 -3.95
CA PRO D 252 -29.77 -22.02 -3.04
C PRO D 252 -29.04 -21.89 -1.71
N MET D 253 -28.28 -22.92 -1.35
CA MET D 253 -27.54 -22.93 -0.10
C MET D 253 -26.28 -22.06 -0.18
N ALA D 254 -25.35 -22.43 -1.07
CA ALA D 254 -24.11 -21.67 -1.22
C ALA D 254 -24.36 -20.16 -1.24
N GLY D 255 -25.51 -19.77 -1.78
CA GLY D 255 -25.84 -18.36 -1.85
C GLY D 255 -26.07 -17.78 -0.47
N ARG D 256 -26.85 -18.48 0.35
CA ARG D 256 -27.14 -18.03 1.71
C ARG D 256 -25.83 -17.84 2.46
N VAL D 257 -24.95 -18.82 2.35
CA VAL D 257 -23.65 -18.79 2.99
C VAL D 257 -22.80 -17.63 2.47
N LEU D 258 -22.75 -17.48 1.15
CA LEU D 258 -21.97 -16.40 0.54
C LEU D 258 -22.47 -15.07 1.08
N SER D 259 -23.79 -14.95 1.22
CA SER D 259 -24.38 -13.73 1.74
C SER D 259 -23.91 -13.49 3.17
N LEU D 260 -23.65 -14.59 3.87
CA LEU D 260 -23.20 -14.54 5.25
C LEU D 260 -21.73 -14.17 5.43
N TYR D 261 -20.91 -14.47 4.44
CA TYR D 261 -19.48 -14.18 4.56
C TYR D 261 -19.06 -12.78 4.99
N PRO D 262 -19.68 -11.74 4.39
CA PRO D 262 -19.30 -10.36 4.77
C PRO D 262 -19.44 -10.16 6.29
N ARG D 263 -20.38 -10.89 6.89
CA ARG D 263 -20.60 -10.81 8.32
C ARG D 263 -19.55 -11.60 9.12
N LEU D 264 -18.91 -12.55 8.48
CA LEU D 264 -17.90 -13.38 9.15
C LEU D 264 -16.46 -12.97 8.84
N VAL D 265 -16.28 -11.79 8.27
CA VAL D 265 -14.95 -11.31 7.89
C VAL D 265 -13.85 -11.58 8.91
N ARG D 266 -14.18 -11.57 10.19
CA ARG D 266 -13.15 -11.78 11.21
C ARG D 266 -12.71 -13.24 11.33
N TYR D 267 -13.50 -14.14 10.74
CA TYR D 267 -13.20 -15.57 10.79
C TYR D 267 -12.29 -16.08 9.67
N PHE D 268 -11.80 -15.19 8.81
CA PHE D 268 -10.94 -15.59 7.71
C PHE D 268 -9.47 -15.23 7.96
N SER D 269 -8.62 -15.58 7.00
CA SER D 269 -7.19 -15.29 7.10
C SER D 269 -6.94 -13.80 7.02
N GLU D 270 -5.74 -13.38 7.41
CA GLU D 270 -5.36 -11.98 7.35
C GLU D 270 -5.51 -11.52 5.91
N GLU D 271 -5.06 -12.36 4.97
CA GLU D 271 -5.14 -12.04 3.55
C GLU D 271 -6.55 -11.66 3.12
N VAL D 272 -7.51 -12.51 3.44
CA VAL D 272 -8.90 -12.24 3.09
C VAL D 272 -9.40 -11.03 3.89
N GLN D 273 -8.92 -10.87 5.12
CA GLN D 273 -9.34 -9.74 5.93
C GLN D 273 -8.77 -8.42 5.40
N ALA D 274 -7.55 -8.48 4.86
CA ALA D 274 -6.93 -7.29 4.30
C ALA D 274 -7.77 -6.85 3.10
N HIS D 275 -8.29 -7.83 2.36
CA HIS D 275 -9.10 -7.54 1.18
C HIS D 275 -10.38 -6.78 1.55
N PHE D 276 -11.15 -7.33 2.48
CA PHE D 276 -12.39 -6.70 2.91
C PHE D 276 -12.12 -5.29 3.45
N LEU D 277 -10.96 -5.12 4.09
CA LEU D 277 -10.59 -3.83 4.66
C LEU D 277 -10.53 -2.77 3.57
N GLN D 278 -10.28 -3.21 2.35
CA GLN D 278 -10.20 -2.31 1.21
C GLN D 278 -11.55 -2.21 0.52
N GLY D 279 -12.60 -2.54 1.27
CA GLY D 279 -13.96 -2.47 0.75
C GLY D 279 -14.23 -3.34 -0.47
N LYS D 280 -13.50 -4.44 -0.58
CA LYS D 280 -13.68 -5.35 -1.72
C LYS D 280 -13.99 -6.77 -1.25
N ASN D 281 -15.04 -7.36 -1.80
CA ASN D 281 -15.45 -8.71 -1.44
C ASN D 281 -14.70 -9.73 -2.31
N PRO D 282 -13.61 -10.31 -1.78
CA PRO D 282 -12.84 -11.29 -2.56
C PRO D 282 -13.58 -12.60 -2.82
N PHE D 283 -14.86 -12.64 -2.48
CA PHE D 283 -15.65 -13.84 -2.70
C PHE D 283 -16.70 -13.60 -3.77
N ARG D 284 -16.52 -12.50 -4.51
CA ARG D 284 -17.43 -12.13 -5.57
C ARG D 284 -16.62 -11.81 -6.83
N PRO D 285 -16.07 -12.85 -7.49
CA PRO D 285 -15.27 -12.66 -8.71
C PRO D 285 -16.11 -12.09 -9.85
N ALA D 286 -15.48 -11.27 -10.69
CA ALA D 286 -16.15 -10.65 -11.82
C ALA D 286 -17.00 -11.64 -12.62
N GLY D 287 -18.25 -11.27 -12.89
CA GLY D 287 -19.13 -12.12 -13.66
C GLY D 287 -19.91 -13.15 -12.87
N LEU D 288 -19.70 -13.18 -11.55
CA LEU D 288 -20.40 -14.13 -10.69
C LEU D 288 -21.90 -14.06 -10.89
N GLU D 289 -22.56 -15.21 -10.77
CA GLU D 289 -24.01 -15.29 -10.94
C GLU D 289 -24.55 -16.37 -9.99
N VAL D 290 -25.60 -16.06 -9.26
CA VAL D 290 -26.19 -17.03 -8.34
C VAL D 290 -27.57 -17.49 -8.80
N VAL D 291 -27.70 -18.79 -9.04
CA VAL D 291 -28.96 -19.36 -9.49
C VAL D 291 -29.91 -19.64 -8.32
N GLU D 292 -31.14 -19.15 -8.43
CA GLU D 292 -32.13 -19.34 -7.38
C GLU D 292 -33.14 -20.45 -7.65
N HIS D 293 -33.90 -20.33 -8.73
CA HIS D 293 -34.92 -21.33 -9.05
C HIS D 293 -34.41 -22.45 -9.94
N THR D 294 -35.29 -23.43 -10.18
CA THR D 294 -34.98 -24.58 -11.01
C THR D 294 -34.91 -24.23 -12.49
N GLU D 295 -35.96 -23.57 -12.97
CA GLU D 295 -36.06 -23.16 -14.37
C GLU D 295 -34.79 -22.53 -14.91
N ALA D 296 -34.28 -21.51 -14.21
CA ALA D 296 -33.06 -20.82 -14.64
C ALA D 296 -31.87 -21.78 -14.71
N SER D 297 -31.90 -22.81 -13.87
CA SER D 297 -30.82 -23.80 -13.85
C SER D 297 -30.92 -24.70 -15.07
N LYS D 298 -32.10 -25.27 -15.27
CA LYS D 298 -32.35 -26.15 -16.40
C LYS D 298 -32.02 -25.46 -17.72
N ALA D 299 -31.99 -24.13 -17.70
CA ALA D 299 -31.68 -23.33 -18.88
C ALA D 299 -30.18 -23.29 -19.14
N LEU D 300 -29.39 -23.58 -18.10
CA LEU D 300 -27.93 -23.58 -18.24
C LEU D 300 -27.46 -24.91 -18.81
N ASN D 301 -28.39 -25.85 -18.94
CA ASN D 301 -28.09 -27.16 -19.48
C ASN D 301 -28.16 -27.16 -21.00
N ARG D 302 -29.05 -26.33 -21.55
CA ARG D 302 -29.22 -26.24 -23.00
C ARG D 302 -28.34 -25.15 -23.56
N ALA D 303 -28.29 -24.00 -22.88
CA ALA D 303 -27.49 -22.88 -23.33
C ALA D 303 -26.02 -23.30 -23.45
N PRO D 304 -25.33 -22.82 -24.50
CA PRO D 304 -23.92 -23.14 -24.73
C PRO D 304 -22.98 -22.31 -23.87
N GLY D 305 -21.73 -22.76 -23.76
CA GLY D 305 -20.75 -22.04 -22.98
C GLY D 305 -20.13 -20.94 -23.82
N PRO D 306 -18.93 -20.46 -23.46
CA PRO D 306 -18.15 -20.89 -22.29
C PRO D 306 -18.75 -20.42 -20.96
N MET D 307 -18.52 -21.20 -19.90
CA MET D 307 -19.03 -20.85 -18.58
C MET D 307 -18.52 -21.82 -17.52
N VAL D 308 -18.55 -21.37 -16.26
CA VAL D 308 -18.13 -22.18 -15.12
C VAL D 308 -19.33 -22.32 -14.20
N VAL D 309 -19.62 -23.55 -13.78
CA VAL D 309 -20.76 -23.79 -12.91
C VAL D 309 -20.37 -24.43 -11.58
N LEU D 310 -21.21 -24.19 -10.57
CA LEU D 310 -21.02 -24.74 -9.23
C LEU D 310 -22.40 -25.13 -8.70
N ALA D 311 -22.56 -26.40 -8.34
CA ALA D 311 -23.84 -26.87 -7.82
C ALA D 311 -23.68 -28.12 -6.96
N GLY D 312 -24.65 -28.35 -6.09
CA GLY D 312 -24.61 -29.51 -5.23
C GLY D 312 -25.61 -30.55 -5.69
N SER D 313 -25.68 -31.72 -5.06
CA SER D 313 -24.84 -32.07 -3.90
C SER D 313 -23.36 -32.19 -4.24
N GLY D 314 -22.51 -32.13 -3.21
CA GLY D 314 -21.09 -32.22 -3.40
C GLY D 314 -20.57 -33.62 -3.64
N MET D 315 -21.44 -34.61 -3.49
CA MET D 315 -21.05 -36.00 -3.70
C MET D 315 -22.02 -36.74 -4.60
N LEU D 316 -22.60 -36.01 -5.55
CA LEU D 316 -23.54 -36.55 -6.51
C LEU D 316 -24.56 -37.53 -5.93
N ALA D 317 -24.84 -37.42 -4.64
CA ALA D 317 -25.81 -38.29 -4.01
C ALA D 317 -27.19 -37.82 -4.46
N GLY D 318 -27.20 -36.69 -5.14
CA GLY D 318 -28.43 -36.11 -5.65
C GLY D 318 -28.30 -34.61 -5.76
N GLY D 319 -29.31 -33.95 -6.31
CA GLY D 319 -29.25 -32.50 -6.44
C GLY D 319 -29.32 -31.96 -7.85
N ARG D 320 -29.32 -30.64 -7.96
CA ARG D 320 -29.38 -29.95 -9.23
C ARG D 320 -28.03 -30.04 -9.92
N ILE D 321 -27.20 -30.96 -9.43
CA ILE D 321 -25.86 -31.19 -9.98
C ILE D 321 -25.95 -32.37 -10.95
N LEU D 322 -26.92 -33.25 -10.69
CA LEU D 322 -27.14 -34.42 -11.52
C LEU D 322 -27.76 -34.03 -12.85
N HIS D 323 -28.08 -32.75 -12.99
CA HIS D 323 -28.67 -32.23 -14.21
C HIS D 323 -27.63 -31.49 -15.05
N HIS D 324 -26.60 -30.96 -14.38
CA HIS D 324 -25.53 -30.26 -15.09
C HIS D 324 -24.55 -31.24 -15.70
N LEU D 325 -24.38 -32.39 -15.05
CA LEU D 325 -23.47 -33.42 -15.54
C LEU D 325 -24.17 -34.41 -16.46
N LYS D 326 -25.50 -34.42 -16.45
CA LYS D 326 -26.26 -35.35 -17.28
C LYS D 326 -26.40 -34.83 -18.71
N HIS D 327 -25.79 -33.68 -18.99
CA HIS D 327 -25.85 -33.09 -20.33
C HIS D 327 -24.55 -32.38 -20.68
N GLY D 328 -23.46 -32.78 -20.04
CA GLY D 328 -22.18 -32.14 -20.31
C GLY D 328 -21.00 -33.09 -20.32
N LEU D 329 -21.22 -34.32 -19.87
CA LEU D 329 -20.16 -35.32 -19.83
C LEU D 329 -19.98 -36.00 -21.19
N SER D 330 -20.93 -35.73 -22.10
CA SER D 330 -20.89 -36.31 -23.43
C SER D 330 -20.25 -35.38 -24.46
N ASP D 331 -19.69 -34.27 -23.98
CA ASP D 331 -19.05 -33.30 -24.87
C ASP D 331 -17.59 -33.09 -24.44
N PRO D 332 -16.65 -33.30 -25.36
CA PRO D 332 -15.21 -33.15 -25.10
C PRO D 332 -14.72 -31.73 -24.79
N ARG D 333 -15.56 -30.72 -25.07
CA ARG D 333 -15.19 -29.34 -24.81
C ARG D 333 -15.43 -28.95 -23.36
N ASN D 334 -16.08 -29.83 -22.61
CA ASN D 334 -16.38 -29.57 -21.21
C ASN D 334 -15.28 -30.16 -20.31
N ALA D 335 -15.34 -29.81 -19.03
CA ALA D 335 -14.38 -30.29 -18.05
C ALA D 335 -15.01 -30.33 -16.66
N LEU D 336 -15.32 -31.53 -16.18
CA LEU D 336 -15.91 -31.69 -14.86
C LEU D 336 -14.77 -31.72 -13.85
N VAL D 337 -14.65 -30.65 -13.06
CA VAL D 337 -13.59 -30.56 -12.07
C VAL D 337 -14.08 -30.83 -10.66
N PHE D 338 -13.51 -31.87 -10.05
CA PHE D 338 -13.85 -32.24 -8.68
C PHE D 338 -12.95 -31.45 -7.72
N VAL D 339 -13.58 -30.77 -6.78
CA VAL D 339 -12.84 -29.97 -5.81
C VAL D 339 -12.76 -30.69 -4.46
N GLY D 340 -13.67 -31.64 -4.24
CA GLY D 340 -13.69 -32.38 -3.00
C GLY D 340 -13.54 -33.88 -3.18
N TYR D 341 -13.39 -34.58 -2.06
CA TYR D 341 -13.24 -36.04 -2.07
C TYR D 341 -14.54 -36.73 -2.45
N GLN D 342 -14.41 -37.84 -3.17
CA GLN D 342 -15.56 -38.61 -3.59
C GLN D 342 -15.54 -40.00 -2.97
N PRO D 343 -16.63 -40.40 -2.29
CA PRO D 343 -16.74 -41.69 -1.63
C PRO D 343 -16.77 -42.87 -2.61
N GLN D 344 -16.12 -43.96 -2.21
CA GLN D 344 -16.07 -45.15 -3.04
C GLN D 344 -17.42 -45.84 -2.96
N GLY D 345 -17.90 -46.31 -4.11
CA GLY D 345 -19.20 -46.97 -4.15
C GLY D 345 -20.27 -45.99 -4.60
N GLY D 346 -19.82 -44.80 -4.99
CA GLY D 346 -20.75 -43.77 -5.44
C GLY D 346 -20.46 -43.31 -6.86
N LEU D 347 -21.44 -42.64 -7.46
CA LEU D 347 -21.30 -42.13 -8.82
C LEU D 347 -20.06 -41.25 -8.98
N GLY D 348 -19.48 -40.83 -7.86
CA GLY D 348 -18.30 -39.99 -7.92
C GLY D 348 -17.10 -40.78 -8.41
N ALA D 349 -16.94 -41.98 -7.89
CA ALA D 349 -15.83 -42.84 -8.29
C ALA D 349 -16.11 -43.48 -9.64
N GLU D 350 -17.37 -43.86 -9.86
CA GLU D 350 -17.76 -44.48 -11.12
C GLU D 350 -17.43 -43.61 -12.31
N ILE D 351 -17.29 -42.30 -12.09
CA ILE D 351 -16.95 -41.37 -13.15
C ILE D 351 -15.44 -41.23 -13.27
N ILE D 352 -14.74 -41.49 -12.17
CA ILE D 352 -13.28 -41.41 -12.16
C ILE D 352 -12.78 -42.73 -12.72
N ALA D 353 -13.67 -43.72 -12.73
CA ALA D 353 -13.34 -45.05 -13.25
C ALA D 353 -13.18 -44.96 -14.77
N ARG D 354 -13.43 -43.77 -15.31
CA ARG D 354 -13.33 -43.51 -16.74
C ARG D 354 -13.92 -44.61 -17.64
N PRO D 355 -15.12 -45.10 -17.31
CA PRO D 355 -15.73 -46.14 -18.14
C PRO D 355 -16.32 -45.53 -19.41
N PRO D 356 -16.90 -46.35 -20.29
CA PRO D 356 -17.48 -45.82 -21.52
C PRO D 356 -18.61 -44.82 -21.26
N ALA D 357 -19.67 -45.28 -20.59
CA ALA D 357 -20.80 -44.44 -20.26
C ALA D 357 -21.08 -44.52 -18.77
N VAL D 358 -21.94 -43.63 -18.27
CA VAL D 358 -22.28 -43.61 -16.85
C VAL D 358 -23.78 -43.48 -16.63
N ARG D 359 -24.31 -44.20 -15.65
CA ARG D 359 -25.74 -44.15 -15.35
C ARG D 359 -26.03 -42.92 -14.49
N ILE D 360 -26.72 -41.95 -15.08
CA ILE D 360 -27.08 -40.71 -14.41
C ILE D 360 -28.59 -40.50 -14.46
N LEU D 361 -29.27 -40.87 -13.38
CA LEU D 361 -30.73 -40.74 -13.30
C LEU D 361 -31.43 -41.76 -14.18
N GLY D 362 -31.05 -43.02 -14.04
CA GLY D 362 -31.65 -44.08 -14.84
C GLY D 362 -31.38 -43.94 -16.32
N GLU D 363 -30.22 -43.40 -16.69
CA GLU D 363 -29.87 -43.21 -18.09
C GLU D 363 -28.35 -43.20 -18.31
N GLU D 364 -27.91 -43.84 -19.39
CA GLU D 364 -26.48 -43.90 -19.71
C GLU D 364 -26.03 -42.72 -20.57
N VAL D 365 -24.81 -42.25 -20.31
CA VAL D 365 -24.25 -41.12 -21.06
C VAL D 365 -22.77 -41.29 -21.37
N PRO D 366 -22.38 -41.00 -22.62
CA PRO D 366 -20.98 -41.12 -23.09
C PRO D 366 -20.05 -40.19 -22.32
N LEU D 367 -18.94 -40.72 -21.83
CA LEU D 367 -17.97 -39.92 -21.09
C LEU D 367 -16.90 -39.34 -22.01
N ARG D 368 -17.17 -38.16 -22.55
CA ARG D 368 -16.23 -37.49 -23.44
C ARG D 368 -15.69 -36.22 -22.77
N ALA D 369 -16.31 -35.83 -21.66
CA ALA D 369 -15.91 -34.63 -20.93
C ALA D 369 -14.62 -34.86 -20.14
N SER D 370 -13.68 -33.94 -20.28
CA SER D 370 -12.40 -34.04 -19.58
C SER D 370 -12.57 -33.92 -18.06
N VAL D 371 -12.74 -35.06 -17.40
CA VAL D 371 -12.91 -35.09 -15.96
C VAL D 371 -11.58 -34.78 -15.26
N HIS D 372 -11.66 -34.05 -14.14
CA HIS D 372 -10.47 -33.67 -13.38
C HIS D 372 -10.67 -33.81 -11.88
N THR D 373 -9.71 -34.46 -11.20
CA THR D 373 -9.79 -34.66 -9.75
C THR D 373 -8.72 -33.83 -9.05
N LEU D 374 -9.16 -32.78 -8.34
CA LEU D 374 -8.24 -31.90 -7.62
C LEU D 374 -8.35 -32.08 -6.12
N GLY D 375 -7.34 -32.71 -5.53
CA GLY D 375 -7.34 -32.95 -4.10
C GLY D 375 -6.61 -31.87 -3.32
N GLY D 376 -6.32 -30.76 -3.99
CA GLY D 376 -5.62 -29.67 -3.31
C GLY D 376 -6.61 -28.83 -2.54
N PHE D 377 -7.86 -28.86 -2.97
CA PHE D 377 -8.94 -28.10 -2.35
C PHE D 377 -9.60 -28.86 -1.20
N SER D 378 -8.80 -29.62 -0.47
CA SER D 378 -9.31 -30.41 0.65
C SER D 378 -9.48 -29.58 1.92
N GLY D 379 -10.63 -29.74 2.58
CA GLY D 379 -10.90 -29.01 3.80
C GLY D 379 -10.15 -29.55 5.01
N HIS D 380 -9.80 -30.82 4.98
CA HIS D 380 -9.08 -31.47 6.08
C HIS D 380 -7.57 -31.36 5.93
N ALA D 381 -6.86 -31.35 7.07
CA ALA D 381 -5.41 -31.27 7.07
C ALA D 381 -4.81 -32.57 6.57
N GLY D 382 -3.75 -32.45 5.77
CA GLY D 382 -3.09 -33.64 5.24
C GLY D 382 -2.26 -34.33 6.31
N GLN D 383 -1.88 -35.56 6.01
CA GLN D 383 -1.08 -36.38 6.92
C GLN D 383 0.05 -35.59 7.58
N ASP D 384 0.87 -34.97 6.74
CA ASP D 384 2.00 -34.17 7.25
C ASP D 384 1.54 -33.12 8.26
N GLU D 385 0.50 -32.37 7.89
CA GLU D 385 -0.04 -31.34 8.76
C GLU D 385 -0.53 -31.97 10.06
N LEU D 386 -1.07 -33.18 9.96
CA LEU D 386 -1.54 -33.91 11.14
C LEU D 386 -0.35 -34.23 12.05
N LEU D 387 0.73 -34.74 11.45
CA LEU D 387 1.92 -35.06 12.22
C LEU D 387 2.46 -33.82 12.91
N ASP D 388 2.41 -32.69 12.23
CA ASP D 388 2.90 -31.45 12.79
C ASP D 388 2.04 -31.02 13.97
N TRP D 389 0.73 -31.06 13.77
CA TRP D 389 -0.21 -30.66 14.81
C TRP D 389 -0.03 -31.47 16.10
N LEU D 390 0.05 -32.79 15.98
CA LEU D 390 0.20 -33.67 17.14
C LEU D 390 1.60 -33.72 17.72
N GLN D 391 2.56 -33.14 17.02
CA GLN D 391 3.94 -33.15 17.46
C GLN D 391 4.10 -32.75 18.93
N GLY D 392 4.82 -33.58 19.68
CA GLY D 392 5.07 -33.32 21.08
C GLY D 392 4.07 -33.89 22.07
N GLU D 393 2.88 -34.22 21.59
CA GLU D 393 1.86 -34.78 22.47
C GLU D 393 2.18 -36.20 22.93
N PRO D 394 2.21 -36.41 24.26
CA PRO D 394 2.50 -37.72 24.84
C PRO D 394 1.50 -38.83 24.51
N ARG D 395 0.20 -38.53 24.58
CA ARG D 395 -0.80 -39.56 24.27
C ARG D 395 -1.84 -39.06 23.28
N VAL D 396 -2.10 -39.86 22.26
CA VAL D 396 -3.05 -39.52 21.22
C VAL D 396 -4.01 -40.66 20.87
N VAL D 397 -5.30 -40.39 21.00
CA VAL D 397 -6.33 -41.36 20.65
C VAL D 397 -6.90 -40.84 19.32
N LEU D 398 -6.95 -41.70 18.31
CA LEU D 398 -7.44 -41.30 17.01
C LEU D 398 -8.91 -41.60 16.78
N VAL D 399 -9.56 -40.72 16.02
CA VAL D 399 -10.97 -40.84 15.69
C VAL D 399 -11.21 -40.17 14.34
N HIS D 400 -12.45 -40.18 13.88
CA HIS D 400 -12.80 -39.53 12.63
C HIS D 400 -11.95 -39.98 11.45
N GLY D 401 -12.25 -41.17 10.93
CA GLY D 401 -11.49 -41.68 9.79
C GLY D 401 -11.62 -43.17 9.60
N GLU D 402 -11.26 -43.63 8.40
CA GLU D 402 -11.31 -45.05 8.10
C GLU D 402 -10.17 -45.72 8.85
N GLU D 403 -10.50 -46.79 9.58
CA GLU D 403 -9.51 -47.51 10.39
C GLU D 403 -8.13 -47.68 9.75
N GLU D 404 -8.08 -48.16 8.52
CA GLU D 404 -6.79 -48.36 7.84
C GLU D 404 -5.94 -47.10 7.94
N LYS D 405 -6.51 -45.99 7.51
CA LYS D 405 -5.84 -44.69 7.52
C LYS D 405 -5.49 -44.21 8.92
N LEU D 406 -6.29 -44.59 9.91
CA LEU D 406 -6.00 -44.20 11.28
C LEU D 406 -4.75 -44.93 11.78
N LEU D 407 -4.64 -46.22 11.46
CA LEU D 407 -3.48 -47.00 11.85
C LEU D 407 -2.26 -46.44 11.16
N ALA D 408 -2.44 -46.05 9.90
CA ALA D 408 -1.37 -45.48 9.11
C ALA D 408 -0.75 -44.30 9.87
N LEU D 409 -1.57 -43.31 10.16
CA LEU D 409 -1.12 -42.13 10.90
C LEU D 409 -0.57 -42.60 12.25
N GLY D 410 -1.25 -43.58 12.85
CA GLY D 410 -0.83 -44.11 14.13
C GLY D 410 0.58 -44.66 14.13
N LYS D 411 0.92 -45.42 13.10
CA LYS D 411 2.25 -46.01 13.00
C LYS D 411 3.30 -44.89 12.97
N LEU D 412 3.07 -43.87 12.15
CA LEU D 412 4.00 -42.74 12.05
C LEU D 412 4.18 -42.06 13.41
N LEU D 413 3.09 -41.97 14.16
CA LEU D 413 3.11 -41.34 15.49
C LEU D 413 3.88 -42.21 16.47
N ALA D 414 3.60 -43.51 16.47
CA ALA D 414 4.26 -44.46 17.36
C ALA D 414 5.77 -44.40 17.20
N LEU D 415 6.23 -44.39 15.95
CA LEU D 415 7.67 -44.34 15.67
C LEU D 415 8.31 -43.06 16.18
N ARG D 416 7.51 -42.02 16.35
CA ARG D 416 8.01 -40.75 16.84
C ARG D 416 8.10 -40.76 18.36
N GLY D 417 7.61 -41.82 18.98
CA GLY D 417 7.65 -41.94 20.43
C GLY D 417 6.35 -41.61 21.13
N GLN D 418 5.30 -41.37 20.36
CA GLN D 418 4.00 -41.03 20.92
C GLN D 418 3.09 -42.23 21.10
N GLU D 419 2.34 -42.24 22.20
CA GLU D 419 1.41 -43.32 22.50
C GLU D 419 0.13 -43.17 21.67
N VAL D 420 0.09 -43.82 20.52
CA VAL D 420 -1.10 -43.76 19.68
C VAL D 420 -2.01 -44.94 19.97
N SER D 421 -3.29 -44.78 19.66
CA SER D 421 -4.29 -45.83 19.86
C SER D 421 -5.59 -45.30 19.30
N LEU D 422 -6.36 -46.17 18.67
CA LEU D 422 -7.63 -45.77 18.08
C LEU D 422 -8.73 -45.81 19.12
N ALA D 423 -9.78 -45.04 18.90
CA ALA D 423 -10.88 -45.01 19.85
C ALA D 423 -11.90 -46.08 19.52
N ARG D 424 -12.63 -46.53 20.54
CA ARG D 424 -13.66 -47.55 20.37
C ARG D 424 -14.98 -47.02 20.90
N PHE D 425 -16.03 -47.20 20.11
CA PHE D 425 -17.36 -46.73 20.51
C PHE D 425 -17.69 -47.13 21.96
N GLY D 426 -18.16 -46.17 22.74
CA GLY D 426 -18.54 -46.43 24.12
C GLY D 426 -17.43 -46.75 25.11
N GLU D 427 -16.20 -46.86 24.63
CA GLU D 427 -15.09 -47.16 25.52
C GLU D 427 -14.38 -45.89 25.98
N GLY D 428 -14.67 -45.50 27.22
CA GLY D 428 -14.07 -44.30 27.78
C GLY D 428 -12.56 -44.37 27.88
N VAL D 429 -11.91 -43.25 27.60
CA VAL D 429 -10.45 -43.17 27.67
C VAL D 429 -10.06 -42.16 28.75
N PRO D 430 -9.27 -42.60 29.74
CA PRO D 430 -8.86 -41.69 30.81
C PRO D 430 -7.96 -40.56 30.29
N VAL D 431 -8.05 -39.41 30.95
CA VAL D 431 -7.25 -38.24 30.57
C VAL D 431 -6.06 -38.10 31.51
#